data_7XGD
#
_entry.id   7XGD
#
_cell.length_a   1.00
_cell.length_b   1.00
_cell.length_c   1.00
_cell.angle_alpha   90.00
_cell.angle_beta   90.00
_cell.angle_gamma   90.00
#
_symmetry.space_group_name_H-M   'P 1'
#
loop_
_entity.id
_entity.type
_entity.pdbx_description
1 polymer 'Insulin-like growth factor 1 receptor'
2 non-polymer 2-acetamido-2-deoxy-beta-D-glucopyranose
#
_entity_poly.entity_id   1
_entity_poly.type   'polypeptide(L)'
_entity_poly.pdbx_seq_one_letter_code
;EICGPGIDIRNDYQQLKRLENCTVIEGYLHILLISKAEDYRSYRFPKLTVITEYLLLFRVAGLESLGDLFPNLTVIRGWK
LFYNYALVIFEMTNLKDIGLYNLRNITRGAIRIEKNADLCYLSTVDWSLILDAVSNNYIVGNKPPKECGDLCPGTMEEKP
MCEKTTINNEYNYRCWTTNRCQKMCPSTCGKRACTENNECCHPECLGSCSAPDNDTACVACRHYYYAGVCVPACPPNTYR
FEGWRCVDRDFCANILSAESSDSEGFVIHDGECMQECPSGFIRNGSQSMYCIPCEGPCPKVCEEEKKTKTIDSVTSAQML
QGCTIFKGNLLINIRRGNNIASELENFMGLIEVVTGYVKIRHSHALVSLSFLKNLRLILGEEQLEGNYSFYVLDNQNLQQ
LWDWDHRNLTIKAGKMYFAFNPKLCVSEIYRMEEVTGTKGRQSKGDINTRNNGERASCESDVLHFTSTTTSKNRIIITWH
RYRPPDYRDLISFTVYYKEAPFKNVTEYDGQDACGSNSWNMVDVDLPPNKDVEPGILLHGLKPWTQYAVYVKAVTLTMVE
NDHIRGAKSEILYIRTNASVPSIPLDVLSASNSSSQLIVKWNPPSLPNGNLSYYIVRWQRQPQDGYLYRHNYCSKDKIPI
RKYADGTIDIEEVTENPKTEVCGGEKGPCCACPKTEAEKQAEKEEAEYRKVFENFLHNSIFVPRPERKRRDVMQVANTTM
SSRSRNTTAADTYNITDPEELETEYPFFESRVDNKERTVISNLRPFTLYRIDIHSCNHEAEKLGCSASNFVFARTMPAEG
ADDIPGPVTWEPRPENSIFLKWPEPENPNGLILMYEIKYGSQVEDQRECVSRQEYRKYGGAKLNRLNPGNYTARIQATSL
SGNGSWTDPVFFYVQAK
;
_entity_poly.pdbx_strand_id   A,B
#
# COMPACT_ATOMS: atom_id res chain seq x y z
N GLU A 1 5.11 -48.86 -35.79
CA GLU A 1 4.42 -48.85 -34.47
C GLU A 1 4.55 -47.50 -33.78
N ILE A 2 5.19 -46.54 -34.44
CA ILE A 2 5.43 -45.23 -33.86
C ILE A 2 4.20 -44.36 -34.06
N CYS A 3 3.31 -44.36 -33.08
CA CYS A 3 2.11 -43.54 -33.15
C CYS A 3 2.44 -42.09 -32.83
N GLY A 4 1.95 -41.19 -33.68
CA GLY A 4 2.18 -39.78 -33.50
C GLY A 4 1.11 -38.95 -34.20
N PRO A 5 0.88 -37.72 -33.73
CA PRO A 5 1.49 -37.08 -32.56
C PRO A 5 0.95 -37.64 -31.24
N GLY A 6 1.07 -36.87 -30.17
CA GLY A 6 0.50 -37.27 -28.89
C GLY A 6 -0.93 -37.73 -29.05
N ILE A 7 -1.39 -38.61 -28.16
CA ILE A 7 -2.68 -39.27 -28.28
C ILE A 7 -3.62 -38.69 -27.22
N ASP A 8 -4.90 -38.53 -27.59
CA ASP A 8 -5.90 -37.97 -26.71
C ASP A 8 -7.10 -38.92 -26.64
N ILE A 9 -7.55 -39.23 -25.43
CA ILE A 9 -8.65 -40.16 -25.20
C ILE A 9 -9.47 -39.67 -24.02
N ARG A 10 -10.78 -39.59 -24.22
CA ARG A 10 -11.68 -39.05 -23.21
C ARG A 10 -13.06 -39.67 -23.35
N ASN A 11 -13.82 -39.61 -22.26
CA ASN A 11 -15.27 -39.85 -22.24
C ASN A 11 -15.67 -41.31 -22.42
N ASP A 12 -14.73 -42.21 -22.74
CA ASP A 12 -15.13 -43.60 -22.92
C ASP A 12 -13.90 -44.46 -23.12
N TYR A 13 -14.07 -45.77 -22.88
CA TYR A 13 -12.98 -46.72 -22.96
C TYR A 13 -12.61 -47.09 -24.40
N GLN A 14 -13.59 -47.22 -25.29
CA GLN A 14 -13.32 -47.79 -26.61
C GLN A 14 -12.27 -47.02 -27.38
N GLN A 15 -12.06 -45.73 -27.07
CA GLN A 15 -10.97 -45.01 -27.72
C GLN A 15 -9.62 -45.66 -27.42
N LEU A 16 -9.51 -46.43 -26.34
CA LEU A 16 -8.30 -47.17 -26.06
C LEU A 16 -7.90 -48.07 -27.22
N LYS A 17 -8.85 -48.45 -28.06
CA LYS A 17 -8.58 -49.25 -29.24
C LYS A 17 -7.69 -48.54 -30.25
N ARG A 18 -7.24 -47.32 -30.00
CA ARG A 18 -6.28 -46.64 -30.85
C ARG A 18 -4.86 -46.77 -30.36
N LEU A 19 -4.54 -47.85 -29.64
CA LEU A 19 -3.24 -48.02 -29.00
C LEU A 19 -2.64 -49.40 -29.19
N GLU A 20 -3.25 -50.26 -30.01
CA GLU A 20 -2.71 -51.59 -30.21
C GLU A 20 -1.34 -51.55 -30.85
N ASN A 21 -1.16 -50.70 -31.86
CA ASN A 21 0.07 -50.65 -32.63
C ASN A 21 1.07 -49.62 -32.12
N CYS A 22 0.76 -48.94 -31.02
CA CYS A 22 1.60 -47.84 -30.52
C CYS A 22 2.58 -48.40 -29.49
N THR A 23 3.87 -48.37 -29.83
CA THR A 23 4.94 -48.80 -28.94
C THR A 23 5.60 -47.63 -28.22
N VAL A 24 5.99 -46.61 -28.96
CA VAL A 24 6.55 -45.38 -28.39
C VAL A 24 5.70 -44.22 -28.89
N ILE A 25 4.82 -43.72 -28.03
CA ILE A 25 3.93 -42.62 -28.40
C ILE A 25 4.79 -41.39 -28.60
N GLU A 26 4.96 -40.97 -29.86
CA GLU A 26 5.78 -39.81 -30.19
C GLU A 26 4.94 -38.56 -29.93
N GLY A 27 4.94 -38.16 -28.67
CA GLY A 27 4.17 -37.02 -28.21
C GLY A 27 3.82 -37.21 -26.75
N TYR A 28 2.70 -36.60 -26.36
CA TYR A 28 2.14 -36.78 -25.04
C TYR A 28 0.97 -37.77 -25.11
N LEU A 29 0.38 -38.05 -23.95
CA LEU A 29 -0.80 -38.89 -23.90
C LEU A 29 -1.76 -38.35 -22.86
N HIS A 30 -3.01 -38.19 -23.24
CA HIS A 30 -4.10 -37.85 -22.34
C HIS A 30 -5.04 -39.06 -22.30
N ILE A 31 -5.16 -39.66 -21.12
CA ILE A 31 -6.22 -40.65 -20.88
C ILE A 31 -7.06 -40.11 -19.74
N LEU A 32 -8.11 -39.36 -20.08
CA LEU A 32 -8.78 -38.56 -19.08
C LEU A 32 -10.29 -38.65 -19.27
N LEU A 33 -11.02 -38.06 -18.32
CA LEU A 33 -12.44 -37.78 -18.50
C LEU A 33 -13.23 -39.04 -18.83
N ILE A 34 -12.77 -40.19 -18.35
CA ILE A 34 -13.46 -41.46 -18.56
C ILE A 34 -14.33 -41.70 -17.33
N SER A 35 -15.58 -41.25 -17.38
CA SER A 35 -16.48 -41.36 -16.25
C SER A 35 -17.36 -42.60 -16.30
N LYS A 36 -17.47 -43.25 -17.47
CA LYS A 36 -18.40 -44.36 -17.61
C LYS A 36 -18.03 -45.52 -16.70
N ALA A 37 -16.75 -45.86 -16.62
CA ALA A 37 -16.29 -47.05 -15.90
C ALA A 37 -16.92 -48.31 -16.47
N GLU A 38 -17.21 -48.29 -17.78
CA GLU A 38 -17.97 -49.38 -18.39
C GLU A 38 -17.21 -50.70 -18.34
N ASP A 39 -15.94 -50.69 -18.73
CA ASP A 39 -15.19 -51.92 -18.96
C ASP A 39 -14.11 -52.09 -17.89
N TYR A 40 -13.31 -53.13 -18.08
CA TYR A 40 -12.20 -53.46 -17.18
C TYR A 40 -11.10 -54.09 -18.04
N ARG A 41 -10.22 -54.89 -17.43
CA ARG A 41 -8.96 -55.23 -18.06
C ARG A 41 -9.19 -56.10 -19.29
N SER A 42 -9.82 -55.53 -20.31
CA SER A 42 -9.90 -56.13 -21.63
C SER A 42 -9.03 -55.40 -22.65
N TYR A 43 -8.71 -54.14 -22.40
CA TYR A 43 -7.76 -53.40 -23.21
C TYR A 43 -6.39 -53.51 -22.56
N ARG A 44 -5.46 -54.16 -23.26
CA ARG A 44 -4.09 -54.29 -22.78
C ARG A 44 -3.13 -53.98 -23.93
N PHE A 45 -2.08 -53.22 -23.63
CA PHE A 45 -1.17 -52.70 -24.65
C PHE A 45 0.27 -52.95 -24.21
N PRO A 46 0.72 -54.20 -24.24
CA PRO A 46 2.11 -54.48 -23.87
C PRO A 46 3.12 -53.76 -24.74
N LYS A 47 2.74 -53.41 -25.97
CA LYS A 47 3.68 -52.77 -26.89
C LYS A 47 4.15 -51.43 -26.35
N LEU A 48 3.23 -50.64 -25.80
CA LEU A 48 3.60 -49.30 -25.32
C LEU A 48 4.73 -49.40 -24.31
N THR A 49 5.80 -48.65 -24.56
CA THR A 49 7.02 -48.82 -23.78
C THR A 49 7.57 -47.48 -23.28
N VAL A 50 7.34 -46.41 -24.05
CA VAL A 50 7.89 -45.10 -23.73
C VAL A 50 6.97 -44.02 -24.28
N ILE A 51 6.87 -42.91 -23.56
CA ILE A 51 6.17 -41.71 -24.01
C ILE A 51 7.20 -40.59 -24.16
N THR A 52 7.22 -39.96 -25.32
CA THR A 52 8.15 -38.87 -25.56
C THR A 52 7.85 -37.70 -24.64
N GLU A 53 6.59 -37.35 -24.47
CA GLU A 53 6.17 -36.21 -23.67
C GLU A 53 5.44 -36.70 -22.41
N TYR A 54 4.86 -35.77 -21.68
CA TYR A 54 4.20 -36.06 -20.41
C TYR A 54 3.02 -37.00 -20.61
N LEU A 55 2.41 -37.40 -19.51
CA LEU A 55 1.19 -38.19 -19.50
C LEU A 55 0.20 -37.56 -18.51
N LEU A 56 -1.07 -37.63 -18.86
CA LEU A 56 -2.12 -36.98 -18.06
C LEU A 56 -3.31 -37.92 -17.91
N LEU A 57 -3.53 -38.39 -16.68
CA LEU A 57 -4.70 -39.19 -16.37
C LEU A 57 -5.57 -38.43 -15.38
N PHE A 58 -6.89 -38.52 -15.57
CA PHE A 58 -7.82 -37.74 -14.79
C PHE A 58 -9.23 -38.26 -15.02
N ARG A 59 -9.98 -38.43 -13.93
CA ARG A 59 -11.38 -38.83 -14.03
C ARG A 59 -11.56 -40.07 -14.89
N VAL A 60 -10.72 -41.08 -14.66
CA VAL A 60 -10.88 -42.38 -15.30
C VAL A 60 -11.59 -43.27 -14.28
N ALA A 61 -12.92 -43.23 -14.31
CA ALA A 61 -13.72 -44.04 -13.40
C ALA A 61 -13.56 -45.51 -13.72
N GLY A 62 -13.58 -46.34 -12.67
CA GLY A 62 -13.49 -47.78 -12.83
C GLY A 62 -12.09 -48.33 -12.96
N LEU A 63 -11.07 -47.52 -12.75
CA LEU A 63 -9.68 -47.94 -12.91
C LEU A 63 -9.02 -48.02 -11.53
N GLU A 64 -8.31 -49.11 -11.28
CA GLU A 64 -7.79 -49.41 -9.95
C GLU A 64 -6.28 -49.65 -9.92
N SER A 65 -5.65 -49.99 -11.04
CA SER A 65 -4.21 -50.17 -11.09
C SER A 65 -3.73 -49.93 -12.51
N LEU A 66 -2.96 -48.86 -12.70
CA LEU A 66 -2.51 -48.48 -14.04
C LEU A 66 -1.64 -49.55 -14.67
N GLY A 67 -0.86 -50.27 -13.87
CA GLY A 67 0.05 -51.25 -14.42
C GLY A 67 -0.63 -52.29 -15.28
N ASP A 68 -1.91 -52.57 -15.01
CA ASP A 68 -2.66 -53.52 -15.82
C ASP A 68 -2.88 -52.98 -17.23
N LEU A 69 -3.27 -51.71 -17.34
CA LEU A 69 -3.59 -51.13 -18.64
C LEU A 69 -2.34 -50.92 -19.47
N PHE A 70 -1.29 -50.35 -18.86
CA PHE A 70 -0.05 -50.01 -19.56
C PHE A 70 1.11 -50.68 -18.84
N PRO A 71 1.38 -51.95 -19.13
CA PRO A 71 2.64 -52.56 -18.71
C PRO A 71 3.76 -52.17 -19.65
N ASN A 72 4.99 -52.44 -19.21
CA ASN A 72 6.20 -52.35 -20.00
C ASN A 72 6.60 -50.91 -20.31
N LEU A 73 5.95 -49.93 -19.69
CA LEU A 73 6.27 -48.51 -19.94
C LEU A 73 7.59 -48.20 -19.24
N THR A 74 8.68 -48.55 -19.92
CA THR A 74 9.99 -48.53 -19.27
C THR A 74 10.39 -47.14 -18.82
N VAL A 75 10.32 -46.15 -19.71
CA VAL A 75 10.81 -44.81 -19.44
C VAL A 75 9.86 -43.81 -20.06
N ILE A 76 9.79 -42.63 -19.47
CA ILE A 76 9.06 -41.50 -20.02
C ILE A 76 10.08 -40.40 -20.30
N ARG A 77 10.11 -39.93 -21.54
CA ARG A 77 11.06 -38.88 -21.90
C ARG A 77 10.57 -37.50 -21.48
N GLY A 78 9.26 -37.24 -21.62
CA GLY A 78 8.71 -36.01 -21.10
C GLY A 78 9.38 -34.76 -21.63
N TRP A 79 9.65 -34.71 -22.93
CA TRP A 79 10.35 -33.57 -23.49
C TRP A 79 9.55 -32.29 -23.31
N LYS A 80 8.24 -32.36 -23.50
CA LYS A 80 7.32 -31.26 -23.17
C LYS A 80 6.55 -31.67 -21.93
N LEU A 81 6.57 -30.81 -20.91
CA LEU A 81 5.98 -31.12 -19.62
C LEU A 81 4.59 -30.51 -19.50
N PHE A 82 3.79 -31.08 -18.59
CA PHE A 82 2.43 -30.64 -18.37
C PHE A 82 2.42 -29.19 -17.90
N TYR A 83 2.97 -28.92 -16.71
CA TYR A 83 3.31 -27.58 -16.28
C TYR A 83 4.80 -27.46 -16.03
N ASN A 84 5.33 -28.26 -15.11
CA ASN A 84 6.74 -28.61 -15.04
C ASN A 84 6.87 -30.11 -14.78
N TYR A 85 5.84 -30.87 -15.14
CA TYR A 85 5.70 -32.26 -14.75
C TYR A 85 5.48 -33.11 -15.99
N ALA A 86 5.93 -34.36 -15.93
CA ALA A 86 5.74 -35.30 -17.03
C ALA A 86 4.67 -36.35 -16.76
N LEU A 87 3.94 -36.23 -15.65
CA LEU A 87 2.89 -37.19 -15.29
C LEU A 87 1.97 -36.54 -14.28
N VAL A 88 0.67 -36.50 -14.59
CA VAL A 88 -0.32 -35.84 -13.74
C VAL A 88 -1.46 -36.81 -13.47
N ILE A 89 -1.56 -37.26 -12.21
CA ILE A 89 -2.67 -38.08 -11.75
C ILE A 89 -3.46 -37.27 -10.73
N PHE A 90 -4.51 -36.59 -11.20
CA PHE A 90 -5.26 -35.60 -10.42
C PHE A 90 -6.65 -36.19 -10.16
N GLU A 91 -7.07 -36.28 -8.90
CA GLU A 91 -8.34 -36.92 -8.57
C GLU A 91 -8.54 -38.23 -9.33
N MET A 92 -7.63 -39.18 -9.15
CA MET A 92 -7.88 -40.52 -9.64
C MET A 92 -8.96 -41.18 -8.79
N THR A 93 -10.07 -41.55 -9.44
CA THR A 93 -11.26 -41.92 -8.68
C THR A 93 -10.99 -43.12 -7.78
N ASN A 94 -10.45 -44.19 -8.35
CA ASN A 94 -10.43 -45.49 -7.68
C ASN A 94 -9.10 -46.22 -7.83
N LEU A 95 -8.07 -45.56 -8.34
CA LEU A 95 -6.76 -46.20 -8.45
C LEU A 95 -6.26 -46.60 -7.08
N LYS A 96 -5.75 -47.82 -6.97
CA LYS A 96 -5.25 -48.38 -5.72
C LYS A 96 -3.73 -48.47 -5.71
N ASP A 97 -3.13 -49.01 -6.77
CA ASP A 97 -1.70 -49.03 -6.97
C ASP A 97 -1.37 -48.33 -8.28
N ILE A 98 -0.30 -47.52 -8.27
CA ILE A 98 0.11 -46.83 -9.48
C ILE A 98 0.57 -47.81 -10.53
N GLY A 99 0.86 -49.05 -10.16
CA GLY A 99 1.40 -49.98 -11.13
C GLY A 99 2.72 -49.44 -11.65
N LEU A 100 2.82 -49.26 -12.96
CA LEU A 100 4.05 -48.77 -13.57
C LEU A 100 5.25 -49.59 -13.13
N TYR A 101 4.99 -50.85 -12.77
CA TYR A 101 6.05 -51.71 -12.25
C TYR A 101 7.21 -51.82 -13.24
N ASN A 102 6.92 -51.70 -14.52
CA ASN A 102 7.97 -51.74 -15.54
C ASN A 102 8.52 -50.35 -15.85
N LEU A 103 8.05 -49.31 -15.17
CA LEU A 103 8.59 -47.97 -15.34
C LEU A 103 9.87 -47.83 -14.52
N ARG A 104 10.95 -47.36 -15.16
CA ARG A 104 12.26 -47.34 -14.54
C ARG A 104 12.89 -45.95 -14.43
N ASN A 105 12.57 -45.01 -15.31
CA ASN A 105 13.28 -43.74 -15.32
C ASN A 105 12.37 -42.67 -15.90
N ILE A 106 12.53 -41.44 -15.41
CA ILE A 106 11.86 -40.27 -15.96
C ILE A 106 12.95 -39.25 -16.30
N THR A 107 13.02 -38.86 -17.57
CA THR A 107 14.08 -37.97 -18.02
C THR A 107 13.83 -36.53 -17.61
N ARG A 108 12.65 -36.01 -17.95
CA ARG A 108 12.34 -34.60 -17.79
C ARG A 108 11.13 -34.40 -16.89
N GLY A 109 11.21 -33.35 -16.06
CA GLY A 109 10.06 -32.93 -15.27
C GLY A 109 9.81 -33.74 -14.02
N ALA A 110 8.78 -33.34 -13.27
CA ALA A 110 8.34 -34.00 -12.04
C ALA A 110 6.95 -34.59 -12.28
N ILE A 111 6.32 -35.05 -11.18
CA ILE A 111 4.99 -35.63 -11.26
C ILE A 111 4.10 -34.92 -10.23
N ARG A 112 2.79 -34.92 -10.50
CA ARG A 112 1.77 -34.39 -9.60
C ARG A 112 0.67 -35.44 -9.45
N ILE A 113 0.65 -36.10 -8.29
CA ILE A 113 -0.32 -37.15 -8.00
C ILE A 113 -0.99 -36.76 -6.68
N GLU A 114 -2.09 -36.01 -6.75
CA GLU A 114 -2.68 -35.39 -5.57
C GLU A 114 -4.18 -35.64 -5.49
N LYS A 115 -4.71 -35.50 -4.28
CA LYS A 115 -6.14 -35.42 -3.96
C LYS A 115 -6.92 -36.61 -4.49
N ASN A 116 -6.25 -37.73 -4.77
CA ASN A 116 -6.89 -39.00 -5.07
C ASN A 116 -7.45 -39.59 -3.78
N ALA A 117 -8.69 -40.07 -3.82
CA ALA A 117 -9.35 -40.52 -2.61
C ALA A 117 -8.66 -41.75 -2.01
N ASP A 118 -8.48 -42.79 -2.81
CA ASP A 118 -8.09 -44.10 -2.30
C ASP A 118 -6.73 -44.58 -2.83
N LEU A 119 -5.97 -43.70 -3.48
CA LEU A 119 -4.70 -44.11 -4.04
C LEU A 119 -3.67 -44.36 -2.95
N CYS A 120 -2.76 -45.29 -3.19
CA CYS A 120 -1.68 -45.61 -2.26
C CYS A 120 -0.47 -46.08 -3.06
N TYR A 121 0.47 -46.73 -2.36
CA TYR A 121 1.65 -47.34 -2.95
C TYR A 121 2.63 -46.32 -3.51
N LEU A 122 2.46 -45.04 -3.15
CA LEU A 122 3.40 -44.01 -3.57
C LEU A 122 4.69 -44.06 -2.77
N SER A 123 4.61 -44.43 -1.48
CA SER A 123 5.76 -44.35 -0.59
C SER A 123 6.87 -45.28 -1.02
N THR A 124 6.54 -46.52 -1.38
CA THR A 124 7.54 -47.53 -1.68
C THR A 124 8.24 -47.29 -3.01
N VAL A 125 7.89 -46.24 -3.73
CA VAL A 125 8.51 -45.90 -5.01
C VAL A 125 9.62 -44.91 -4.72
N ASP A 126 10.86 -45.39 -4.66
CA ASP A 126 12.02 -44.53 -4.45
C ASP A 126 12.28 -43.78 -5.75
N TRP A 127 11.66 -42.61 -5.88
CA TRP A 127 11.79 -41.81 -7.09
C TRP A 127 13.20 -41.31 -7.32
N SER A 128 14.08 -41.39 -6.32
CA SER A 128 15.47 -41.03 -6.55
C SER A 128 16.09 -41.92 -7.61
N LEU A 129 15.80 -43.23 -7.55
CA LEU A 129 16.27 -44.14 -8.59
C LEU A 129 15.69 -43.79 -9.94
N ILE A 130 14.44 -43.34 -9.97
CA ILE A 130 13.72 -43.11 -11.22
C ILE A 130 13.83 -41.64 -11.61
N LEU A 131 13.87 -40.76 -10.62
CA LEU A 131 13.71 -39.33 -10.86
C LEU A 131 14.78 -38.54 -10.14
N ASP A 132 15.43 -37.64 -10.87
CA ASP A 132 16.28 -36.60 -10.29
C ASP A 132 15.43 -35.36 -10.05
N ALA A 133 15.93 -34.48 -9.18
CA ALA A 133 15.16 -33.32 -8.73
C ALA A 133 13.83 -33.77 -8.13
N VAL A 134 13.86 -34.89 -7.42
CA VAL A 134 12.66 -35.51 -6.87
C VAL A 134 11.93 -34.61 -5.89
N SER A 135 12.57 -33.55 -5.39
CA SER A 135 11.93 -32.69 -4.41
C SER A 135 10.63 -32.10 -4.92
N ASN A 136 10.53 -31.86 -6.22
CA ASN A 136 9.33 -31.24 -6.81
C ASN A 136 8.14 -32.17 -6.85
N ASN A 137 8.30 -33.45 -6.53
CA ASN A 137 7.17 -34.36 -6.46
C ASN A 137 6.16 -33.87 -5.42
N TYR A 138 4.88 -33.85 -5.80
CA TYR A 138 3.82 -33.24 -5.00
C TYR A 138 2.63 -34.20 -4.96
N ILE A 139 2.50 -34.90 -3.83
CA ILE A 139 1.54 -35.99 -3.69
C ILE A 139 0.73 -35.80 -2.40
N VAL A 140 0.52 -34.53 -2.02
CA VAL A 140 0.05 -34.24 -0.67
C VAL A 140 -1.40 -34.71 -0.47
N GLY A 141 -2.28 -34.41 -1.43
CA GLY A 141 -3.71 -34.43 -1.16
C GLY A 141 -4.39 -35.77 -1.15
N ASN A 142 -3.67 -36.86 -1.43
CA ASN A 142 -4.31 -38.16 -1.61
C ASN A 142 -4.66 -38.76 -0.25
N LYS A 143 -5.00 -40.04 -0.25
CA LYS A 143 -5.40 -40.74 0.96
C LYS A 143 -4.41 -40.44 2.09
N PRO A 144 -4.88 -40.30 3.34
CA PRO A 144 -3.95 -40.13 4.44
C PRO A 144 -3.05 -41.35 4.56
N PRO A 145 -1.82 -41.16 5.02
CA PRO A 145 -0.88 -42.29 5.05
C PRO A 145 -1.34 -43.46 5.91
N LYS A 146 -2.04 -43.19 7.01
CA LYS A 146 -2.42 -44.28 7.90
C LYS A 146 -3.36 -45.27 7.21
N GLU A 147 -4.26 -44.78 6.36
CA GLU A 147 -5.18 -45.61 5.62
C GLU A 147 -4.62 -46.01 4.25
N CYS A 148 -3.35 -45.70 3.98
CA CYS A 148 -2.76 -46.03 2.69
C CYS A 148 -2.79 -47.53 2.44
N GLY A 149 -2.27 -48.31 3.38
CA GLY A 149 -2.14 -49.74 3.19
C GLY A 149 -1.10 -50.06 2.12
N ASP A 150 0.15 -49.69 2.38
CA ASP A 150 1.24 -49.86 1.41
C ASP A 150 2.04 -51.11 1.78
N LEU A 151 1.81 -52.18 1.04
CA LEU A 151 2.54 -53.44 1.21
C LEU A 151 2.77 -54.08 -0.15
N CYS A 152 3.75 -54.98 -0.20
CA CYS A 152 4.18 -55.56 -1.46
C CYS A 152 4.97 -56.84 -1.20
N PRO A 153 5.38 -57.57 -2.24
CA PRO A 153 5.99 -58.88 -2.01
C PRO A 153 7.22 -58.77 -1.11
N GLY A 154 7.41 -59.78 -0.26
CA GLY A 154 8.56 -59.81 0.61
C GLY A 154 8.33 -59.13 1.94
N THR A 155 7.99 -57.84 1.91
CA THR A 155 7.72 -57.11 3.14
C THR A 155 6.45 -57.61 3.83
N MET A 156 5.63 -58.41 3.16
CA MET A 156 4.46 -59.02 3.77
C MET A 156 4.70 -60.52 3.91
N GLU A 157 4.67 -61.00 5.15
CA GLU A 157 4.71 -62.44 5.42
C GLU A 157 5.81 -63.14 4.65
N GLU A 158 5.55 -63.42 3.36
CA GLU A 158 6.46 -64.20 2.52
C GLU A 158 7.88 -63.65 2.54
N LYS A 159 8.85 -64.50 2.19
CA LYS A 159 10.26 -64.16 2.14
C LYS A 159 10.47 -62.93 1.27
N PRO A 160 11.29 -61.97 1.71
CA PRO A 160 11.46 -60.73 0.94
C PRO A 160 11.95 -60.98 -0.47
N MET A 161 11.40 -60.21 -1.41
CA MET A 161 11.82 -60.22 -2.80
C MET A 161 12.13 -58.84 -3.32
N CYS A 162 11.56 -57.79 -2.72
CA CYS A 162 12.00 -56.43 -3.02
C CYS A 162 13.39 -56.20 -2.44
N GLU A 163 14.17 -55.37 -3.11
CA GLU A 163 15.49 -55.00 -2.62
C GLU A 163 15.39 -53.85 -1.63
N LYS A 164 16.46 -53.66 -0.87
CA LYS A 164 16.54 -52.60 0.13
C LYS A 164 17.36 -51.43 -0.40
N THR A 165 16.75 -50.25 -0.42
CA THR A 165 17.42 -49.02 -0.75
C THR A 165 17.16 -48.02 0.37
N THR A 166 17.94 -46.95 0.39
CA THR A 166 17.85 -45.94 1.45
C THR A 166 17.70 -44.56 0.84
N ILE A 167 16.72 -43.81 1.34
CA ILE A 167 16.59 -42.39 1.06
C ILE A 167 16.32 -41.69 2.38
N ASN A 168 17.20 -40.75 2.74
CA ASN A 168 17.12 -40.02 4.01
C ASN A 168 16.87 -40.96 5.18
N ASN A 169 17.84 -41.85 5.41
CA ASN A 169 17.94 -42.64 6.63
C ASN A 169 16.91 -43.77 6.71
N GLU A 170 16.42 -44.26 5.57
CA GLU A 170 15.41 -45.33 5.56
C GLU A 170 15.87 -46.43 4.59
N TYR A 171 16.70 -47.35 5.09
CA TYR A 171 17.20 -48.46 4.29
C TYR A 171 16.22 -49.61 4.41
N ASN A 172 15.26 -49.69 3.50
CA ASN A 172 14.22 -50.72 3.54
C ASN A 172 13.72 -50.95 2.11
N TYR A 173 12.64 -51.70 2.00
CA TYR A 173 12.17 -52.22 0.71
C TYR A 173 11.55 -51.13 -0.14
N ARG A 174 11.64 -51.33 -1.46
CA ARG A 174 11.03 -50.45 -2.45
C ARG A 174 10.19 -51.30 -3.40
N CYS A 175 9.07 -50.77 -3.85
CA CYS A 175 8.14 -51.57 -4.64
C CYS A 175 7.03 -50.72 -5.22
N TRP A 176 6.20 -51.37 -6.03
CA TRP A 176 5.17 -50.73 -6.85
C TRP A 176 3.77 -51.16 -6.49
N THR A 177 3.49 -52.46 -6.49
CA THR A 177 2.17 -52.99 -6.20
C THR A 177 2.29 -54.18 -5.27
N THR A 178 1.14 -54.70 -4.85
CA THR A 178 1.13 -55.82 -3.91
C THR A 178 1.79 -57.06 -4.50
N ASN A 179 1.81 -57.20 -5.83
CA ASN A 179 2.27 -58.42 -6.47
C ASN A 179 3.73 -58.36 -6.89
N ARG A 180 4.34 -57.18 -6.92
CA ARG A 180 5.66 -57.04 -7.52
C ARG A 180 6.41 -55.91 -6.84
N CYS A 181 7.74 -55.91 -7.03
CA CYS A 181 8.64 -55.01 -6.35
C CYS A 181 9.16 -53.93 -7.31
N GLN A 182 10.06 -53.11 -6.80
CA GLN A 182 10.70 -52.04 -7.56
C GLN A 182 12.20 -52.34 -7.59
N LYS A 183 12.63 -53.03 -8.63
CA LYS A 183 14.02 -53.43 -8.77
C LYS A 183 14.79 -52.37 -9.55
N MET A 184 16.09 -52.31 -9.29
CA MET A 184 16.97 -51.31 -9.87
C MET A 184 18.30 -51.96 -10.22
N CYS A 185 18.94 -51.43 -11.26
CA CYS A 185 20.17 -52.03 -11.74
C CYS A 185 21.29 -51.88 -10.71
N PRO A 186 22.14 -52.89 -10.55
CA PRO A 186 23.23 -52.78 -9.59
C PRO A 186 24.25 -51.73 -10.00
N SER A 187 25.04 -51.29 -9.02
CA SER A 187 26.07 -50.29 -9.29
C SER A 187 27.14 -50.82 -10.24
N THR A 188 27.20 -52.15 -10.44
CA THR A 188 28.16 -52.71 -11.38
C THR A 188 28.02 -52.05 -12.75
N CYS A 189 26.80 -51.74 -13.15
CA CYS A 189 26.56 -51.05 -14.41
C CYS A 189 26.90 -49.56 -14.35
N GLY A 190 27.01 -48.99 -13.15
CA GLY A 190 27.17 -47.56 -13.02
C GLY A 190 25.96 -46.83 -13.57
N LYS A 191 26.18 -45.96 -14.56
CA LYS A 191 25.07 -45.30 -15.24
C LYS A 191 24.37 -46.19 -16.24
N ARG A 192 24.94 -47.36 -16.56
CA ARG A 192 24.38 -48.23 -17.58
C ARG A 192 23.14 -48.94 -17.04
N ALA A 193 22.22 -49.27 -17.94
CA ALA A 193 21.03 -50.02 -17.58
C ALA A 193 21.39 -51.50 -17.45
N CYS A 194 20.39 -52.34 -17.25
CA CYS A 194 20.60 -53.79 -17.16
C CYS A 194 19.30 -54.48 -17.53
N THR A 195 19.33 -55.81 -17.49
CA THR A 195 18.19 -56.64 -17.79
C THR A 195 17.70 -57.31 -16.51
N GLU A 196 16.77 -58.25 -16.65
CA GLU A 196 16.46 -59.14 -15.54
C GLU A 196 17.71 -59.90 -15.14
N ASN A 197 17.61 -60.59 -14.00
CA ASN A 197 18.66 -61.43 -13.42
C ASN A 197 20.04 -60.76 -13.47
N ASN A 198 20.06 -59.43 -13.47
CA ASN A 198 21.30 -58.65 -13.32
C ASN A 198 22.33 -59.00 -14.40
N GLU A 199 21.94 -58.81 -15.66
CA GLU A 199 22.87 -58.84 -16.78
C GLU A 199 23.00 -57.41 -17.33
N CYS A 200 24.22 -56.89 -17.33
CA CYS A 200 24.41 -55.46 -17.56
C CYS A 200 24.28 -55.14 -19.05
N CYS A 201 23.66 -54.00 -19.34
CA CYS A 201 23.28 -53.63 -20.70
C CYS A 201 24.39 -52.82 -21.36
N HIS A 202 24.10 -52.38 -22.60
CA HIS A 202 25.04 -51.58 -23.36
C HIS A 202 25.16 -50.17 -22.77
N PRO A 203 26.31 -49.51 -22.93
CA PRO A 203 26.42 -48.12 -22.46
C PRO A 203 25.40 -47.20 -23.10
N GLU A 204 25.35 -47.15 -24.44
CA GLU A 204 24.29 -46.45 -25.15
C GLU A 204 23.02 -47.27 -24.99
N CYS A 205 22.39 -47.11 -23.83
CA CYS A 205 21.17 -47.86 -23.54
C CYS A 205 20.51 -47.23 -22.33
N LEU A 206 19.26 -47.61 -22.09
CA LEU A 206 18.53 -47.07 -20.96
C LEU A 206 17.28 -47.90 -20.72
N GLY A 207 16.82 -47.88 -19.48
CA GLY A 207 15.60 -48.57 -19.12
C GLY A 207 15.79 -50.07 -19.05
N SER A 208 16.00 -50.70 -20.21
CA SER A 208 16.20 -52.14 -20.24
C SER A 208 16.73 -52.54 -21.62
N CYS A 209 17.27 -53.74 -21.68
CA CYS A 209 17.70 -54.35 -22.93
C CYS A 209 17.41 -55.84 -22.86
N SER A 210 17.39 -56.48 -24.03
CA SER A 210 17.08 -57.91 -24.08
C SER A 210 18.29 -58.79 -23.84
N ALA A 211 19.50 -58.29 -24.12
CA ALA A 211 20.72 -59.05 -23.91
C ALA A 211 21.79 -58.09 -23.41
N PRO A 212 22.75 -58.58 -22.62
CA PRO A 212 23.77 -57.68 -22.06
C PRO A 212 24.69 -57.14 -23.14
N ASP A 213 24.75 -55.80 -23.24
CA ASP A 213 25.66 -55.12 -24.14
C ASP A 213 25.39 -55.47 -25.60
N ASN A 214 24.17 -55.19 -26.04
CA ASN A 214 23.77 -55.33 -27.43
C ASN A 214 23.00 -54.09 -27.87
N ASP A 215 23.43 -53.49 -28.98
CA ASP A 215 22.80 -52.26 -29.45
C ASP A 215 21.34 -52.50 -29.81
N THR A 216 21.05 -53.60 -30.50
CA THR A 216 19.71 -53.90 -30.98
C THR A 216 18.80 -54.47 -29.91
N ALA A 217 19.36 -54.93 -28.79
CA ALA A 217 18.58 -55.55 -27.74
C ALA A 217 17.97 -54.54 -26.77
N CYS A 218 18.30 -53.26 -26.90
CA CYS A 218 17.87 -52.28 -25.90
C CYS A 218 16.38 -51.99 -26.05
N VAL A 219 15.64 -52.17 -24.96
CA VAL A 219 14.23 -51.84 -24.96
C VAL A 219 14.05 -50.34 -25.20
N ALA A 220 14.92 -49.52 -24.61
CA ALA A 220 14.95 -48.09 -24.85
C ALA A 220 16.39 -47.62 -24.90
N CYS A 221 16.68 -46.74 -25.86
CA CYS A 221 18.00 -46.15 -25.97
C CYS A 221 18.21 -45.11 -24.87
N ARG A 222 19.45 -44.64 -24.77
CA ARG A 222 19.78 -43.64 -23.76
C ARG A 222 19.58 -42.22 -24.26
N HIS A 223 20.06 -41.91 -25.47
CA HIS A 223 19.99 -40.54 -25.97
C HIS A 223 19.34 -40.44 -27.34
N TYR A 224 19.60 -41.37 -28.25
CA TYR A 224 19.05 -41.28 -29.60
C TYR A 224 18.89 -42.66 -30.21
N TYR A 225 17.74 -42.88 -30.84
CA TYR A 225 17.39 -44.14 -31.46
C TYR A 225 17.31 -43.97 -32.97
N TYR A 226 18.13 -44.71 -33.72
CA TYR A 226 18.13 -44.58 -35.17
C TYR A 226 18.56 -45.87 -35.82
N ALA A 227 17.92 -46.21 -36.94
CA ALA A 227 18.25 -47.40 -37.71
C ALA A 227 18.19 -48.66 -36.84
N GLY A 228 17.22 -48.69 -35.94
CA GLY A 228 17.11 -49.81 -35.03
C GLY A 228 18.33 -50.01 -34.16
N VAL A 229 18.98 -48.92 -33.74
CA VAL A 229 20.19 -48.99 -32.95
C VAL A 229 20.26 -47.76 -32.06
N CYS A 230 20.72 -47.95 -30.82
CA CYS A 230 20.92 -46.82 -29.91
C CYS A 230 22.30 -46.23 -30.14
N VAL A 231 22.34 -44.91 -30.34
CA VAL A 231 23.58 -44.23 -30.70
C VAL A 231 23.82 -43.05 -29.77
N PRO A 232 25.07 -42.70 -29.47
CA PRO A 232 25.32 -41.51 -28.64
C PRO A 232 25.16 -40.20 -29.37
N ALA A 233 25.13 -40.21 -30.70
CA ALA A 233 24.99 -38.99 -31.48
C ALA A 233 24.36 -39.32 -32.82
N CYS A 234 23.79 -38.30 -33.45
CA CYS A 234 23.13 -38.49 -34.73
C CYS A 234 24.17 -38.83 -35.79
N PRO A 235 23.95 -39.89 -36.58
CA PRO A 235 24.94 -40.22 -37.61
C PRO A 235 24.96 -39.19 -38.72
N PRO A 236 26.08 -39.04 -39.41
CA PRO A 236 26.16 -38.02 -40.47
C PRO A 236 25.17 -38.29 -41.59
N ASN A 237 24.73 -37.21 -42.22
CA ASN A 237 23.71 -37.22 -43.27
C ASN A 237 22.32 -37.47 -42.71
N THR A 238 22.19 -37.59 -41.40
CA THR A 238 20.90 -37.77 -40.74
C THR A 238 20.73 -36.67 -39.70
N TYR A 239 19.49 -36.30 -39.46
CA TYR A 239 19.17 -35.09 -38.70
C TYR A 239 18.25 -35.44 -37.55
N ARG A 240 18.58 -34.97 -36.36
CA ARG A 240 17.79 -35.31 -35.18
C ARG A 240 16.35 -34.86 -35.35
N PHE A 241 15.44 -35.81 -35.41
CA PHE A 241 14.04 -35.48 -35.18
C PHE A 241 13.85 -35.19 -33.70
N GLU A 242 12.72 -34.55 -33.39
CA GLU A 242 12.49 -34.12 -32.02
C GLU A 242 12.54 -35.31 -31.07
N GLY A 243 13.35 -35.17 -30.02
CA GLY A 243 13.34 -36.10 -28.91
C GLY A 243 14.33 -37.24 -28.93
N TRP A 244 14.10 -38.28 -29.75
CA TRP A 244 14.77 -39.56 -29.50
C TRP A 244 15.24 -40.28 -30.75
N ARG A 245 15.37 -39.63 -31.89
CA ARG A 245 15.76 -40.33 -33.10
C ARG A 245 16.34 -39.37 -34.12
N CYS A 246 16.85 -39.93 -35.20
CA CYS A 246 17.27 -39.18 -36.37
C CYS A 246 16.41 -39.58 -37.56
N VAL A 247 16.45 -38.76 -38.61
CA VAL A 247 15.66 -38.99 -39.81
C VAL A 247 16.39 -38.38 -41.00
N ASP A 248 16.09 -38.90 -42.18
CA ASP A 248 16.62 -38.36 -43.41
C ASP A 248 15.90 -37.05 -43.77
N ARG A 249 16.58 -36.19 -44.54
CA ARG A 249 15.97 -34.93 -44.94
C ARG A 249 14.70 -35.17 -45.75
N ASP A 250 14.71 -36.19 -46.62
CA ASP A 250 13.53 -36.49 -47.40
C ASP A 250 12.33 -36.70 -46.49
N PHE A 251 12.52 -37.47 -45.41
CA PHE A 251 11.47 -37.60 -44.39
C PHE A 251 11.18 -36.25 -43.74
N CYS A 252 12.22 -35.46 -43.47
CA CYS A 252 12.04 -34.17 -42.82
C CYS A 252 11.10 -33.28 -43.62
N ALA A 253 11.13 -33.37 -44.96
CA ALA A 253 10.28 -32.55 -45.80
C ALA A 253 8.97 -33.23 -46.14
N ASN A 254 8.92 -34.57 -46.14
CA ASN A 254 7.69 -35.29 -46.44
C ASN A 254 6.70 -35.27 -45.28
N ILE A 255 7.11 -34.82 -44.10
CA ILE A 255 6.21 -34.69 -42.96
C ILE A 255 5.45 -33.38 -43.13
N LEU A 256 4.35 -33.43 -43.88
CA LEU A 256 3.65 -32.19 -44.25
C LEU A 256 2.77 -31.70 -43.12
N SER A 257 1.77 -32.50 -42.74
CA SER A 257 0.88 -32.12 -41.65
C SER A 257 -0.08 -33.27 -41.39
N ALA A 258 -0.63 -33.29 -40.17
CA ALA A 258 -1.65 -34.25 -39.80
C ALA A 258 -2.38 -33.72 -38.58
N GLU A 259 -3.66 -33.39 -38.74
CA GLU A 259 -4.42 -32.78 -37.66
C GLU A 259 -3.69 -31.56 -37.11
N SER A 260 -3.00 -31.72 -35.99
CA SER A 260 -2.24 -30.63 -35.37
C SER A 260 -0.81 -30.68 -35.88
N SER A 261 -0.53 -29.93 -36.95
CA SER A 261 0.81 -29.87 -37.50
C SER A 261 0.93 -28.60 -38.35
N ASP A 262 2.17 -28.13 -38.49
CA ASP A 262 2.45 -26.88 -39.20
C ASP A 262 3.26 -27.10 -40.47
N SER A 263 4.43 -27.71 -40.37
CA SER A 263 5.37 -27.80 -41.47
C SER A 263 5.57 -29.26 -41.87
N GLU A 264 5.41 -29.56 -43.16
CA GLU A 264 5.00 -28.60 -44.20
C GLU A 264 5.85 -27.33 -44.34
N GLY A 265 7.17 -27.44 -44.30
CA GLY A 265 7.89 -28.66 -44.02
C GLY A 265 9.02 -28.36 -43.05
N PHE A 266 9.34 -29.32 -42.20
CA PHE A 266 10.36 -29.09 -41.19
C PHE A 266 11.70 -28.79 -41.85
N VAL A 267 12.45 -27.88 -41.24
CA VAL A 267 13.72 -27.40 -41.78
C VAL A 267 14.86 -28.00 -40.97
N ILE A 268 15.96 -28.31 -41.66
CA ILE A 268 17.18 -28.75 -41.00
C ILE A 268 18.03 -27.53 -40.69
N HIS A 269 18.33 -27.32 -39.41
CA HIS A 269 19.22 -26.26 -38.99
C HIS A 269 20.05 -26.78 -37.83
N ASP A 270 21.31 -26.36 -37.75
CA ASP A 270 22.19 -26.77 -36.67
C ASP A 270 22.30 -28.29 -36.58
N GLY A 271 21.99 -29.01 -37.66
CA GLY A 271 22.04 -30.45 -37.66
C GLY A 271 20.80 -31.15 -37.14
N GLU A 272 19.67 -30.46 -37.03
CA GLU A 272 18.44 -31.04 -36.52
C GLU A 272 17.26 -30.62 -37.39
N CYS A 273 16.34 -31.56 -37.62
CA CYS A 273 15.08 -31.30 -38.33
C CYS A 273 14.05 -30.77 -37.34
N MET A 274 13.99 -29.44 -37.22
CA MET A 274 12.99 -28.79 -36.38
C MET A 274 11.81 -28.31 -37.21
N GLN A 275 10.76 -27.91 -36.49
CA GLN A 275 9.58 -27.36 -37.15
C GLN A 275 9.93 -26.10 -37.91
N GLU A 276 10.57 -25.14 -37.25
CA GLU A 276 10.98 -23.89 -37.87
C GLU A 276 12.36 -23.51 -37.37
N CYS A 277 13.06 -22.73 -38.19
CA CYS A 277 14.44 -22.37 -37.93
C CYS A 277 14.53 -21.35 -36.78
N PRO A 278 15.61 -21.39 -35.98
CA PRO A 278 15.66 -20.53 -34.79
C PRO A 278 15.91 -19.06 -35.08
N SER A 279 16.06 -18.27 -34.02
CA SER A 279 16.22 -16.83 -34.15
C SER A 279 17.51 -16.47 -34.87
N GLY A 280 17.47 -15.35 -35.58
CA GLY A 280 18.61 -14.89 -36.35
C GLY A 280 18.80 -15.60 -37.67
N PHE A 281 17.88 -16.48 -38.06
CA PHE A 281 18.02 -17.28 -39.27
C PHE A 281 16.68 -17.30 -40.00
N ILE A 282 16.73 -17.65 -41.28
CA ILE A 282 15.58 -17.66 -42.16
C ILE A 282 15.58 -18.93 -43.01
N ARG A 283 14.41 -19.51 -43.20
CA ARG A 283 14.25 -20.59 -44.17
C ARG A 283 14.25 -19.99 -45.58
N ASN A 284 15.06 -20.57 -46.46
CA ASN A 284 15.17 -20.08 -47.83
C ASN A 284 14.14 -20.82 -48.69
N GLY A 285 12.93 -20.28 -48.74
CA GLY A 285 11.86 -20.92 -49.48
C GLY A 285 11.43 -22.21 -48.81
N SER A 286 11.10 -23.20 -49.62
CA SER A 286 10.72 -24.52 -49.11
C SER A 286 11.92 -25.39 -48.77
N GLN A 287 13.10 -24.79 -48.65
CA GLN A 287 14.30 -25.57 -48.36
C GLN A 287 14.21 -26.20 -46.98
N SER A 288 14.72 -27.43 -46.87
CA SER A 288 14.73 -28.15 -45.61
C SER A 288 16.07 -28.79 -45.28
N MET A 289 17.06 -28.68 -46.18
CA MET A 289 18.40 -29.18 -45.86
C MET A 289 19.16 -28.27 -44.90
N TYR A 290 18.96 -26.96 -44.99
CA TYR A 290 19.75 -26.02 -44.22
C TYR A 290 18.96 -24.74 -44.03
N CYS A 291 19.44 -23.89 -43.12
CA CYS A 291 18.83 -22.60 -42.84
C CYS A 291 19.93 -21.58 -42.60
N ILE A 292 19.82 -20.44 -43.27
CA ILE A 292 20.88 -19.44 -43.30
C ILE A 292 20.54 -18.29 -42.35
N PRO A 293 21.53 -17.62 -41.75
CA PRO A 293 21.22 -16.40 -40.98
C PRO A 293 20.56 -15.36 -41.86
N CYS A 294 19.57 -14.67 -41.30
CA CYS A 294 18.89 -13.61 -42.03
C CYS A 294 19.65 -12.30 -41.97
N GLU A 295 19.74 -11.72 -40.77
CA GLU A 295 20.43 -10.45 -40.54
C GLU A 295 19.89 -9.78 -39.29
N GLY A 296 18.87 -8.94 -39.46
CA GLY A 296 18.31 -8.19 -38.37
C GLY A 296 17.00 -8.76 -37.86
N PRO A 297 16.02 -7.89 -37.64
CA PRO A 297 14.77 -8.32 -36.99
C PRO A 297 13.78 -9.01 -37.92
N CYS A 298 14.20 -9.46 -39.10
CA CYS A 298 13.24 -10.10 -40.00
C CYS A 298 12.57 -11.29 -39.30
N PRO A 299 13.31 -12.10 -38.50
CA PRO A 299 12.71 -13.36 -38.02
C PRO A 299 11.57 -13.39 -37.00
N LYS A 300 10.47 -12.70 -37.27
CA LYS A 300 9.31 -12.80 -36.39
C LYS A 300 8.03 -12.42 -37.11
N VAL A 301 7.20 -13.42 -37.43
CA VAL A 301 5.90 -13.16 -38.03
C VAL A 301 4.87 -12.97 -36.92
N CYS A 302 4.02 -11.96 -37.07
CA CYS A 302 3.03 -11.58 -36.06
C CYS A 302 1.61 -11.88 -36.55
N GLU A 303 1.47 -12.88 -37.42
CA GLU A 303 0.17 -13.20 -37.96
C GLU A 303 -0.76 -13.69 -36.86
N GLU A 304 -2.06 -13.66 -37.15
CA GLU A 304 -3.07 -14.13 -36.22
C GLU A 304 -4.11 -14.94 -36.98
N GLU A 305 -4.63 -15.98 -36.33
CA GLU A 305 -5.67 -16.79 -36.96
C GLU A 305 -6.84 -15.91 -37.40
N LYS A 306 -7.21 -14.94 -36.58
CA LYS A 306 -8.14 -13.91 -37.01
C LYS A 306 -7.47 -13.04 -38.08
N LYS A 307 -8.24 -12.69 -39.11
CA LYS A 307 -7.71 -11.78 -40.13
C LYS A 307 -7.61 -10.36 -39.61
N THR A 308 -8.42 -10.02 -38.60
CA THR A 308 -8.42 -8.70 -37.99
C THR A 308 -8.21 -8.86 -36.49
N LYS A 309 -6.98 -8.62 -36.04
CA LYS A 309 -6.66 -8.65 -34.62
C LYS A 309 -6.91 -7.26 -34.06
N THR A 310 -8.09 -7.07 -33.48
CA THR A 310 -8.46 -5.78 -32.92
C THR A 310 -7.99 -5.67 -31.47
N ILE A 311 -7.66 -4.44 -31.06
CA ILE A 311 -7.18 -4.17 -29.72
C ILE A 311 -8.10 -3.15 -29.08
N ASP A 312 -8.65 -3.48 -27.91
CA ASP A 312 -9.42 -2.55 -27.11
C ASP A 312 -8.79 -2.27 -25.74
N SER A 313 -7.70 -2.95 -25.40
CA SER A 313 -7.04 -2.74 -24.12
C SER A 313 -5.60 -3.20 -24.26
N VAL A 314 -4.77 -2.76 -23.31
CA VAL A 314 -3.36 -3.15 -23.33
C VAL A 314 -3.24 -4.66 -23.35
N THR A 315 -3.98 -5.36 -22.49
CA THR A 315 -3.97 -6.81 -22.51
C THR A 315 -4.39 -7.37 -23.86
N SER A 316 -5.29 -6.69 -24.56
CA SER A 316 -5.73 -7.15 -25.86
C SER A 316 -4.56 -7.25 -26.84
N ALA A 317 -3.48 -6.52 -26.58
CA ALA A 317 -2.30 -6.54 -27.45
C ALA A 317 -1.20 -7.46 -26.94
N GLN A 318 -1.45 -8.20 -25.85
CA GLN A 318 -0.38 -8.97 -25.23
C GLN A 318 0.26 -9.94 -26.21
N MET A 319 -0.56 -10.67 -26.97
CA MET A 319 -0.04 -11.64 -27.91
C MET A 319 0.88 -11.03 -28.95
N LEU A 320 0.78 -9.72 -29.21
CA LEU A 320 1.61 -9.08 -30.21
C LEU A 320 2.94 -8.61 -29.63
N GLN A 321 3.24 -8.94 -28.39
CA GLN A 321 4.50 -8.51 -27.78
C GLN A 321 5.69 -9.17 -28.49
N GLY A 322 6.72 -8.38 -28.75
CA GLY A 322 7.91 -8.88 -29.39
C GLY A 322 7.66 -9.44 -30.77
N CYS A 323 6.94 -8.70 -31.61
CA CYS A 323 6.64 -9.13 -32.96
C CYS A 323 6.76 -7.95 -33.91
N THR A 324 6.96 -8.26 -35.19
CA THR A 324 7.36 -7.26 -36.18
C THR A 324 6.36 -7.09 -37.31
N ILE A 325 5.90 -8.18 -37.92
CA ILE A 325 5.09 -8.12 -39.13
C ILE A 325 3.77 -8.83 -38.88
N PHE A 326 2.67 -8.14 -39.16
CA PHE A 326 1.34 -8.72 -39.06
C PHE A 326 0.83 -9.02 -40.46
N LYS A 327 0.51 -10.29 -40.71
CA LYS A 327 -0.05 -10.71 -41.99
C LYS A 327 -1.57 -10.56 -41.95
N GLY A 328 -2.00 -9.30 -41.96
CA GLY A 328 -3.41 -8.98 -41.87
C GLY A 328 -3.65 -7.49 -41.77
N ASN A 329 -4.47 -7.08 -40.80
CA ASN A 329 -4.80 -5.67 -40.62
C ASN A 329 -5.01 -5.41 -39.13
N LEU A 330 -4.91 -4.12 -38.77
CA LEU A 330 -5.02 -3.69 -37.38
C LEU A 330 -6.30 -2.90 -37.17
N LEU A 331 -6.80 -2.93 -35.92
CA LEU A 331 -8.02 -2.21 -35.56
C LEU A 331 -7.94 -1.86 -34.08
N ILE A 332 -8.04 -0.57 -33.77
CA ILE A 332 -7.93 -0.07 -32.41
C ILE A 332 -9.20 0.68 -32.05
N ASN A 333 -9.74 0.39 -30.87
CA ASN A 333 -10.92 1.07 -30.34
C ASN A 333 -10.74 1.34 -28.86
N ILE A 334 -9.56 1.83 -28.48
CA ILE A 334 -9.21 2.06 -27.08
C ILE A 334 -9.80 3.40 -26.67
N ARG A 335 -10.90 3.37 -25.92
CA ARG A 335 -11.58 4.59 -25.53
C ARG A 335 -10.97 5.24 -24.30
N ARG A 336 -10.69 4.45 -23.27
CA ARG A 336 -10.18 4.98 -22.01
C ARG A 336 -8.91 4.25 -21.60
N GLY A 337 -7.95 5.00 -21.07
CA GLY A 337 -6.73 4.41 -20.57
C GLY A 337 -5.64 5.42 -20.31
N ASN A 338 -4.93 5.26 -19.19
CA ASN A 338 -3.78 6.08 -18.85
C ASN A 338 -2.55 5.19 -18.73
N ASN A 339 -1.40 5.75 -19.11
CA ASN A 339 -0.13 5.03 -19.21
C ASN A 339 -0.20 3.98 -20.32
N ILE A 340 -1.31 3.94 -21.07
CA ILE A 340 -1.48 2.89 -22.07
C ILE A 340 -0.42 2.98 -23.15
N ALA A 341 -0.12 4.20 -23.62
CA ALA A 341 0.87 4.34 -24.70
C ALA A 341 2.20 3.72 -24.30
N SER A 342 2.74 4.12 -23.15
CA SER A 342 4.03 3.61 -22.71
C SER A 342 4.09 2.09 -22.81
N GLU A 343 2.94 1.41 -22.75
CA GLU A 343 2.90 -0.03 -22.91
C GLU A 343 2.56 -0.47 -24.34
N LEU A 344 1.98 0.42 -25.14
CA LEU A 344 1.77 0.10 -26.56
C LEU A 344 3.09 0.14 -27.32
N GLU A 345 3.96 1.09 -26.98
CA GLU A 345 5.30 1.07 -27.55
C GLU A 345 6.04 -0.21 -27.23
N ASN A 346 5.66 -0.91 -26.15
CA ASN A 346 6.32 -2.16 -25.76
C ASN A 346 5.66 -3.37 -26.37
N PHE A 347 4.35 -3.53 -26.17
CA PHE A 347 3.64 -4.68 -26.73
C PHE A 347 3.69 -4.67 -28.24
N MET A 348 3.43 -3.52 -28.86
CA MET A 348 3.24 -3.48 -30.31
C MET A 348 3.90 -2.25 -30.93
N GLY A 349 5.00 -1.76 -30.36
CA GLY A 349 5.82 -0.78 -31.04
C GLY A 349 6.86 -1.37 -31.96
N LEU A 350 7.01 -2.69 -31.95
CA LEU A 350 7.98 -3.39 -32.80
C LEU A 350 7.44 -3.68 -34.20
N ILE A 351 6.18 -3.32 -34.47
CA ILE A 351 5.56 -3.70 -35.73
C ILE A 351 6.25 -2.99 -36.89
N GLU A 352 6.63 -3.76 -37.90
CA GLU A 352 7.36 -3.24 -39.06
C GLU A 352 6.54 -3.20 -40.32
N VAL A 353 5.97 -4.32 -40.74
CA VAL A 353 5.25 -4.43 -42.01
C VAL A 353 3.87 -5.01 -41.74
N VAL A 354 2.92 -4.67 -42.61
CA VAL A 354 1.53 -5.09 -42.46
C VAL A 354 1.00 -5.48 -43.83
N THR A 355 0.35 -6.64 -43.89
CA THR A 355 -0.24 -7.13 -45.15
C THR A 355 -1.72 -6.79 -45.24
N GLY A 356 -2.05 -5.50 -45.19
CA GLY A 356 -3.44 -5.09 -45.27
C GLY A 356 -3.62 -3.68 -44.73
N TYR A 357 -4.82 -3.42 -44.24
CA TYR A 357 -5.19 -2.09 -43.79
C TYR A 357 -4.99 -1.95 -42.29
N VAL A 358 -5.26 -0.74 -41.79
CA VAL A 358 -5.20 -0.43 -40.36
C VAL A 358 -6.25 0.61 -40.07
N LYS A 359 -6.93 0.48 -38.93
CA LYS A 359 -8.09 1.31 -38.62
C LYS A 359 -8.10 1.70 -37.15
N ILE A 360 -8.46 2.95 -36.90
CA ILE A 360 -8.51 3.54 -35.57
C ILE A 360 -9.89 4.15 -35.41
N ARG A 361 -10.55 3.89 -34.28
CA ARG A 361 -11.90 4.36 -34.07
C ARG A 361 -12.15 4.58 -32.58
N HIS A 362 -12.79 5.70 -32.26
CA HIS A 362 -13.22 6.00 -30.89
C HIS A 362 -12.05 5.83 -29.91
N SER A 363 -10.91 6.40 -30.25
CA SER A 363 -9.73 6.34 -29.39
C SER A 363 -9.58 7.65 -28.63
N HIS A 364 -10.53 7.91 -27.73
CA HIS A 364 -10.49 9.14 -26.95
C HIS A 364 -9.29 9.19 -26.01
N ALA A 365 -8.69 8.06 -25.69
CA ALA A 365 -7.59 7.99 -24.73
C ALA A 365 -6.23 8.17 -25.37
N LEU A 366 -6.16 8.43 -26.67
CA LEU A 366 -4.89 8.59 -27.38
C LEU A 366 -4.82 9.98 -28.01
N VAL A 367 -3.62 10.53 -28.02
CA VAL A 367 -3.39 11.87 -28.54
C VAL A 367 -2.30 11.94 -29.60
N SER A 368 -1.43 10.93 -29.70
CA SER A 368 -0.36 10.96 -30.68
C SER A 368 0.01 9.53 -31.08
N LEU A 369 0.05 9.28 -32.38
CA LEU A 369 0.38 7.96 -32.92
C LEU A 369 1.86 7.66 -32.89
N SER A 370 2.67 8.48 -32.22
CA SER A 370 4.10 8.22 -32.19
C SER A 370 4.42 6.88 -31.54
N PHE A 371 3.49 6.32 -30.77
CA PHE A 371 3.75 5.07 -30.07
C PHE A 371 3.91 3.88 -31.01
N LEU A 372 3.57 4.02 -32.30
CA LEU A 372 3.86 2.99 -33.30
C LEU A 372 5.14 3.40 -34.04
N LYS A 373 6.27 3.01 -33.46
CA LYS A 373 7.56 3.50 -33.95
C LYS A 373 8.11 2.66 -35.10
N ASN A 374 8.05 1.33 -34.98
CA ASN A 374 8.78 0.47 -35.89
C ASN A 374 8.13 0.34 -37.27
N LEU A 375 6.87 0.72 -37.42
CA LEU A 375 6.20 0.55 -38.71
C LEU A 375 6.92 1.34 -39.78
N ARG A 376 7.25 0.68 -40.88
CA ARG A 376 7.94 1.35 -42.00
C ARG A 376 7.12 1.33 -43.27
N LEU A 377 6.46 0.23 -43.58
CA LEU A 377 5.67 0.10 -44.79
C LEU A 377 4.38 -0.63 -44.49
N ILE A 378 3.33 -0.26 -45.21
CA ILE A 378 2.04 -0.93 -45.18
C ILE A 378 1.74 -1.44 -46.57
N LEU A 379 1.35 -2.71 -46.66
CA LEU A 379 1.03 -3.29 -47.96
C LEU A 379 -0.37 -2.90 -48.40
N GLY A 380 -1.38 -3.27 -47.62
CA GLY A 380 -2.76 -3.04 -48.01
C GLY A 380 -3.42 -4.19 -48.72
N GLU A 381 -2.81 -5.38 -48.69
CA GLU A 381 -3.42 -6.53 -49.35
C GLU A 381 -4.86 -6.71 -48.91
N GLU A 382 -5.11 -6.70 -47.61
CA GLU A 382 -6.45 -6.66 -47.05
C GLU A 382 -6.87 -5.21 -46.95
N GLN A 383 -7.88 -4.82 -47.72
CA GLN A 383 -8.32 -3.43 -47.82
C GLN A 383 -9.81 -3.35 -47.56
N LEU A 384 -10.24 -2.19 -47.05
CA LEU A 384 -11.64 -1.99 -46.71
C LEU A 384 -12.44 -1.57 -47.94
N GLU A 385 -13.76 -1.50 -47.76
CA GLU A 385 -14.62 -1.00 -48.82
C GLU A 385 -14.27 0.44 -49.15
N GLY A 386 -14.36 0.79 -50.43
CA GLY A 386 -13.83 2.06 -50.89
C GLY A 386 -12.33 2.07 -51.05
N ASN A 387 -11.68 0.93 -50.91
CA ASN A 387 -10.22 0.81 -51.06
C ASN A 387 -9.47 1.56 -49.97
N TYR A 388 -10.10 1.77 -48.81
CA TYR A 388 -9.47 2.48 -47.71
C TYR A 388 -8.59 1.53 -46.94
N SER A 389 -7.27 1.76 -46.98
CA SER A 389 -6.32 0.91 -46.29
C SER A 389 -5.81 1.50 -44.98
N PHE A 390 -6.16 2.75 -44.67
CA PHE A 390 -5.73 3.38 -43.42
C PHE A 390 -6.84 4.34 -42.99
N TYR A 391 -7.55 3.97 -41.92
CA TYR A 391 -8.79 4.61 -41.52
C TYR A 391 -8.61 5.19 -40.14
N VAL A 392 -9.01 6.44 -39.94
CA VAL A 392 -8.96 7.08 -38.64
C VAL A 392 -10.26 7.86 -38.45
N LEU A 393 -11.11 7.38 -37.54
CA LEU A 393 -12.45 7.91 -37.37
C LEU A 393 -12.75 8.18 -35.91
N ASP A 394 -13.55 9.22 -35.68
CA ASP A 394 -14.07 9.54 -34.36
C ASP A 394 -12.97 9.48 -33.30
N ASN A 395 -11.98 10.35 -33.46
CA ASN A 395 -10.91 10.47 -32.49
C ASN A 395 -10.87 11.92 -32.01
N GLN A 396 -11.54 12.18 -30.89
CA GLN A 396 -11.64 13.55 -30.40
C GLN A 396 -10.28 14.13 -30.06
N ASN A 397 -9.42 13.35 -29.39
CA ASN A 397 -8.26 13.88 -28.70
C ASN A 397 -6.96 13.69 -29.47
N LEU A 398 -7.00 13.13 -30.67
CA LEU A 398 -5.78 12.90 -31.42
C LEU A 398 -5.18 14.24 -31.82
N GLN A 399 -3.89 14.43 -31.54
CA GLN A 399 -3.22 15.70 -31.78
C GLN A 399 -2.33 15.64 -33.02
N GLN A 400 -1.40 14.69 -33.05
CA GLN A 400 -0.42 14.63 -34.12
C GLN A 400 0.08 13.20 -34.28
N LEU A 401 0.30 12.79 -35.52
CA LEU A 401 0.71 11.44 -35.83
C LEU A 401 2.20 11.26 -35.53
N TRP A 402 2.80 10.21 -36.07
CA TRP A 402 4.23 9.98 -35.85
C TRP A 402 5.05 11.24 -36.08
N ASP A 403 6.18 11.34 -35.38
CA ASP A 403 7.09 12.47 -35.54
C ASP A 403 7.63 12.49 -36.96
N TRP A 404 7.37 13.58 -37.68
CA TRP A 404 7.62 13.63 -39.11
C TRP A 404 8.88 14.39 -39.49
N ASP A 405 9.73 14.73 -38.53
CA ASP A 405 11.00 15.35 -38.89
C ASP A 405 11.98 14.31 -39.43
N HIS A 406 11.90 13.07 -38.92
CA HIS A 406 12.85 12.04 -39.29
C HIS A 406 12.23 10.69 -39.61
N ARG A 407 10.94 10.46 -39.39
CA ARG A 407 10.37 9.12 -39.47
C ARG A 407 9.60 9.01 -40.78
N ASN A 408 9.84 7.94 -41.53
CA ASN A 408 9.24 7.76 -42.84
C ASN A 408 8.17 6.67 -42.80
N LEU A 409 7.25 6.72 -43.77
CA LEU A 409 6.16 5.77 -43.87
C LEU A 409 5.71 5.64 -45.31
N THR A 410 5.12 4.48 -45.62
CA THR A 410 4.57 4.22 -46.94
C THR A 410 3.40 3.24 -46.81
N ILE A 411 2.34 3.50 -47.58
CA ILE A 411 1.19 2.61 -47.67
C ILE A 411 1.10 2.16 -49.13
N LYS A 412 1.14 0.86 -49.36
CA LYS A 412 1.33 0.34 -50.71
C LYS A 412 0.01 0.21 -51.46
N ALA A 413 -0.92 -0.59 -50.94
CA ALA A 413 -2.05 -1.08 -51.72
C ALA A 413 -3.39 -0.55 -51.21
N GLY A 414 -3.47 0.75 -50.96
CA GLY A 414 -4.76 1.36 -50.67
C GLY A 414 -4.59 2.79 -50.24
N LYS A 415 -5.72 3.48 -50.16
CA LYS A 415 -5.79 4.86 -49.71
C LYS A 415 -6.13 4.88 -48.22
N MET A 416 -6.42 6.08 -47.71
CA MET A 416 -6.68 6.28 -46.30
C MET A 416 -7.83 7.27 -46.13
N TYR A 417 -8.57 7.09 -45.04
CA TYR A 417 -9.73 7.92 -44.75
C TYR A 417 -9.59 8.50 -43.36
N PHE A 418 -10.00 9.77 -43.22
CA PHE A 418 -10.00 10.46 -41.94
C PHE A 418 -11.33 11.17 -41.77
N ALA A 419 -11.72 11.38 -40.51
CA ALA A 419 -12.85 12.21 -40.18
C ALA A 419 -13.00 12.26 -38.67
N PHE A 420 -13.76 13.25 -38.20
CA PHE A 420 -14.19 13.32 -36.80
C PHE A 420 -13.00 13.30 -35.86
N ASN A 421 -11.96 14.06 -36.20
CA ASN A 421 -10.75 14.17 -35.41
C ASN A 421 -10.44 15.65 -35.24
N PRO A 422 -11.14 16.34 -34.33
CA PRO A 422 -11.06 17.80 -34.31
C PRO A 422 -9.73 18.35 -33.80
N LYS A 423 -8.98 17.58 -33.01
CA LYS A 423 -7.71 18.06 -32.46
C LYS A 423 -6.51 17.66 -33.29
N LEU A 424 -6.70 16.95 -34.41
CA LEU A 424 -5.59 16.65 -35.32
C LEU A 424 -5.61 17.66 -36.46
N CYS A 425 -4.64 18.56 -36.46
CA CYS A 425 -4.57 19.57 -37.51
C CYS A 425 -4.18 18.94 -38.84
N VAL A 426 -4.70 19.50 -39.93
CA VAL A 426 -4.49 18.92 -41.26
C VAL A 426 -3.01 18.88 -41.60
N SER A 427 -2.21 19.73 -40.97
CA SER A 427 -0.77 19.77 -41.26
C SER A 427 -0.14 18.40 -41.07
N GLU A 428 -0.62 17.62 -40.10
CA GLU A 428 -0.04 16.32 -39.82
C GLU A 428 -0.38 15.27 -40.87
N ILE A 429 -1.30 15.56 -41.78
CA ILE A 429 -1.77 14.58 -42.75
C ILE A 429 -1.51 15.08 -44.16
N TYR A 430 -1.50 16.40 -44.36
CA TYR A 430 -1.11 16.95 -45.65
C TYR A 430 0.32 16.56 -45.98
N ARG A 431 1.21 16.61 -44.99
CA ARG A 431 2.57 16.12 -45.17
C ARG A 431 2.55 14.63 -45.54
N MET A 432 1.58 13.88 -45.03
CA MET A 432 1.58 12.43 -45.24
C MET A 432 1.31 12.09 -46.69
N GLU A 433 0.44 12.86 -47.33
CA GLU A 433 0.14 12.65 -48.74
C GLU A 433 1.43 12.73 -49.55
N GLU A 434 2.45 13.36 -48.97
CA GLU A 434 3.76 13.41 -49.62
C GLU A 434 4.62 12.20 -49.24
N VAL A 435 4.62 11.82 -47.95
CA VAL A 435 5.60 10.88 -47.43
C VAL A 435 5.27 9.42 -47.72
N THR A 436 3.99 9.08 -47.89
CA THR A 436 3.60 7.70 -48.14
C THR A 436 3.17 7.46 -49.59
N GLY A 437 3.64 8.29 -50.51
CA GLY A 437 3.44 8.02 -51.92
C GLY A 437 1.99 7.83 -52.31
N THR A 438 1.10 8.67 -51.77
CA THR A 438 -0.33 8.51 -51.98
C THR A 438 -1.00 9.87 -52.20
N LYS A 439 -0.25 10.83 -52.73
CA LYS A 439 -0.74 12.21 -52.74
C LYS A 439 -2.04 12.33 -53.52
N GLY A 440 -2.11 11.69 -54.68
CA GLY A 440 -3.30 11.69 -55.50
C GLY A 440 -4.12 10.43 -55.45
N ARG A 441 -3.85 9.53 -54.50
CA ARG A 441 -4.56 8.25 -54.46
C ARG A 441 -6.03 8.42 -54.09
N GLN A 442 -6.35 9.47 -53.33
CA GLN A 442 -7.71 9.67 -52.85
C GLN A 442 -8.09 11.13 -52.99
N SER A 443 -9.39 11.38 -53.05
CA SER A 443 -9.89 12.75 -53.09
C SER A 443 -9.79 13.37 -51.70
N LYS A 444 -9.99 14.69 -51.66
CA LYS A 444 -9.92 15.43 -50.40
C LYS A 444 -11.10 15.14 -49.49
N GLY A 445 -12.14 14.49 -49.98
CA GLY A 445 -13.25 14.12 -49.12
C GLY A 445 -12.82 13.18 -48.01
N ASP A 446 -11.99 12.18 -48.33
CA ASP A 446 -11.46 11.29 -47.31
C ASP A 446 -10.58 12.03 -46.32
N ILE A 447 -10.13 13.23 -46.68
CA ILE A 447 -9.29 14.06 -45.82
C ILE A 447 -9.96 15.42 -45.69
N ASN A 448 -11.29 15.42 -45.74
CA ASN A 448 -12.08 16.64 -45.75
C ASN A 448 -11.53 17.68 -44.78
N THR A 449 -11.48 18.93 -45.24
CA THR A 449 -11.05 20.03 -44.38
C THR A 449 -12.04 20.30 -43.25
N ARG A 450 -13.24 19.75 -43.35
CA ARG A 450 -14.25 19.83 -42.30
C ARG A 450 -13.89 18.79 -41.23
N ASN A 451 -14.89 18.27 -40.51
CA ASN A 451 -14.74 17.73 -39.16
C ASN A 451 -13.31 17.34 -38.79
N ASN A 452 -12.57 16.74 -39.70
CA ASN A 452 -11.12 16.62 -39.52
C ASN A 452 -10.55 17.88 -38.92
N GLY A 453 -9.87 17.74 -37.77
CA GLY A 453 -9.22 18.86 -37.13
C GLY A 453 -10.11 20.08 -37.02
N GLU A 454 -11.42 19.86 -36.95
CA GLU A 454 -12.36 20.99 -36.98
C GLU A 454 -12.08 21.95 -35.84
N ARG A 455 -12.03 21.44 -34.60
CA ARG A 455 -11.76 22.33 -33.46
C ARG A 455 -10.26 22.54 -33.30
N ALA A 456 -9.53 21.46 -33.05
CA ALA A 456 -8.08 21.51 -32.85
C ALA A 456 -7.69 22.73 -32.04
N SER A 457 -6.60 23.38 -32.44
CA SER A 457 -6.31 24.74 -31.98
C SER A 457 -5.54 25.42 -33.11
N CYS A 458 -6.29 26.01 -34.05
CA CYS A 458 -5.77 26.94 -35.04
C CYS A 458 -4.28 26.80 -35.31
N GLU A 459 -3.53 27.85 -35.01
CA GLU A 459 -2.07 27.80 -35.05
C GLU A 459 -1.54 28.86 -34.10
N SER A 460 -0.90 28.42 -33.03
CA SER A 460 -0.50 29.32 -31.95
C SER A 460 0.59 30.28 -32.40
N ASP A 461 0.44 31.54 -32.01
CA ASP A 461 1.52 32.52 -32.10
C ASP A 461 2.39 32.36 -30.85
N VAL A 462 3.32 33.29 -30.64
CA VAL A 462 4.23 33.27 -29.49
C VAL A 462 4.18 34.64 -28.82
N LEU A 463 3.88 34.65 -27.52
CA LEU A 463 3.86 35.87 -26.74
C LEU A 463 5.27 36.27 -26.32
N HIS A 464 5.41 37.53 -25.94
CA HIS A 464 6.69 38.12 -25.61
C HIS A 464 6.68 38.59 -24.16
N PHE A 465 7.75 38.25 -23.42
CA PHE A 465 7.80 38.49 -21.99
C PHE A 465 8.36 39.89 -21.77
N THR A 466 7.49 40.85 -21.47
CA THR A 466 7.94 42.23 -21.34
C THR A 466 8.92 42.37 -20.17
N SER A 467 8.64 41.73 -19.05
CA SER A 467 9.51 41.85 -17.88
C SER A 467 9.33 40.63 -17.00
N THR A 468 10.35 40.38 -16.16
CA THR A 468 10.32 39.27 -15.22
C THR A 468 10.92 39.75 -13.91
N THR A 469 10.09 40.32 -13.03
CA THR A 469 10.52 40.76 -11.73
C THR A 469 10.49 39.59 -10.77
N THR A 470 11.27 39.66 -9.69
CA THR A 470 11.55 38.48 -8.92
C THR A 470 11.54 38.77 -7.43
N SER A 471 11.63 37.70 -6.65
CA SER A 471 11.76 37.77 -5.20
C SER A 471 12.54 36.54 -4.75
N LYS A 472 12.50 36.26 -3.46
CA LYS A 472 13.13 35.06 -2.92
C LYS A 472 12.15 33.90 -2.77
N ASN A 473 10.85 34.15 -2.96
CA ASN A 473 9.87 33.08 -3.04
C ASN A 473 8.78 33.37 -4.06
N ARG A 474 8.86 34.47 -4.79
CA ARG A 474 7.74 34.96 -5.58
C ARG A 474 8.27 35.54 -6.89
N ILE A 475 7.54 35.27 -7.97
CA ILE A 475 7.84 35.81 -9.28
C ILE A 475 6.70 36.72 -9.69
N ILE A 476 7.03 37.78 -10.41
CA ILE A 476 6.04 38.61 -11.10
C ILE A 476 6.41 38.58 -12.58
N ILE A 477 5.50 38.09 -13.40
CA ILE A 477 5.80 37.90 -14.82
C ILE A 477 4.72 38.60 -15.63
N THR A 478 5.07 38.90 -16.88
CA THR A 478 4.18 39.63 -17.76
C THR A 478 4.44 39.18 -19.19
N TRP A 479 3.56 39.62 -20.08
CA TRP A 479 3.72 39.34 -21.50
C TRP A 479 3.12 40.48 -22.29
N HIS A 480 3.53 40.57 -23.55
CA HIS A 480 2.94 41.54 -24.47
C HIS A 480 1.42 41.52 -24.34
N ARG A 481 0.81 42.70 -24.51
CA ARG A 481 -0.64 42.80 -24.48
C ARG A 481 -1.20 42.17 -25.74
N TYR A 482 -1.58 40.90 -25.64
CA TYR A 482 -2.04 40.16 -26.80
C TYR A 482 -3.26 40.83 -27.43
N ARG A 483 -3.24 40.94 -28.76
CA ARG A 483 -4.32 41.56 -29.52
C ARG A 483 -4.83 40.59 -30.57
N PRO A 484 -5.90 39.84 -30.30
CA PRO A 484 -6.42 38.91 -31.31
C PRO A 484 -6.96 39.67 -32.51
N PRO A 485 -7.36 38.97 -33.57
CA PRO A 485 -8.01 39.67 -34.69
C PRO A 485 -9.25 40.43 -34.25
N ASP A 486 -10.01 39.89 -33.30
CA ASP A 486 -11.13 40.59 -32.69
C ASP A 486 -10.92 40.56 -31.17
N TYR A 487 -10.90 41.75 -30.56
CA TYR A 487 -10.45 41.85 -29.17
C TYR A 487 -11.36 41.11 -28.21
N ARG A 488 -12.67 41.08 -28.48
CA ARG A 488 -13.59 40.37 -27.61
C ARG A 488 -13.31 38.88 -27.57
N ASP A 489 -12.54 38.35 -28.54
CA ASP A 489 -12.27 36.92 -28.57
C ASP A 489 -11.61 36.46 -27.28
N LEU A 490 -10.39 36.92 -27.02
CA LEU A 490 -9.69 36.51 -25.81
C LEU A 490 -10.50 36.92 -24.58
N ILE A 491 -10.52 36.03 -23.59
CA ILE A 491 -11.25 36.30 -22.35
C ILE A 491 -10.38 36.19 -21.12
N SER A 492 -9.18 35.64 -21.20
CA SER A 492 -8.32 35.50 -20.02
C SER A 492 -6.94 35.04 -20.45
N PHE A 493 -6.06 34.92 -19.47
CA PHE A 493 -4.73 34.38 -19.64
C PHE A 493 -4.43 33.39 -18.52
N THR A 494 -4.03 32.19 -18.89
CA THR A 494 -3.56 31.19 -17.96
C THR A 494 -2.04 31.16 -18.00
N VAL A 495 -1.43 30.85 -16.87
CA VAL A 495 0.01 30.95 -16.71
C VAL A 495 0.49 29.60 -16.18
N TYR A 496 0.83 28.70 -17.09
CA TYR A 496 1.26 27.39 -16.64
C TYR A 496 2.58 27.53 -15.91
N TYR A 497 2.82 26.64 -14.96
CA TYR A 497 4.07 26.72 -14.23
C TYR A 497 4.29 25.45 -13.45
N LYS A 498 5.55 25.08 -13.32
CA LYS A 498 5.94 23.93 -12.52
C LYS A 498 7.44 24.01 -12.27
N GLU A 499 7.91 23.12 -11.41
CA GLU A 499 9.35 22.97 -11.22
C GLU A 499 9.92 22.08 -12.32
N ALA A 500 10.91 22.59 -13.05
CA ALA A 500 11.53 21.88 -14.16
C ALA A 500 13.02 22.14 -14.16
N PRO A 501 13.78 21.39 -13.36
CA PRO A 501 15.23 21.64 -13.30
C PRO A 501 15.93 21.46 -14.64
N PHE A 502 15.40 20.57 -15.49
CA PHE A 502 16.09 20.10 -16.68
C PHE A 502 15.38 20.62 -17.93
N LYS A 503 16.18 20.96 -18.94
CA LYS A 503 15.63 21.56 -20.16
C LYS A 503 14.69 20.61 -20.88
N ASN A 504 14.80 19.31 -20.63
CA ASN A 504 14.01 18.31 -21.34
C ASN A 504 12.57 18.38 -20.84
N VAL A 505 11.83 19.36 -21.36
CA VAL A 505 10.46 19.61 -20.93
C VAL A 505 9.70 20.25 -22.09
N THR A 506 8.42 19.90 -22.21
CA THR A 506 7.57 20.45 -23.26
C THR A 506 6.16 20.59 -22.72
N GLU A 507 5.26 21.09 -23.59
CA GLU A 507 3.93 21.49 -23.14
C GLU A 507 3.13 20.33 -22.61
N TYR A 508 3.16 19.17 -23.27
CA TYR A 508 2.29 18.06 -22.93
C TYR A 508 2.83 17.19 -21.80
N ASP A 509 3.77 17.69 -21.00
CA ASP A 509 4.38 16.85 -19.98
C ASP A 509 3.42 16.46 -18.87
N GLY A 510 2.69 17.43 -18.31
CA GLY A 510 1.92 17.18 -17.10
C GLY A 510 0.61 17.92 -17.01
N GLN A 511 0.06 18.35 -18.14
CA GLN A 511 -1.14 19.20 -18.10
C GLN A 511 -2.33 18.47 -17.48
N ASP A 512 -2.84 17.44 -18.16
CA ASP A 512 -4.03 16.74 -17.68
C ASP A 512 -4.14 15.41 -18.39
N ALA A 513 -4.27 14.32 -17.62
CA ALA A 513 -4.53 12.98 -18.16
C ALA A 513 -3.71 12.72 -19.42
N CYS A 514 -4.28 13.05 -20.58
CA CYS A 514 -3.52 12.95 -21.82
C CYS A 514 -2.26 13.80 -21.75
N GLY A 515 -2.34 14.97 -21.11
CA GLY A 515 -1.17 15.76 -20.81
C GLY A 515 -0.47 15.37 -19.52
N SER A 516 -0.99 14.37 -18.80
CA SER A 516 -0.43 13.93 -17.52
C SER A 516 -0.79 14.92 -16.42
N ASN A 517 -0.34 14.67 -15.19
CA ASN A 517 -0.70 15.51 -14.04
C ASN A 517 0.58 15.96 -13.33
N SER A 518 1.20 17.02 -13.85
CA SER A 518 2.28 17.68 -13.14
C SER A 518 2.23 19.20 -13.20
N TRP A 519 1.59 19.79 -14.19
CA TRP A 519 1.59 21.24 -14.36
C TRP A 519 0.52 21.86 -13.46
N ASN A 520 0.96 22.64 -12.47
CA ASN A 520 0.04 23.30 -11.55
C ASN A 520 -0.57 24.52 -12.22
N MET A 521 -1.86 24.46 -12.50
CA MET A 521 -2.53 25.47 -13.29
C MET A 521 -2.77 26.72 -12.46
N VAL A 522 -2.93 27.84 -13.16
CA VAL A 522 -3.45 29.07 -12.58
C VAL A 522 -4.01 29.91 -13.72
N ASP A 523 -5.02 30.70 -13.41
CA ASP A 523 -5.58 31.65 -14.36
C ASP A 523 -5.60 33.03 -13.73
N VAL A 524 -5.54 34.05 -14.59
CA VAL A 524 -5.65 35.44 -14.17
C VAL A 524 -6.17 36.23 -15.36
N ASP A 525 -6.92 37.28 -15.07
CA ASP A 525 -7.58 38.07 -16.10
C ASP A 525 -6.79 39.33 -16.41
N LEU A 526 -6.93 39.81 -17.64
CA LEU A 526 -6.32 41.07 -18.03
C LEU A 526 -6.94 42.20 -17.21
N PRO A 527 -6.13 43.12 -16.66
CA PRO A 527 -6.70 44.18 -15.83
C PRO A 527 -7.55 45.12 -16.67
N PRO A 528 -8.49 45.83 -16.05
CA PRO A 528 -9.42 46.65 -16.84
C PRO A 528 -8.74 47.69 -17.72
N ASN A 529 -7.65 48.30 -17.24
CA ASN A 529 -7.00 49.36 -17.99
C ASN A 529 -6.24 48.78 -19.17
N LYS A 530 -6.63 49.16 -20.38
CA LYS A 530 -5.92 48.73 -21.57
C LYS A 530 -4.50 49.27 -21.63
N ASP A 531 -4.19 50.29 -20.83
CA ASP A 531 -2.85 50.87 -20.81
C ASP A 531 -1.87 50.06 -19.97
N VAL A 532 -2.36 49.12 -19.17
CA VAL A 532 -1.51 48.25 -18.35
C VAL A 532 -1.50 46.87 -19.00
N GLU A 533 -0.32 46.46 -19.47
CA GLU A 533 -0.18 45.15 -20.08
C GLU A 533 -0.37 44.05 -19.04
N PRO A 534 -0.79 42.86 -19.46
CA PRO A 534 -1.11 41.80 -18.49
C PRO A 534 0.09 41.44 -17.62
N GLY A 535 -0.21 41.12 -16.37
CA GLY A 535 0.81 40.67 -15.44
C GLY A 535 0.20 39.79 -14.38
N ILE A 536 1.02 38.87 -13.87
CA ILE A 536 0.61 37.94 -12.82
C ILE A 536 1.70 37.87 -11.76
N LEU A 537 1.26 37.54 -10.54
CA LEU A 537 2.14 37.37 -9.40
C LEU A 537 2.09 35.91 -8.97
N LEU A 538 3.02 35.11 -9.49
CA LEU A 538 3.17 33.75 -9.03
C LEU A 538 3.94 33.78 -7.72
N HIS A 539 3.69 32.81 -6.85
CA HIS A 539 4.19 32.92 -5.49
C HIS A 539 4.33 31.54 -4.88
N GLY A 540 5.05 31.51 -3.76
CA GLY A 540 5.22 30.27 -3.00
C GLY A 540 5.92 29.18 -3.77
N LEU A 541 7.01 29.50 -4.46
CA LEU A 541 7.71 28.53 -5.27
C LEU A 541 8.76 27.78 -4.45
N LYS A 542 8.77 26.47 -4.61
CA LYS A 542 9.71 25.63 -3.88
C LYS A 542 11.14 25.93 -4.33
N PRO A 543 12.08 26.17 -3.42
CA PRO A 543 13.44 26.55 -3.81
C PRO A 543 14.23 25.42 -4.47
N TRP A 544 15.27 25.81 -5.22
CA TRP A 544 16.07 24.90 -6.05
C TRP A 544 15.34 24.31 -7.25
N THR A 545 14.74 25.14 -8.10
CA THR A 545 14.37 24.63 -9.42
C THR A 545 14.46 25.74 -10.47
N GLN A 546 14.76 25.33 -11.70
CA GLN A 546 14.65 26.19 -12.87
C GLN A 546 13.16 26.25 -13.22
N TYR A 547 12.45 27.16 -12.56
CA TYR A 547 10.99 27.07 -12.46
C TYR A 547 10.37 27.37 -13.82
N ALA A 548 10.00 26.32 -14.55
CA ALA A 548 9.53 26.50 -15.91
C ALA A 548 8.24 27.30 -15.91
N VAL A 549 7.93 27.87 -17.06
CA VAL A 549 6.75 28.71 -17.22
C VAL A 549 6.38 28.69 -18.69
N TYR A 550 5.11 28.94 -18.97
CA TYR A 550 4.71 29.34 -20.31
C TYR A 550 3.30 29.89 -20.22
N VAL A 551 2.87 30.51 -21.30
CA VAL A 551 1.61 31.23 -21.37
C VAL A 551 0.84 30.72 -22.57
N LYS A 552 -0.44 30.44 -22.36
CA LYS A 552 -1.37 30.14 -23.44
C LYS A 552 -2.55 31.08 -23.35
N ALA A 553 -2.87 31.73 -24.46
CA ALA A 553 -4.03 32.62 -24.50
C ALA A 553 -5.28 31.81 -24.78
N VAL A 554 -6.08 31.58 -23.75
CA VAL A 554 -7.35 30.88 -23.90
C VAL A 554 -8.33 31.83 -24.56
N THR A 555 -9.10 31.32 -25.52
CA THR A 555 -9.94 32.15 -26.36
C THR A 555 -11.29 31.46 -26.57
N LEU A 556 -12.06 31.99 -27.50
CA LEU A 556 -13.41 31.50 -27.82
C LEU A 556 -13.44 31.17 -29.31
N THR A 557 -13.11 29.92 -29.63
CA THR A 557 -13.02 29.49 -31.03
C THR A 557 -14.43 29.24 -31.56
N MET A 558 -14.83 30.05 -32.53
CA MET A 558 -16.16 29.94 -33.12
C MET A 558 -16.24 30.86 -34.33
N VAL A 559 -17.33 30.73 -35.09
CA VAL A 559 -17.67 31.63 -36.17
C VAL A 559 -16.69 31.47 -37.33
N GLU A 560 -15.40 31.63 -37.06
CA GLU A 560 -14.36 31.54 -38.07
C GLU A 560 -13.41 30.38 -37.86
N ASN A 561 -13.54 29.65 -36.75
CA ASN A 561 -12.75 28.46 -36.50
C ASN A 561 -11.25 28.73 -36.59
N ASP A 562 -10.60 28.23 -37.64
CA ASP A 562 -9.15 28.32 -37.73
C ASP A 562 -8.65 29.75 -37.63
N HIS A 563 -9.44 30.72 -38.10
CA HIS A 563 -9.02 32.11 -38.05
C HIS A 563 -8.80 32.58 -36.62
N ILE A 564 -9.37 31.90 -35.63
CA ILE A 564 -9.12 32.23 -34.23
C ILE A 564 -7.70 31.76 -33.92
N ARG A 565 -6.77 32.70 -33.85
CA ARG A 565 -5.36 32.39 -34.05
C ARG A 565 -4.72 31.68 -32.84
N GLY A 566 -5.25 31.85 -31.64
CA GLY A 566 -4.65 31.23 -30.48
C GLY A 566 -3.21 31.70 -30.27
N ALA A 567 -2.55 31.26 -29.20
CA ALA A 567 -1.19 31.74 -28.95
C ALA A 567 -0.54 30.95 -27.82
N LYS A 568 0.79 30.95 -27.84
CA LYS A 568 1.58 30.27 -26.83
C LYS A 568 3.03 30.76 -26.87
N SER A 569 3.49 31.38 -25.79
CA SER A 569 4.86 31.87 -25.75
C SER A 569 5.84 30.71 -25.70
N GLU A 570 7.12 31.04 -25.80
CA GLU A 570 8.15 30.03 -25.69
C GLU A 570 8.23 29.50 -24.27
N ILE A 571 8.84 28.32 -24.13
CA ILE A 571 8.98 27.70 -22.83
C ILE A 571 10.22 28.27 -22.17
N LEU A 572 10.09 29.45 -21.59
CA LEU A 572 11.19 30.00 -20.82
C LEU A 572 11.37 29.16 -19.56
N TYR A 573 12.53 29.32 -18.93
CA TYR A 573 12.92 28.48 -17.82
C TYR A 573 13.51 29.33 -16.70
N ILE A 574 12.77 30.35 -16.28
CA ILE A 574 13.19 31.23 -15.19
C ILE A 574 13.70 30.40 -14.03
N ARG A 575 14.68 30.92 -13.30
CA ARG A 575 15.30 30.17 -12.22
C ARG A 575 15.53 31.07 -11.01
N THR A 576 16.36 30.62 -10.08
CA THR A 576 16.53 31.25 -8.78
C THR A 576 17.18 32.62 -8.91
N ASN A 577 16.98 33.45 -7.88
CA ASN A 577 17.08 34.90 -7.91
C ASN A 577 15.93 35.56 -8.67
N ALA A 578 15.21 34.73 -9.42
CA ALA A 578 13.77 34.93 -9.54
C ALA A 578 13.10 34.37 -8.29
N SER A 579 13.54 33.20 -7.87
CA SER A 579 13.38 32.74 -6.50
C SER A 579 14.72 32.92 -5.75
N VAL A 580 14.99 34.17 -5.40
CA VAL A 580 16.17 34.62 -4.66
C VAL A 580 16.41 33.76 -3.42
N PRO A 581 17.67 33.57 -2.97
CA PRO A 581 18.03 32.36 -2.18
C PRO A 581 17.95 32.44 -0.66
N SER A 582 18.33 31.32 0.00
CA SER A 582 18.07 31.07 1.42
C SER A 582 18.99 30.03 2.09
N ILE A 583 18.55 29.50 3.23
CA ILE A 583 19.35 28.98 4.35
C ILE A 583 19.93 27.57 4.22
N PRO A 584 20.70 27.11 5.26
CA PRO A 584 21.26 25.74 5.28
C PRO A 584 20.38 24.65 5.93
N LEU A 585 20.93 23.44 5.99
CA LEU A 585 20.33 22.28 6.68
C LEU A 585 21.39 21.47 7.40
N ASP A 586 20.90 20.53 8.22
CA ASP A 586 21.55 19.25 8.53
C ASP A 586 23.04 19.37 8.84
N VAL A 587 23.37 20.01 9.94
CA VAL A 587 24.76 20.28 10.29
C VAL A 587 25.25 19.20 11.24
N LEU A 588 26.45 18.67 10.96
CA LEU A 588 27.09 17.72 11.86
C LEU A 588 28.60 17.90 11.77
N SER A 589 29.31 17.36 12.75
CA SER A 589 30.75 17.51 12.80
C SER A 589 31.30 16.65 13.93
N ALA A 590 32.62 16.66 14.05
CA ALA A 590 33.31 15.96 15.12
C ALA A 590 34.73 16.53 15.20
N SER A 591 35.46 16.13 16.23
CA SER A 591 36.84 16.57 16.45
C SER A 591 37.72 15.33 16.47
N ASN A 592 38.28 14.98 15.31
CA ASN A 592 39.19 13.85 15.22
C ASN A 592 40.49 14.09 15.97
N SER A 593 40.98 15.34 15.98
CA SER A 593 42.26 15.65 16.59
C SER A 593 42.19 17.04 17.21
N SER A 594 43.12 17.28 18.14
CA SER A 594 43.19 18.59 18.79
C SER A 594 43.48 19.67 17.76
N SER A 595 42.86 20.82 17.95
CA SER A 595 43.02 21.93 17.02
C SER A 595 42.52 21.56 15.63
N GLN A 596 41.74 20.48 15.55
CA GLN A 596 41.19 20.01 14.28
C GLN A 596 39.74 19.61 14.50
N LEU A 597 38.89 19.91 13.52
CA LEU A 597 37.47 19.64 13.61
C LEU A 597 36.91 19.46 12.21
N ILE A 598 36.38 18.28 11.93
CA ILE A 598 35.79 17.95 10.64
C ILE A 598 34.32 18.33 10.69
N VAL A 599 33.86 19.04 9.67
CA VAL A 599 32.48 19.51 9.57
C VAL A 599 31.87 18.92 8.31
N LYS A 600 30.70 18.32 8.45
CA LYS A 600 29.99 17.76 7.32
C LYS A 600 28.50 17.97 7.53
N TRP A 601 27.82 18.37 6.46
CA TRP A 601 26.38 18.59 6.49
C TRP A 601 25.79 18.03 5.22
N ASN A 602 24.54 18.36 4.97
CA ASN A 602 23.81 17.90 3.81
C ASN A 602 23.30 19.11 3.03
N PRO A 603 22.91 18.92 1.78
CA PRO A 603 22.38 20.04 1.01
C PRO A 603 21.14 20.62 1.69
N PRO A 604 20.96 21.93 1.61
CA PRO A 604 19.80 22.56 2.26
C PRO A 604 18.48 22.34 1.53
N SER A 605 17.40 22.68 2.24
CA SER A 605 16.06 22.47 1.73
C SER A 605 15.52 23.64 0.89
N LEU A 606 15.68 24.88 1.37
CA LEU A 606 14.93 26.01 0.84
C LEU A 606 15.83 27.19 0.47
N PRO A 607 17.01 26.94 -0.13
CA PRO A 607 17.96 28.03 -0.33
C PRO A 607 17.77 28.79 -1.61
N ASN A 608 16.86 28.34 -2.46
CA ASN A 608 16.40 29.16 -3.58
C ASN A 608 17.57 29.62 -4.44
N GLY A 609 18.27 28.66 -5.04
CA GLY A 609 19.45 28.97 -5.81
C GLY A 609 19.88 27.79 -6.65
N ASN A 610 21.20 27.60 -6.71
CA ASN A 610 21.80 26.41 -7.29
C ASN A 610 23.17 26.27 -6.65
N LEU A 611 23.80 25.12 -6.84
CA LEU A 611 25.05 24.86 -6.16
C LEU A 611 26.02 25.99 -6.44
N SER A 612 26.25 26.85 -5.43
CA SER A 612 27.21 27.94 -5.54
C SER A 612 28.34 27.77 -4.54
N TYR A 613 28.03 27.70 -3.24
CA TYR A 613 29.03 27.52 -2.21
C TYR A 613 28.33 27.49 -0.84
N TYR A 614 29.12 27.33 0.22
CA TYR A 614 28.63 27.45 1.58
C TYR A 614 29.52 28.42 2.33
N ILE A 615 29.04 28.86 3.50
CA ILE A 615 29.85 29.67 4.41
C ILE A 615 29.65 29.12 5.81
N VAL A 616 30.72 29.09 6.59
CA VAL A 616 30.67 28.61 7.97
C VAL A 616 31.44 29.59 8.84
N ARG A 617 30.75 30.12 9.84
CA ARG A 617 31.38 30.98 10.84
C ARG A 617 31.53 30.17 12.11
N TRP A 618 32.72 30.19 12.70
CA TRP A 618 32.91 29.52 13.98
C TRP A 618 33.49 30.50 14.97
N GLN A 619 32.94 30.48 16.18
CA GLN A 619 33.34 31.37 17.24
C GLN A 619 33.67 30.57 18.48
N ARG A 620 34.83 30.86 19.06
CA ARG A 620 35.17 30.30 20.35
C ARG A 620 34.16 30.76 21.39
N GLN A 621 33.64 29.82 22.16
CA GLN A 621 32.59 30.12 23.12
C GLN A 621 33.12 30.05 24.53
N PRO A 622 32.52 30.82 25.44
CA PRO A 622 33.13 30.99 26.77
C PRO A 622 32.98 29.78 27.65
N GLN A 623 34.04 29.50 28.42
CA GLN A 623 33.93 28.60 29.55
C GLN A 623 33.17 29.34 30.64
N ASP A 624 31.89 29.00 30.79
CA ASP A 624 30.99 29.77 31.64
C ASP A 624 31.61 30.05 33.00
N GLY A 625 31.57 31.32 33.40
CA GLY A 625 31.99 31.67 34.74
C GLY A 625 31.24 30.90 35.80
N TYR A 626 30.05 30.41 35.46
CA TYR A 626 29.28 29.54 36.33
C TYR A 626 30.14 28.48 37.00
N LEU A 627 30.73 27.60 36.21
CA LEU A 627 31.41 26.43 36.78
C LEU A 627 32.59 26.85 37.63
N TYR A 628 33.20 28.00 37.33
CA TYR A 628 34.33 28.48 38.11
C TYR A 628 33.96 28.60 39.58
N ARG A 629 32.80 29.20 39.88
CA ARG A 629 32.43 29.52 41.24
C ARG A 629 31.85 28.32 41.99
N HIS A 630 32.00 27.10 41.48
CA HIS A 630 31.39 25.92 42.09
C HIS A 630 32.45 24.98 42.62
N ASN A 631 32.34 24.64 43.89
CA ASN A 631 33.25 23.67 44.53
C ASN A 631 32.74 22.27 44.22
N TYR A 632 33.36 21.63 43.23
CA TYR A 632 32.98 20.27 42.86
C TYR A 632 33.63 19.21 43.74
N CYS A 633 34.54 19.60 44.62
CA CYS A 633 35.05 18.64 45.60
C CYS A 633 33.94 18.18 46.54
N SER A 634 32.94 19.02 46.79
CA SER A 634 31.83 18.67 47.66
C SER A 634 30.47 18.65 46.94
N LYS A 635 30.36 19.29 45.78
CA LYS A 635 29.10 19.28 45.05
C LYS A 635 28.79 17.87 44.57
N ASP A 636 27.52 17.47 44.70
CA ASP A 636 27.11 16.12 44.32
C ASP A 636 25.83 16.07 43.49
N LYS A 637 24.97 17.08 43.53
CA LYS A 637 23.70 17.07 42.79
C LYS A 637 22.77 15.95 43.28
N ILE A 638 21.55 15.95 42.78
CA ILE A 638 20.57 14.90 43.11
C ILE A 638 19.65 14.71 41.91
N PRO A 639 19.46 13.48 41.42
CA PRO A 639 18.52 13.27 40.31
C PRO A 639 17.08 13.40 40.75
N ILE A 640 16.19 13.53 39.76
CA ILE A 640 14.75 13.62 39.99
C ILE A 640 14.06 12.74 38.95
N ARG A 641 12.86 12.27 39.28
CA ARG A 641 12.10 11.44 38.35
C ARG A 641 10.61 11.53 38.66
N LYS A 642 9.82 11.25 37.62
CA LYS A 642 8.35 11.09 37.66
C LYS A 642 7.77 11.67 36.38
N LYS A 666 4.60 -8.75 7.15
CA LYS A 666 5.52 -9.54 7.96
C LYS A 666 6.85 -8.81 8.11
N GLY A 667 6.97 -8.01 9.17
CA GLY A 667 8.16 -7.23 9.39
C GLY A 667 8.55 -7.14 10.85
N PRO A 668 8.88 -5.92 11.30
CA PRO A 668 9.40 -5.74 12.66
C PRO A 668 8.44 -6.16 13.76
N CYS A 669 7.23 -6.60 13.41
CA CYS A 669 6.30 -6.92 14.49
C CYS A 669 6.57 -8.28 15.11
N CYS A 670 7.55 -9.03 14.62
CA CYS A 670 8.09 -10.12 15.41
C CYS A 670 8.56 -9.59 16.76
N ALA A 671 8.98 -8.32 16.77
CA ALA A 671 9.27 -7.59 18.01
C ALA A 671 8.69 -6.18 17.94
N CYS A 672 7.47 -6.08 17.42
CA CYS A 672 6.81 -4.79 17.25
C CYS A 672 6.46 -4.17 18.60
N PRO A 673 6.96 -2.98 18.88
CA PRO A 673 6.57 -2.28 20.12
C PRO A 673 5.12 -1.82 20.07
N LYS A 674 4.75 -1.15 18.99
CA LYS A 674 3.39 -0.61 18.83
C LYS A 674 3.24 -0.10 17.40
N THR A 675 2.04 0.35 17.06
CA THR A 675 1.74 0.93 15.75
C THR A 675 1.31 2.38 16.00
N GLU A 676 2.16 3.32 15.60
CA GLU A 676 1.89 4.73 15.86
C GLU A 676 0.91 5.30 14.84
N ALA A 677 -0.35 4.85 14.91
CA ALA A 677 -1.39 5.41 14.07
C ALA A 677 -1.64 6.89 14.37
N GLU A 678 -0.99 7.43 15.40
CA GLU A 678 -1.11 8.85 15.74
C GLU A 678 -0.23 9.68 14.81
N LYS A 679 0.23 9.06 13.72
CA LYS A 679 1.00 9.79 12.73
C LYS A 679 0.34 11.11 12.38
N GLN A 680 -0.99 11.16 12.40
CA GLN A 680 -1.68 12.43 12.19
C GLN A 680 -1.37 13.42 13.30
N ALA A 681 -1.35 12.95 14.56
CA ALA A 681 -1.08 13.84 15.69
C ALA A 681 0.35 14.38 15.63
N GLU A 682 1.31 13.51 15.34
CA GLU A 682 2.65 13.98 15.06
C GLU A 682 2.63 14.98 13.92
N LYS A 683 1.74 14.79 12.95
CA LYS A 683 1.61 15.74 11.85
C LYS A 683 1.22 17.12 12.35
N GLU A 684 0.18 17.19 13.20
CA GLU A 684 -0.20 18.51 13.70
C GLU A 684 0.91 19.12 14.53
N GLU A 685 1.55 18.33 15.40
CA GLU A 685 2.60 18.91 16.24
C GLU A 685 3.75 19.44 15.40
N ALA A 686 4.18 18.65 14.42
CA ALA A 686 5.28 19.08 13.56
C ALA A 686 4.90 20.30 12.72
N GLU A 687 3.67 20.31 12.19
CA GLU A 687 3.25 21.45 11.39
C GLU A 687 3.13 22.71 12.24
N TYR A 688 2.71 22.56 13.49
CA TYR A 688 2.71 23.70 14.41
C TYR A 688 4.13 24.17 14.66
N ARG A 689 5.08 23.23 14.72
CA ARG A 689 6.48 23.62 14.86
C ARG A 689 6.93 24.44 13.66
N LYS A 690 6.58 24.00 12.44
CA LYS A 690 6.97 24.77 11.26
C LYS A 690 6.25 26.11 11.17
N VAL A 691 5.00 26.20 11.64
CA VAL A 691 4.34 27.50 11.64
C VAL A 691 5.03 28.43 12.63
N PHE A 692 5.44 27.88 13.77
CA PHE A 692 6.31 28.62 14.67
C PHE A 692 7.57 29.09 13.96
N GLU A 693 8.20 28.20 13.17
CA GLU A 693 9.43 28.58 12.47
C GLU A 693 9.18 29.66 11.43
N ASN A 694 8.04 29.62 10.75
CA ASN A 694 7.73 30.62 9.73
C ASN A 694 7.49 31.99 10.36
N PHE A 695 6.58 32.07 11.33
CA PHE A 695 6.38 33.32 12.05
C PHE A 695 7.65 33.71 12.81
N LEU A 696 8.55 32.76 13.01
CA LEU A 696 9.85 33.00 13.60
C LEU A 696 10.75 33.78 12.67
N HIS A 697 11.09 33.19 11.53
CA HIS A 697 12.01 33.78 10.56
C HIS A 697 11.40 34.93 9.79
N ASN A 698 10.09 35.17 9.92
CA ASN A 698 9.53 36.41 9.40
C ASN A 698 10.19 37.61 10.09
N SER A 699 10.34 37.55 11.41
CA SER A 699 10.96 38.62 12.16
C SER A 699 12.13 38.18 13.04
N ILE A 700 12.67 36.97 12.83
CA ILE A 700 14.00 36.68 13.36
C ILE A 700 15.02 37.62 12.75
N PHE A 701 14.98 37.80 11.43
CA PHE A 701 15.80 38.77 10.72
C PHE A 701 14.88 39.87 10.22
N VAL A 702 14.96 41.04 10.86
CA VAL A 702 14.18 42.20 10.46
C VAL A 702 14.47 42.46 8.99
N PRO A 703 13.66 43.28 8.30
CA PRO A 703 13.83 43.45 6.85
C PRO A 703 15.30 43.49 6.44
N ARG A 704 15.70 42.52 5.61
CA ARG A 704 17.11 42.28 5.30
C ARG A 704 17.24 42.19 3.78
N PRO A 705 17.17 43.32 3.07
CA PRO A 705 17.30 43.36 1.62
C PRO A 705 18.76 43.37 1.16
N GLU A 744 33.12 37.03 23.52
CA GLU A 744 34.47 37.14 24.06
C GLU A 744 35.50 36.54 23.11
N TYR A 745 35.13 36.40 21.84
CA TYR A 745 36.01 35.80 20.85
C TYR A 745 35.62 36.31 19.48
N PRO A 746 36.56 36.31 18.52
CA PRO A 746 36.24 36.75 17.16
C PRO A 746 35.79 35.61 16.26
N PHE A 747 34.95 35.97 15.30
CA PHE A 747 34.38 35.00 14.37
C PHE A 747 35.41 34.67 13.29
N PHE A 748 35.56 33.38 12.99
CA PHE A 748 36.48 32.93 11.96
C PHE A 748 35.70 32.26 10.83
N GLU A 749 36.18 32.48 9.60
CA GLU A 749 35.41 32.19 8.40
C GLU A 749 36.28 31.47 7.38
N SER A 750 35.67 30.50 6.70
CA SER A 750 36.34 29.83 5.58
C SER A 750 35.25 29.33 4.64
N ARG A 751 34.98 30.10 3.58
CA ARG A 751 33.91 29.76 2.66
C ARG A 751 34.22 28.44 1.97
N VAL A 752 33.31 27.47 2.09
CA VAL A 752 33.45 26.25 1.32
C VAL A 752 33.16 26.54 -0.15
N ASP A 753 33.70 25.68 -1.03
CA ASP A 753 33.66 25.97 -2.47
C ASP A 753 32.43 25.38 -3.15
N ASN A 754 32.33 24.05 -3.20
CA ASN A 754 31.26 23.40 -3.93
C ASN A 754 30.55 22.29 -3.17
N LYS A 755 31.18 21.63 -2.21
CA LYS A 755 30.62 20.46 -1.56
C LYS A 755 30.01 20.83 -0.21
N GLU A 756 29.52 19.80 0.48
CA GLU A 756 28.89 19.94 1.79
C GLU A 756 29.80 19.46 2.91
N ARG A 757 31.11 19.70 2.78
CA ARG A 757 32.08 19.23 3.76
C ARG A 757 33.20 20.25 3.88
N THR A 758 33.88 20.22 5.02
CA THR A 758 35.05 21.08 5.24
C THR A 758 35.69 20.67 6.55
N VAL A 759 36.76 21.37 6.90
CA VAL A 759 37.48 21.12 8.14
C VAL A 759 38.07 22.44 8.64
N ILE A 760 38.20 22.55 9.96
CA ILE A 760 38.76 23.72 10.61
C ILE A 760 39.95 23.28 11.44
N SER A 761 41.05 24.02 11.35
CA SER A 761 42.25 23.70 12.09
C SER A 761 42.66 24.86 12.98
N ASN A 762 43.82 24.74 13.65
CA ASN A 762 44.38 25.83 14.45
C ASN A 762 43.39 26.30 15.51
N LEU A 763 42.90 25.34 16.29
CA LEU A 763 41.94 25.61 17.36
C LEU A 763 42.54 25.17 18.70
N ARG A 764 42.06 25.80 19.77
CA ARG A 764 42.58 25.46 21.09
C ARG A 764 42.25 24.01 21.40
N PRO A 765 43.17 23.28 22.03
CA PRO A 765 42.98 21.82 22.15
C PRO A 765 41.65 21.40 22.75
N PHE A 766 41.13 22.11 23.75
CA PHE A 766 39.91 21.68 24.44
C PHE A 766 38.96 22.86 24.62
N THR A 767 38.74 23.62 23.56
CA THR A 767 37.78 24.72 23.57
C THR A 767 36.54 24.33 22.80
N LEU A 768 35.39 24.76 23.30
CA LEU A 768 34.12 24.53 22.63
C LEU A 768 33.86 25.65 21.63
N TYR A 769 33.31 25.28 20.48
CA TYR A 769 33.09 26.20 19.37
C TYR A 769 31.62 26.20 19.00
N ARG A 770 31.08 27.40 18.80
CA ARG A 770 29.76 27.55 18.20
C ARG A 770 29.93 27.76 16.71
N ILE A 771 29.20 26.98 15.92
CA ILE A 771 29.34 26.95 14.48
C ILE A 771 28.01 27.44 13.93
N ASP A 772 27.99 28.67 13.43
CA ASP A 772 26.93 29.12 12.56
C ASP A 772 27.25 28.66 11.14
N ILE A 773 26.21 28.33 10.39
CA ILE A 773 26.38 27.89 9.02
C ILE A 773 25.41 28.71 8.17
N HIS A 774 25.92 29.28 7.09
CA HIS A 774 25.16 30.14 6.19
C HIS A 774 25.17 29.52 4.80
N SER A 775 23.99 29.48 4.16
CA SER A 775 23.86 28.96 2.81
C SER A 775 24.06 30.11 1.84
N CYS A 776 25.16 30.84 2.04
CA CYS A 776 25.51 31.93 1.16
C CYS A 776 25.73 31.37 -0.24
N ASN A 777 25.32 32.13 -1.24
CA ASN A 777 25.02 31.59 -2.56
C ASN A 777 25.41 32.60 -3.64
N HIS A 778 24.99 32.31 -4.87
CA HIS A 778 25.31 33.14 -6.02
C HIS A 778 24.88 34.58 -5.80
N GLU A 779 23.66 34.78 -5.28
CA GLU A 779 23.09 36.11 -5.13
C GLU A 779 22.97 36.51 -3.66
N ALA A 780 23.81 35.94 -2.80
CA ALA A 780 23.84 36.39 -1.41
C ALA A 780 24.42 37.79 -1.27
N GLU A 781 25.03 38.33 -2.32
CA GLU A 781 25.62 39.66 -2.25
C GLU A 781 24.56 40.76 -2.28
N LYS A 782 23.52 40.59 -3.10
CA LYS A 782 22.51 41.63 -3.24
C LYS A 782 21.59 41.66 -2.03
N LEU A 783 20.86 40.58 -1.79
CA LEU A 783 19.85 40.53 -0.74
C LEU A 783 20.35 39.83 0.52
N GLY A 784 21.62 39.96 0.84
CA GLY A 784 22.18 39.38 2.05
C GLY A 784 22.30 37.88 1.97
N CYS A 785 22.83 37.30 3.05
CA CYS A 785 22.93 35.85 3.16
C CYS A 785 21.76 35.32 3.99
N SER A 786 21.68 34.00 4.10
CA SER A 786 20.49 33.36 4.63
C SER A 786 20.61 33.12 6.14
N ALA A 787 19.49 32.70 6.73
CA ALA A 787 19.44 32.42 8.16
C ALA A 787 20.47 31.36 8.54
N SER A 788 20.78 31.30 9.83
CA SER A 788 21.91 30.53 10.33
C SER A 788 21.43 29.41 11.23
N ASN A 789 21.47 28.18 10.73
CA ASN A 789 21.45 27.02 11.60
C ASN A 789 22.81 26.87 12.24
N PHE A 790 22.84 26.43 13.49
CA PHE A 790 24.10 26.36 14.22
C PHE A 790 24.17 25.09 15.02
N VAL A 791 25.37 24.84 15.55
CA VAL A 791 25.62 23.68 16.40
C VAL A 791 26.93 23.92 17.13
N PHE A 792 27.04 23.38 18.34
CA PHE A 792 28.24 23.52 19.15
C PHE A 792 28.98 22.19 19.21
N ALA A 793 30.31 22.27 19.26
CA ALA A 793 31.11 21.06 19.33
C ALA A 793 32.45 21.38 20.01
N ARG A 794 33.05 20.35 20.58
CA ARG A 794 34.29 20.51 21.33
C ARG A 794 35.45 19.85 20.59
N THR A 795 36.65 20.37 20.83
CA THR A 795 37.86 19.83 20.25
C THR A 795 38.37 18.65 21.09
N MET A 796 39.25 17.85 20.49
CA MET A 796 39.80 16.71 21.20
C MET A 796 40.88 17.20 22.16
N PRO A 797 40.83 16.83 23.43
CA PRO A 797 41.72 17.45 24.42
C PRO A 797 43.19 17.26 24.07
N ALA A 798 44.01 18.24 24.44
CA ALA A 798 45.44 18.06 24.31
C ALA A 798 45.85 16.87 25.15
N GLU A 799 46.20 15.77 24.50
CA GLU A 799 46.53 14.55 25.22
C GLU A 799 47.87 14.71 25.93
N GLY A 800 47.89 14.37 27.22
CA GLY A 800 49.07 14.54 28.03
C GLY A 800 49.28 15.92 28.58
N ALA A 801 48.51 16.92 28.11
CA ALA A 801 48.55 18.24 28.73
C ALA A 801 47.92 18.26 30.11
N ASP A 802 47.24 17.18 30.50
CA ASP A 802 46.58 17.09 31.80
C ASP A 802 47.52 16.57 32.89
N ASP A 803 48.77 16.26 32.56
CA ASP A 803 49.73 15.85 33.57
C ASP A 803 50.39 17.08 34.20
N ILE A 804 50.90 16.88 35.41
CA ILE A 804 51.45 17.99 36.20
C ILE A 804 52.71 18.52 35.52
N PRO A 805 52.91 19.83 35.43
CA PRO A 805 54.12 20.37 34.80
C PRO A 805 55.32 20.52 35.71
N GLY A 806 55.13 20.53 37.03
CA GLY A 806 56.24 20.73 37.95
C GLY A 806 56.10 19.94 39.23
N PRO A 807 57.19 19.87 40.00
CA PRO A 807 57.21 18.98 41.17
C PRO A 807 56.38 19.52 42.32
N VAL A 808 56.14 18.62 43.28
CA VAL A 808 55.39 18.94 44.49
C VAL A 808 56.37 19.24 45.61
N THR A 809 55.94 20.06 46.56
CA THR A 809 56.73 20.42 47.73
C THR A 809 55.89 20.19 48.99
N TRP A 810 56.53 19.69 50.04
CA TRP A 810 55.87 19.41 51.30
C TRP A 810 56.59 20.14 52.42
N GLU A 811 55.81 20.59 53.40
CA GLU A 811 56.32 21.35 54.53
C GLU A 811 55.66 20.85 55.80
N PRO A 812 56.38 20.86 56.92
CA PRO A 812 55.75 20.49 58.19
C PRO A 812 54.88 21.60 58.74
N ARG A 813 53.98 21.23 59.64
CA ARG A 813 53.05 22.15 60.26
C ARG A 813 52.67 21.59 61.63
N PRO A 814 52.31 22.45 62.59
CA PRO A 814 52.01 21.96 63.94
C PRO A 814 50.85 20.98 63.93
N GLU A 815 50.65 20.35 65.08
CA GLU A 815 49.60 19.34 65.25
C GLU A 815 49.82 18.18 64.28
N ASN A 816 51.07 17.83 64.05
CA ASN A 816 51.44 16.72 63.16
C ASN A 816 50.81 16.91 61.78
N SER A 817 50.89 18.13 61.27
CA SER A 817 50.26 18.48 60.00
C SER A 817 51.31 18.64 58.91
N ILE A 818 50.85 18.55 57.66
CA ILE A 818 51.70 18.73 56.49
C ILE A 818 50.99 19.62 55.48
N PHE A 819 51.67 20.67 55.04
CA PHE A 819 51.19 21.52 53.97
C PHE A 819 51.83 21.07 52.66
N LEU A 820 51.01 20.91 51.63
CA LEU A 820 51.49 20.51 50.31
C LEU A 820 51.23 21.64 49.33
N LYS A 821 52.26 22.01 48.57
CA LYS A 821 52.16 23.03 47.53
C LYS A 821 52.70 22.45 46.24
N TRP A 822 52.32 23.04 45.11
CA TRP A 822 52.74 22.53 43.83
C TRP A 822 52.38 23.56 42.76
N PRO A 823 52.95 23.43 41.56
CA PRO A 823 52.56 24.31 40.46
C PRO A 823 51.27 23.85 39.79
N GLU A 824 50.83 24.64 38.82
CA GLU A 824 49.54 24.41 38.17
C GLU A 824 49.73 24.19 36.67
N PRO A 825 48.86 23.43 36.02
CA PRO A 825 49.06 23.16 34.59
C PRO A 825 49.13 24.45 33.78
N GLU A 826 50.04 24.45 32.80
CA GLU A 826 50.27 25.65 32.00
C GLU A 826 49.09 25.93 31.08
N ASN A 827 48.59 24.92 30.39
CA ASN A 827 47.51 25.06 29.42
C ASN A 827 46.46 24.00 29.70
N PRO A 828 45.75 24.11 30.82
CA PRO A 828 44.74 23.11 31.15
C PRO A 828 43.68 23.01 30.06
N ASN A 829 43.19 21.79 29.84
CA ASN A 829 42.20 21.52 28.81
C ASN A 829 40.82 21.77 29.40
N GLY A 830 40.21 22.89 29.00
CA GLY A 830 38.91 23.28 29.52
C GLY A 830 39.02 24.01 30.84
N LEU A 831 39.28 23.25 31.91
CA LEU A 831 39.46 23.85 33.23
C LEU A 831 39.90 22.76 34.20
N ILE A 832 40.64 23.17 35.22
CA ILE A 832 41.07 22.27 36.29
C ILE A 832 40.03 22.38 37.40
N LEU A 833 39.22 21.33 37.57
CA LEU A 833 38.14 21.39 38.54
C LEU A 833 38.63 21.11 39.95
N MET A 834 39.44 20.07 40.13
CA MET A 834 39.82 19.65 41.47
C MET A 834 41.11 18.84 41.41
N TYR A 835 41.68 18.61 42.59
CA TYR A 835 42.93 17.89 42.75
C TYR A 835 42.68 16.75 43.73
N GLU A 836 43.12 15.54 43.36
CA GLU A 836 42.92 14.36 44.18
C GLU A 836 44.26 13.94 44.79
N ILE A 837 44.47 14.29 46.05
CA ILE A 837 45.71 13.94 46.76
C ILE A 837 45.52 12.56 47.39
N LYS A 838 46.35 11.61 46.97
CA LYS A 838 46.36 10.26 47.50
C LYS A 838 47.63 10.07 48.32
N TYR A 839 47.47 9.71 49.58
CA TYR A 839 48.59 9.66 50.52
C TYR A 839 48.30 8.64 51.62
N GLY A 840 49.36 8.20 52.26
CA GLY A 840 49.24 7.25 53.35
C GLY A 840 50.61 6.85 53.85
N SER A 841 50.62 6.07 54.94
CA SER A 841 51.88 5.65 55.55
C SER A 841 52.47 4.45 54.83
N GLN A 842 51.78 3.31 54.87
CA GLN A 842 52.19 2.11 54.17
C GLN A 842 51.55 1.99 52.79
N VAL A 843 50.26 2.31 52.70
CA VAL A 843 49.54 2.37 51.43
C VAL A 843 48.82 3.71 51.38
N GLU A 844 48.83 4.35 50.21
CA GLU A 844 48.24 5.67 50.10
C GLU A 844 46.72 5.56 50.12
N ASP A 845 46.17 5.14 51.27
CA ASP A 845 44.73 4.92 51.36
C ASP A 845 43.96 6.23 51.34
N GLN A 846 44.43 7.23 52.07
CA GLN A 846 43.69 8.48 52.18
C GLN A 846 43.65 9.20 50.85
N ARG A 847 42.46 9.65 50.45
CA ARG A 847 42.26 10.45 49.26
C ARG A 847 41.43 11.66 49.61
N GLU A 848 41.97 12.85 49.36
CA GLU A 848 41.29 14.09 49.68
C GLU A 848 41.25 14.99 48.45
N CYS A 849 40.35 15.96 48.47
CA CYS A 849 40.06 16.81 47.34
C CYS A 849 40.45 18.26 47.63
N VAL A 850 40.99 18.94 46.62
CA VAL A 850 41.37 20.35 46.72
C VAL A 850 40.79 21.08 45.52
N SER A 851 39.93 22.06 45.78
CA SER A 851 39.33 22.81 44.70
C SER A 851 40.36 23.71 44.02
N ARG A 852 40.04 24.15 42.81
CA ARG A 852 40.92 25.06 42.09
C ARG A 852 41.09 26.36 42.87
N GLN A 853 39.99 26.87 43.45
CA GLN A 853 40.09 28.07 44.27
C GLN A 853 40.90 27.81 45.54
N GLU A 854 40.75 26.62 46.12
CA GLU A 854 41.55 26.27 47.29
C GLU A 854 43.04 26.31 46.96
N TYR A 855 43.43 25.67 45.84
CA TYR A 855 44.82 25.72 45.42
C TYR A 855 45.26 27.15 45.14
N ARG A 856 44.41 27.94 44.47
CA ARG A 856 44.77 29.32 44.19
C ARG A 856 45.06 30.09 45.47
N LYS A 857 44.20 29.93 46.47
CA LYS A 857 44.38 30.64 47.74
C LYS A 857 45.65 30.18 48.44
N TYR A 858 45.89 28.88 48.48
CA TYR A 858 47.01 28.33 49.23
C TYR A 858 48.14 27.79 48.36
N GLY A 859 47.98 27.79 47.04
CA GLY A 859 48.94 27.09 46.21
C GLY A 859 48.95 25.59 46.46
N GLY A 860 47.93 25.08 47.15
CA GLY A 860 47.92 23.67 47.50
C GLY A 860 46.86 23.37 48.54
N ALA A 861 47.25 22.60 49.56
CA ALA A 861 46.33 22.19 50.59
C ALA A 861 47.07 21.85 51.88
N LYS A 862 46.30 21.47 52.89
CA LYS A 862 46.81 21.10 54.20
C LYS A 862 46.20 19.77 54.63
N LEU A 863 47.00 18.95 55.31
CA LEU A 863 46.51 17.76 55.99
C LEU A 863 46.85 17.90 57.47
N ASN A 864 45.87 17.61 58.33
CA ASN A 864 45.99 17.89 59.76
C ASN A 864 45.79 16.62 60.57
N ARG A 865 46.48 16.56 61.71
CA ARG A 865 46.35 15.47 62.67
C ARG A 865 46.72 14.12 62.02
N LEU A 866 47.97 14.02 61.58
CA LEU A 866 48.49 12.79 61.00
C LEU A 866 49.26 11.99 62.06
N ASN A 867 49.19 10.67 61.94
CA ASN A 867 49.89 9.79 62.85
C ASN A 867 51.40 9.87 62.64
N PRO A 868 52.19 9.48 63.63
CA PRO A 868 53.65 9.51 63.46
C PRO A 868 54.10 8.54 62.37
N GLY A 869 55.17 8.91 61.67
CA GLY A 869 55.77 8.02 60.70
C GLY A 869 56.07 8.67 59.36
N ASN A 870 56.59 7.86 58.44
CA ASN A 870 56.88 8.33 57.09
C ASN A 870 55.67 8.12 56.18
N TYR A 871 55.59 8.93 55.13
CA TYR A 871 54.43 8.97 54.26
C TYR A 871 54.85 9.18 52.81
N THR A 872 54.10 8.55 51.91
CA THR A 872 54.20 8.78 50.48
C THR A 872 52.86 9.27 49.98
N ALA A 873 52.89 10.18 49.01
CA ALA A 873 51.67 10.81 48.54
C ALA A 873 51.73 10.97 47.03
N ARG A 874 50.56 11.17 46.43
CA ARG A 874 50.42 11.47 45.02
C ARG A 874 49.19 12.33 44.81
N ILE A 875 49.15 13.03 43.69
CA ILE A 875 48.08 13.97 43.39
C ILE A 875 47.70 13.82 41.92
N GLN A 876 46.40 13.89 41.64
CA GLN A 876 45.87 13.84 40.29
C GLN A 876 44.89 14.99 40.10
N ALA A 877 44.87 15.52 38.88
CA ALA A 877 44.03 16.66 38.53
C ALA A 877 42.82 16.21 37.74
N THR A 878 41.75 16.99 37.83
CA THR A 878 40.50 16.71 37.14
C THR A 878 40.32 17.74 36.04
N SER A 879 40.78 17.41 34.84
CA SER A 879 40.58 18.28 33.69
C SER A 879 39.14 18.14 33.19
N LEU A 880 38.63 19.22 32.58
CA LEU A 880 37.30 19.16 32.00
C LEU A 880 37.20 18.05 30.98
N SER A 881 38.32 17.69 30.35
CA SER A 881 38.37 16.53 29.46
C SER A 881 38.41 15.21 30.22
N GLY A 882 38.82 15.23 31.48
CA GLY A 882 38.92 14.03 32.28
C GLY A 882 40.06 14.14 33.27
N ASN A 883 40.48 12.99 33.79
CA ASN A 883 41.52 12.96 34.81
C ASN A 883 42.88 13.33 34.23
N GLY A 884 43.69 13.99 35.06
CA GLY A 884 45.07 14.23 34.74
C GLY A 884 45.96 13.10 35.21
N SER A 885 47.25 13.23 34.93
CA SER A 885 48.21 12.25 35.38
C SER A 885 48.54 12.45 36.86
N TRP A 886 48.77 11.34 37.55
CA TRP A 886 49.13 11.40 38.95
C TRP A 886 50.50 12.04 39.12
N THR A 887 50.67 12.74 40.24
CA THR A 887 51.98 13.31 40.54
C THR A 887 53.00 12.21 40.80
N ASP A 888 54.27 12.58 40.66
CA ASP A 888 55.33 11.69 41.08
C ASP A 888 55.27 11.53 42.60
N PRO A 889 55.79 10.44 43.13
CA PRO A 889 55.68 10.21 44.58
C PRO A 889 56.27 11.37 45.36
N VAL A 890 55.55 11.81 46.39
CA VAL A 890 56.00 12.85 47.29
C VAL A 890 56.28 12.20 48.63
N PHE A 891 57.54 12.27 49.06
CA PHE A 891 57.98 11.60 50.27
C PHE A 891 58.09 12.62 51.40
N PHE A 892 57.55 12.28 52.56
CA PHE A 892 57.60 13.17 53.71
C PHE A 892 57.47 12.33 54.97
N TYR A 893 57.45 13.01 56.12
CA TYR A 893 57.31 12.33 57.40
C TYR A 893 56.79 13.32 58.44
N VAL A 894 56.14 12.77 59.46
CA VAL A 894 55.63 13.55 60.59
C VAL A 894 56.13 12.89 61.86
N GLN A 895 56.70 13.69 62.76
CA GLN A 895 57.20 13.19 64.03
C GLN A 895 56.18 13.42 65.13
N ALA A 896 56.08 12.46 66.05
CA ALA A 896 55.08 12.55 67.10
C ALA A 896 55.22 13.85 67.90
N LYS A 897 56.45 14.35 68.02
CA LYS A 897 56.69 15.59 68.75
C LYS A 897 57.75 16.43 68.04
N GLU B 1 -4.96 48.88 35.80
CA GLU B 1 -3.72 48.09 35.60
C GLU B 1 -3.98 46.84 34.78
N ILE B 2 -5.22 46.64 34.35
CA ILE B 2 -5.60 45.46 33.60
C ILE B 2 -5.32 45.69 32.12
N CYS B 3 -4.12 45.33 31.67
CA CYS B 3 -3.75 45.46 30.27
C CYS B 3 -4.38 44.34 29.45
N GLY B 4 -5.03 44.72 28.36
CA GLY B 4 -5.66 43.76 27.49
C GLY B 4 -5.87 44.32 26.10
N PRO B 5 -5.97 43.44 25.08
CA PRO B 5 -5.83 41.99 25.15
C PRO B 5 -4.38 41.56 25.36
N GLY B 6 -4.06 40.32 25.01
CA GLY B 6 -2.70 39.84 25.10
C GLY B 6 -1.71 40.82 24.52
N ILE B 7 -0.47 40.80 25.00
CA ILE B 7 0.55 41.79 24.64
C ILE B 7 1.60 41.11 23.79
N ASP B 8 2.13 41.83 22.81
CA ASP B 8 3.13 41.32 21.87
C ASP B 8 4.33 42.25 21.87
N ILE B 9 5.54 41.67 22.00
CA ILE B 9 6.77 42.44 22.02
C ILE B 9 7.85 41.64 21.30
N ARG B 10 8.51 42.29 20.33
CA ARG B 10 9.50 41.62 19.52
C ARG B 10 10.57 42.62 19.07
N ASN B 11 11.74 42.07 18.72
CA ASN B 11 12.78 42.76 18.00
C ASN B 11 13.55 43.79 18.82
N ASP B 12 13.13 44.09 20.05
CA ASP B 12 13.86 45.08 20.83
C ASP B 12 13.28 45.14 22.24
N TYR B 13 14.11 45.66 23.16
CA TYR B 13 13.76 45.70 24.58
C TYR B 13 12.77 46.81 24.92
N GLN B 14 12.89 47.98 24.30
CA GLN B 14 12.14 49.14 24.77
C GLN B 14 10.64 48.91 24.79
N GLN B 15 10.12 48.01 23.97
CA GLN B 15 8.69 47.71 24.01
C GLN B 15 8.28 47.20 25.40
N LEU B 16 9.23 46.68 26.17
CA LEU B 16 8.93 46.25 27.53
C LEU B 16 8.33 47.38 28.37
N LYS B 17 8.63 48.64 28.01
CA LYS B 17 8.10 49.77 28.73
C LYS B 17 6.57 49.82 28.70
N ARG B 18 5.94 49.10 27.76
CA ARG B 18 4.49 49.04 27.71
C ARG B 18 3.89 48.19 28.82
N LEU B 19 4.72 47.50 29.61
CA LEU B 19 4.25 46.62 30.67
C LEU B 19 4.39 47.22 32.06
N GLU B 20 4.65 48.53 32.16
CA GLU B 20 4.83 49.15 33.47
C GLU B 20 3.55 49.06 34.29
N ASN B 21 2.40 49.35 33.69
CA ASN B 21 1.14 49.44 34.41
C ASN B 21 0.33 48.14 34.38
N CYS B 22 0.87 47.07 33.80
CA CYS B 22 0.12 45.84 33.61
C CYS B 22 0.35 44.90 34.80
N THR B 23 -0.73 44.55 35.49
CA THR B 23 -0.68 43.62 36.62
C THR B 23 -1.18 42.24 36.24
N VAL B 24 -2.36 42.14 35.64
CA VAL B 24 -2.91 40.89 35.14
C VAL B 24 -3.19 41.07 33.65
N ILE B 25 -2.30 40.52 32.81
CA ILE B 25 -2.45 40.65 31.37
C ILE B 25 -3.67 39.83 30.95
N GLU B 26 -4.75 40.51 30.58
CA GLU B 26 -5.96 39.84 30.13
C GLU B 26 -5.73 39.37 28.70
N GLY B 27 -5.10 38.21 28.58
CA GLY B 27 -4.80 37.62 27.30
C GLY B 27 -3.54 36.78 27.42
N TYR B 28 -2.86 36.64 26.28
CA TYR B 28 -1.58 35.96 26.22
C TYR B 28 -0.46 36.99 26.24
N LEU B 29 0.78 36.52 26.18
CA LEU B 29 1.92 37.40 26.10
C LEU B 29 3.00 36.76 25.24
N HIS B 30 3.53 37.54 24.30
CA HIS B 30 4.66 37.16 23.48
C HIS B 30 5.80 38.12 23.83
N ILE B 31 6.90 37.58 24.32
CA ILE B 31 8.14 38.34 24.50
C ILE B 31 9.20 37.57 23.72
N LEU B 32 9.39 37.92 22.45
CA LEU B 32 10.08 37.02 21.54
C LEU B 32 10.92 37.81 20.55
N LEU B 33 11.83 37.10 19.88
CA LEU B 33 12.56 37.64 18.74
C LEU B 33 13.35 38.89 19.10
N ILE B 34 13.87 38.94 20.33
CA ILE B 34 14.72 40.04 20.77
C ILE B 34 16.16 39.59 20.55
N SER B 35 16.72 39.93 19.40
CA SER B 35 18.07 39.51 19.05
C SER B 35 19.13 40.52 19.45
N LYS B 36 18.74 41.76 19.75
CA LYS B 36 19.72 42.80 20.02
C LYS B 36 20.54 42.49 21.27
N ALA B 37 19.87 42.01 22.33
CA ALA B 37 20.52 41.84 23.63
C ALA B 37 21.12 43.14 24.13
N GLU B 38 20.46 44.26 23.79
CA GLU B 38 21.04 45.57 24.08
C GLU B 38 21.15 45.82 25.58
N ASP B 39 20.07 45.62 26.31
CA ASP B 39 19.98 46.03 27.71
C ASP B 39 19.96 44.82 28.62
N TYR B 40 19.91 45.10 29.92
CA TYR B 40 19.84 44.09 30.96
C TYR B 40 18.87 44.62 32.02
N ARG B 41 18.98 44.12 33.26
CA ARG B 41 17.92 44.25 34.24
C ARG B 41 17.73 45.70 34.65
N SER B 42 17.27 46.52 33.71
CA SER B 42 16.76 47.86 34.00
C SER B 42 15.24 47.92 33.87
N TYR B 43 14.64 47.00 33.12
CA TYR B 43 13.19 46.86 33.06
C TYR B 43 12.76 45.83 34.09
N ARG B 44 11.93 46.24 35.04
CA ARG B 44 11.38 45.31 36.02
C ARG B 44 9.90 45.60 36.19
N PHE B 45 9.12 44.55 36.39
CA PHE B 45 7.66 44.63 36.40
C PHE B 45 7.10 43.88 37.60
N PRO B 46 7.29 44.40 38.81
CA PRO B 46 6.72 43.73 39.98
C PRO B 46 5.22 43.60 39.92
N LYS B 47 4.54 44.52 39.23
CA LYS B 47 3.08 44.50 39.20
C LYS B 47 2.55 43.24 38.54
N LEU B 48 3.16 42.83 37.43
CA LEU B 48 2.66 41.66 36.70
C LEU B 48 2.60 40.45 37.63
N THR B 49 1.42 39.83 37.69
CA THR B 49 1.18 38.80 38.68
C THR B 49 0.55 37.54 38.08
N VAL B 50 -0.24 37.71 37.01
CA VAL B 50 -0.95 36.60 36.39
C VAL B 50 -1.16 36.89 34.90
N ILE B 51 -1.04 35.85 34.09
CA ILE B 51 -1.40 35.90 32.67
C ILE B 51 -2.62 35.04 32.46
N THR B 52 -3.65 35.61 31.84
CA THR B 52 -4.86 34.84 31.57
C THR B 52 -4.59 33.69 30.62
N GLU B 53 -3.91 33.97 29.51
CA GLU B 53 -3.61 32.98 28.50
C GLU B 53 -2.14 32.56 28.61
N TYR B 54 -1.67 31.82 27.61
CA TYR B 54 -0.32 31.27 27.62
C TYR B 54 0.72 32.38 27.60
N LEU B 55 1.99 31.96 27.65
CA LEU B 55 3.14 32.81 27.50
C LEU B 55 4.09 32.20 26.49
N LEU B 56 4.78 33.05 25.72
CA LEU B 56 5.73 32.58 24.73
C LEU B 56 6.95 33.47 24.70
N LEU B 57 8.11 32.87 24.98
CA LEU B 57 9.38 33.58 24.87
C LEU B 57 10.26 32.83 23.89
N PHE B 58 10.99 33.57 23.07
CA PHE B 58 11.83 32.96 22.04
C PHE B 58 12.84 33.95 21.47
N ARG B 59 14.10 33.52 21.37
CA ARG B 59 15.15 34.33 20.77
C ARG B 59 15.23 35.71 21.42
N VAL B 60 15.02 35.75 22.74
CA VAL B 60 15.28 36.98 23.50
C VAL B 60 16.74 36.92 23.91
N ALA B 61 17.60 37.35 23.01
CA ALA B 61 19.03 37.32 23.24
C ALA B 61 19.39 38.20 24.43
N GLY B 62 20.37 37.76 25.21
CA GLY B 62 20.82 38.51 26.36
C GLY B 62 20.02 38.31 27.62
N LEU B 63 19.16 37.30 27.67
CA LEU B 63 18.36 36.99 28.86
C LEU B 63 18.91 35.75 29.52
N GLU B 64 19.09 35.82 30.84
CA GLU B 64 19.75 34.77 31.60
C GLU B 64 18.89 34.20 32.72
N SER B 65 18.08 35.03 33.38
CA SER B 65 17.18 34.55 34.44
C SER B 65 15.91 35.37 34.40
N LEU B 66 14.81 34.74 33.97
CA LEU B 66 13.54 35.46 33.86
C LEU B 66 13.09 36.04 35.18
N GLY B 67 13.52 35.46 36.30
CA GLY B 67 13.18 36.05 37.59
C GLY B 67 13.64 37.48 37.73
N ASP B 68 14.70 37.85 36.99
CA ASP B 68 15.12 39.25 36.96
C ASP B 68 14.07 40.13 36.32
N LEU B 69 13.45 39.66 35.23
CA LEU B 69 12.51 40.48 34.49
C LEU B 69 11.12 40.48 35.12
N PHE B 70 10.48 39.30 35.17
CA PHE B 70 9.11 39.18 35.65
C PHE B 70 9.08 38.49 37.00
N PRO B 71 9.14 39.23 38.10
CA PRO B 71 8.79 38.67 39.40
C PRO B 71 7.29 38.72 39.63
N ASN B 72 6.86 38.04 40.69
CA ASN B 72 5.51 38.13 41.24
C ASN B 72 4.47 37.41 40.42
N LEU B 73 4.86 36.76 39.34
CA LEU B 73 3.91 36.09 38.44
C LEU B 73 3.42 34.83 39.13
N THR B 74 2.37 34.98 39.93
CA THR B 74 1.93 33.90 40.81
C THR B 74 1.40 32.71 40.04
N VAL B 75 0.47 32.95 39.11
CA VAL B 75 -0.25 31.88 38.43
C VAL B 75 -0.44 32.27 36.98
N ILE B 76 -0.52 31.27 36.11
CA ILE B 76 -0.87 31.45 34.71
C ILE B 76 -2.18 30.73 34.49
N ARG B 77 -3.23 31.47 34.15
CA ARG B 77 -4.52 30.84 33.90
C ARG B 77 -4.51 30.06 32.61
N GLY B 78 -3.87 30.59 31.56
CA GLY B 78 -3.71 29.83 30.34
C GLY B 78 -5.00 29.34 29.74
N TRP B 79 -6.01 30.22 29.67
CA TRP B 79 -7.30 29.81 29.14
C TRP B 79 -7.19 29.42 27.67
N LYS B 80 -6.40 30.16 26.90
CA LYS B 80 -6.05 29.79 25.54
C LYS B 80 -4.59 29.37 25.52
N LEU B 81 -4.32 28.17 25.02
CA LEU B 81 -3.00 27.59 25.05
C LEU B 81 -2.27 27.80 23.72
N PHE B 82 -0.95 27.68 23.77
CA PHE B 82 -0.14 27.84 22.57
C PHE B 82 -0.52 26.79 21.54
N TYR B 83 -0.25 25.52 21.85
CA TYR B 83 -0.77 24.39 21.10
C TYR B 83 -1.61 23.49 21.99
N ASN B 84 -1.00 22.96 23.05
CA ASN B 84 -1.69 22.46 24.23
C ASN B 84 -0.95 22.93 25.47
N TYR B 85 -0.22 24.04 25.36
CA TYR B 85 0.72 24.47 26.38
C TYR B 85 0.44 25.92 26.74
N ALA B 86 0.78 26.27 27.99
CA ALA B 86 0.59 27.63 28.48
C ALA B 86 1.89 28.40 28.66
N LEU B 87 3.02 27.83 28.29
CA LEU B 87 4.32 28.51 28.39
C LEU B 87 5.29 27.82 27.44
N VAL B 88 5.83 28.58 26.50
CA VAL B 88 6.71 28.04 25.46
C VAL B 88 8.06 28.75 25.55
N ILE B 89 9.07 28.02 26.02
CA ILE B 89 10.45 28.48 26.03
C ILE B 89 11.22 27.68 24.98
N PHE B 90 11.28 28.19 23.76
CA PHE B 90 11.83 27.45 22.63
C PHE B 90 13.27 27.89 22.39
N GLU B 91 14.20 26.95 22.47
CA GLU B 91 15.57 27.16 22.01
C GLU B 91 16.10 28.51 22.48
N MET B 92 16.25 28.62 23.80
CA MET B 92 16.69 29.86 24.42
C MET B 92 18.21 29.99 24.34
N THR B 93 18.68 31.16 23.88
CA THR B 93 20.11 31.36 23.65
C THR B 93 20.90 31.23 24.94
N ASN B 94 20.52 31.97 25.98
CA ASN B 94 21.38 32.20 27.12
C ASN B 94 20.68 32.13 28.46
N LEU B 95 19.39 31.79 28.49
CA LEU B 95 18.69 31.66 29.77
C LEU B 95 19.37 30.59 30.62
N LYS B 96 19.63 30.94 31.87
CA LYS B 96 20.32 30.06 32.81
C LYS B 96 19.37 29.45 33.83
N ASP B 97 18.58 30.28 34.51
CA ASP B 97 17.53 29.82 35.40
C ASP B 97 16.19 30.33 34.89
N ILE B 98 15.16 29.50 35.06
CA ILE B 98 13.82 29.89 34.64
C ILE B 98 13.28 31.01 35.52
N GLY B 99 13.87 31.24 36.68
CA GLY B 99 13.29 32.21 37.60
C GLY B 99 11.90 31.77 37.99
N LEU B 100 10.93 32.66 37.78
CA LEU B 100 9.53 32.35 38.09
C LEU B 100 9.39 31.90 39.54
N TYR B 101 10.30 32.36 40.40
CA TYR B 101 10.32 31.92 41.79
C TYR B 101 9.00 32.22 42.47
N ASN B 102 8.29 33.26 42.03
CA ASN B 102 6.98 33.57 42.57
C ASN B 102 5.85 32.89 41.80
N LEU B 103 6.18 32.02 40.84
CA LEU B 103 5.16 31.26 40.12
C LEU B 103 4.73 30.06 40.95
N ARG B 104 3.42 29.88 41.11
CA ARG B 104 2.87 28.88 42.02
C ARG B 104 1.96 27.84 41.37
N ASN B 105 1.31 28.16 40.26
CA ASN B 105 0.30 27.26 39.72
C ASN B 105 0.09 27.54 38.24
N ILE B 106 -0.20 26.50 37.48
CA ILE B 106 -0.54 26.60 36.06
C ILE B 106 -1.89 25.91 35.89
N THR B 107 -2.95 26.72 35.78
CA THR B 107 -4.29 26.17 35.75
C THR B 107 -4.51 25.28 34.53
N ARG B 108 -4.04 25.72 33.37
CA ARG B 108 -4.34 25.06 32.11
C ARG B 108 -3.06 24.74 31.34
N GLY B 109 -3.15 23.70 30.52
CA GLY B 109 -2.10 23.38 29.57
C GLY B 109 -0.81 22.89 30.18
N ALA B 110 0.14 22.54 29.32
CA ALA B 110 1.48 22.11 29.67
C ALA B 110 2.49 23.16 29.24
N ILE B 111 3.78 22.82 29.34
CA ILE B 111 4.85 23.72 28.94
C ILE B 111 5.84 22.96 28.08
N ARG B 112 6.57 23.72 27.24
CA ARG B 112 7.60 23.17 26.36
C ARG B 112 8.84 24.04 26.48
N ILE B 113 9.91 23.48 27.05
CA ILE B 113 11.17 24.19 27.25
C ILE B 113 12.27 23.30 26.67
N GLU B 114 12.56 23.48 25.38
CA GLU B 114 13.48 22.59 24.69
C GLU B 114 14.49 23.41 23.88
N LYS B 115 15.56 22.73 23.47
CA LYS B 115 16.60 23.26 22.60
C LYS B 115 17.43 24.36 23.26
N ASN B 116 17.19 24.66 24.53
CA ASN B 116 17.93 25.73 25.21
C ASN B 116 19.34 25.24 25.50
N ALA B 117 20.34 25.95 24.96
CA ALA B 117 21.71 25.47 25.03
C ALA B 117 22.20 25.38 26.47
N ASP B 118 22.08 26.48 27.22
CA ASP B 118 22.69 26.59 28.54
C ASP B 118 21.66 26.64 29.66
N LEU B 119 20.39 26.40 29.37
CA LEU B 119 19.36 26.49 30.38
C LEU B 119 19.44 25.31 31.34
N CYS B 120 19.04 25.54 32.59
CA CYS B 120 19.04 24.51 33.61
C CYS B 120 17.94 24.82 34.62
N TYR B 121 18.02 24.18 35.78
CA TYR B 121 17.13 24.42 36.92
C TYR B 121 15.71 23.94 36.66
N LEU B 122 15.51 23.14 35.62
CA LEU B 122 14.20 22.55 35.35
C LEU B 122 13.90 21.38 36.27
N SER B 123 14.93 20.64 36.69
CA SER B 123 14.72 19.40 37.41
C SER B 123 14.09 19.64 38.78
N THR B 124 14.62 20.60 39.54
CA THR B 124 14.18 20.81 40.92
C THR B 124 12.82 21.49 41.01
N VAL B 125 12.18 21.78 39.88
CA VAL B 125 10.85 22.38 39.87
C VAL B 125 9.84 21.24 39.85
N ASP B 126 9.28 20.92 41.01
CA ASP B 126 8.29 19.86 41.13
C ASP B 126 6.97 20.40 40.56
N TRP B 127 6.80 20.21 39.25
CA TRP B 127 5.61 20.72 38.57
C TRP B 127 4.33 20.04 39.04
N SER B 128 4.42 18.93 39.76
CA SER B 128 3.22 18.33 40.34
C SER B 128 2.54 19.29 41.30
N LEU B 129 3.34 19.97 42.13
CA LEU B 129 2.77 21.01 42.99
C LEU B 129 2.17 22.13 42.15
N ILE B 130 2.83 22.50 41.07
CA ILE B 130 2.42 23.66 40.28
C ILE B 130 1.46 23.27 39.16
N LEU B 131 1.53 22.04 38.66
CA LEU B 131 0.83 21.67 37.45
C LEU B 131 0.35 20.23 37.51
N ASP B 132 -0.93 20.04 37.20
CA ASP B 132 -1.48 18.71 36.97
C ASP B 132 -1.27 18.33 35.51
N ALA B 133 -1.43 17.04 35.22
CA ALA B 133 -1.12 16.50 33.88
C ALA B 133 0.33 16.81 33.50
N VAL B 134 1.21 16.78 34.50
CA VAL B 134 2.61 17.14 34.32
C VAL B 134 3.32 16.26 33.29
N SER B 135 2.75 15.09 32.96
CA SER B 135 3.43 14.17 32.05
C SER B 135 3.65 14.81 30.69
N ASN B 136 2.87 15.83 30.32
CA ASN B 136 2.97 16.43 29.00
C ASN B 136 4.08 17.48 28.89
N ASN B 137 4.80 17.75 29.97
CA ASN B 137 5.93 18.68 29.88
C ASN B 137 6.98 18.12 28.93
N TYR B 138 7.46 18.96 28.01
CA TYR B 138 8.39 18.56 26.97
C TYR B 138 9.63 19.46 27.08
N ILE B 139 10.67 18.95 27.73
CA ILE B 139 11.83 19.75 28.10
C ILE B 139 13.09 19.04 27.63
N VAL B 140 12.97 18.27 26.55
CA VAL B 140 14.01 17.28 26.21
C VAL B 140 15.26 17.95 25.66
N GLY B 141 15.11 18.89 24.74
CA GLY B 141 16.21 19.31 23.87
C GLY B 141 17.22 20.26 24.46
N ASN B 142 17.13 20.55 25.76
CA ASN B 142 17.97 21.57 26.37
C ASN B 142 19.34 20.98 26.72
N LYS B 143 20.07 21.70 27.57
CA LYS B 143 21.40 21.28 27.97
C LYS B 143 21.36 19.85 28.52
N PRO B 144 22.38 19.04 28.26
CA PRO B 144 22.40 17.71 28.85
C PRO B 144 22.41 17.80 30.37
N PRO B 145 21.82 16.82 31.05
CA PRO B 145 21.70 16.93 32.52
C PRO B 145 23.04 17.06 33.23
N LYS B 146 24.08 16.39 32.75
CA LYS B 146 25.35 16.42 33.47
C LYS B 146 25.92 17.82 33.52
N GLU B 147 25.78 18.58 32.44
CA GLU B 147 26.26 19.97 32.39
C GLU B 147 25.20 20.96 32.85
N CYS B 148 24.07 20.47 33.37
CA CYS B 148 23.02 21.37 33.86
C CYS B 148 23.55 22.25 34.97
N GLY B 149 24.26 21.66 35.93
CA GLY B 149 24.74 22.41 37.07
C GLY B 149 23.63 22.94 37.95
N ASP B 150 22.65 22.11 38.27
CA ASP B 150 21.49 22.53 39.07
C ASP B 150 21.89 22.54 40.54
N LEU B 151 22.09 23.74 41.08
CA LEU B 151 22.33 23.94 42.50
C LEU B 151 21.44 25.06 43.01
N CYS B 152 21.01 24.94 44.26
CA CYS B 152 20.01 25.84 44.83
C CYS B 152 19.97 25.60 46.33
N PRO B 153 19.36 26.51 47.09
CA PRO B 153 19.50 26.45 48.55
C PRO B 153 19.03 25.12 49.09
N GLY B 154 19.45 24.82 50.31
CA GLY B 154 19.07 23.59 50.99
C GLY B 154 19.96 22.41 50.64
N THR B 155 20.14 22.15 49.34
CA THR B 155 21.01 21.08 48.88
C THR B 155 22.46 21.57 48.75
N MET B 156 22.98 22.05 49.87
CA MET B 156 24.35 22.55 49.97
C MET B 156 24.55 23.84 49.16
N GLU B 157 23.59 24.76 49.29
CA GLU B 157 23.67 26.06 48.67
C GLU B 157 23.34 27.14 49.69
N GLU B 158 23.93 28.31 49.51
CA GLU B 158 23.75 29.40 50.47
C GLU B 158 22.26 29.68 50.68
N LYS B 159 21.96 30.28 51.84
CA LYS B 159 20.59 30.53 52.25
C LYS B 159 19.81 29.21 52.24
N PRO B 160 20.37 28.14 52.81
CA PRO B 160 19.70 26.83 52.69
C PRO B 160 18.50 26.73 53.61
N MET B 161 17.30 26.86 53.04
CA MET B 161 16.06 26.65 53.77
C MET B 161 15.01 25.98 52.89
N CYS B 162 15.43 25.36 51.79
CA CYS B 162 14.50 24.68 50.90
C CYS B 162 13.90 23.46 51.60
N GLU B 163 12.70 23.09 51.16
CA GLU B 163 11.98 21.94 51.69
C GLU B 163 12.18 20.73 50.80
N LYS B 164 11.85 19.56 51.34
CA LYS B 164 11.96 18.30 50.63
C LYS B 164 10.58 17.77 50.29
N THR B 165 10.39 17.42 49.01
CA THR B 165 9.17 16.79 48.54
C THR B 165 9.55 15.54 47.75
N THR B 166 8.55 14.71 47.46
CA THR B 166 8.78 13.43 46.80
C THR B 166 7.93 13.35 45.54
N ILE B 167 8.56 13.05 44.42
CA ILE B 167 7.88 12.67 43.19
C ILE B 167 8.59 11.44 42.63
N ASN B 168 7.85 10.33 42.53
CA ASN B 168 8.38 9.06 42.06
C ASN B 168 9.71 8.73 42.74
N ASN B 169 9.66 8.56 44.05
CA ASN B 169 10.74 8.00 44.85
C ASN B 169 11.91 8.97 45.03
N GLU B 170 11.68 10.28 44.98
CA GLU B 170 12.75 11.26 45.16
C GLU B 170 12.30 12.28 46.20
N TYR B 171 12.50 11.94 47.46
CA TYR B 171 12.18 12.84 48.58
C TYR B 171 13.40 13.70 48.84
N ASN B 172 13.45 14.86 48.18
CA ASN B 172 14.62 15.73 48.24
C ASN B 172 14.18 17.15 47.87
N TYR B 173 15.16 18.04 47.74
CA TYR B 173 14.89 19.47 47.70
C TYR B 173 14.23 19.88 46.38
N ARG B 174 13.44 20.96 46.47
CA ARG B 174 12.84 21.62 45.32
C ARG B 174 13.20 23.10 45.37
N CYS B 175 13.30 23.71 44.19
CA CYS B 175 13.78 25.08 44.12
C CYS B 175 13.51 25.66 42.74
N TRP B 176 13.83 26.94 42.58
CA TRP B 176 13.62 27.69 41.35
C TRP B 176 14.92 28.22 40.76
N THR B 177 15.75 28.87 41.57
CA THR B 177 17.04 29.38 41.15
C THR B 177 18.05 29.12 42.25
N THR B 178 19.30 29.54 42.01
CA THR B 178 20.36 29.27 42.97
C THR B 178 20.12 29.95 44.30
N ASN B 179 19.57 31.16 44.27
CA ASN B 179 19.40 31.94 45.50
C ASN B 179 18.20 31.48 46.33
N ARG B 180 17.13 31.03 45.68
CA ARG B 180 15.84 30.92 46.34
C ARG B 180 15.24 29.54 46.10
N CYS B 181 14.24 29.22 46.90
CA CYS B 181 13.65 27.89 46.94
C CYS B 181 12.33 27.83 46.17
N GLN B 182 11.71 26.66 46.21
CA GLN B 182 10.38 26.43 45.64
C GLN B 182 9.49 25.95 46.77
N LYS B 183 8.79 26.87 47.40
CA LYS B 183 7.97 26.57 48.57
C LYS B 183 6.54 26.28 48.15
N MET B 184 5.85 25.48 48.96
CA MET B 184 4.48 25.06 48.68
C MET B 184 3.69 25.11 49.96
N CYS B 185 2.40 25.39 49.84
CA CYS B 185 1.55 25.55 51.01
C CYS B 185 1.41 24.23 51.75
N PRO B 186 1.38 24.24 53.07
CA PRO B 186 1.26 22.98 53.82
C PRO B 186 -0.11 22.35 53.62
N SER B 187 -0.19 21.05 53.91
CA SER B 187 -1.44 20.33 53.79
C SER B 187 -2.51 20.85 54.74
N THR B 188 -2.11 21.63 55.76
CA THR B 188 -3.10 22.22 56.65
C THR B 188 -4.14 23.01 55.88
N CYS B 189 -3.72 23.68 54.81
CA CYS B 189 -4.66 24.41 53.96
C CYS B 189 -5.47 23.50 53.05
N GLY B 190 -5.02 22.27 52.83
CA GLY B 190 -5.65 21.41 51.86
C GLY B 190 -5.52 21.99 50.47
N LYS B 191 -6.65 22.24 49.80
CA LYS B 191 -6.64 22.90 48.50
C LYS B 191 -6.43 24.41 48.62
N ARG B 192 -6.52 24.97 49.82
CA ARG B 192 -6.42 26.41 49.99
C ARG B 192 -4.98 26.86 49.83
N ALA B 193 -4.81 28.11 49.39
CA ALA B 193 -3.50 28.71 49.26
C ALA B 193 -3.02 29.18 50.63
N CYS B 194 -1.88 29.85 50.67
CA CYS B 194 -1.34 30.39 51.91
C CYS B 194 -0.44 31.57 51.58
N THR B 195 0.14 32.16 52.63
CA THR B 195 1.05 33.27 52.51
C THR B 195 2.45 32.83 52.89
N GLU B 196 3.36 33.79 53.00
CA GLU B 196 4.64 33.50 53.63
C GLU B 196 4.41 33.03 55.06
N ASN B 197 5.49 32.53 55.68
CA ASN B 197 5.51 32.04 57.06
C ASN B 197 4.31 31.18 57.40
N ASN B 198 3.72 30.51 56.40
CA ASN B 198 2.68 29.50 56.60
C ASN B 198 1.48 30.06 57.37
N GLU B 199 0.86 31.09 56.81
CA GLU B 199 -0.44 31.57 57.28
C GLU B 199 -1.47 31.25 56.19
N CYS B 200 -2.48 30.48 56.55
CA CYS B 200 -3.36 29.88 55.56
C CYS B 200 -4.34 30.91 55.03
N CYS B 201 -4.61 30.85 53.73
CA CYS B 201 -5.38 31.88 53.03
C CYS B 201 -6.87 31.53 53.01
N HIS B 202 -7.64 32.38 52.34
CA HIS B 202 -9.07 32.18 52.20
C HIS B 202 -9.37 30.99 51.28
N PRO B 203 -10.50 30.30 51.49
CA PRO B 203 -10.86 29.21 50.56
C PRO B 203 -10.99 29.69 49.12
N GLU B 204 -11.82 30.71 48.87
CA GLU B 204 -11.88 31.35 47.57
C GLU B 204 -10.60 32.17 47.42
N CYS B 205 -9.53 31.48 47.04
CA CYS B 205 -8.26 32.15 46.88
C CYS B 205 -7.32 31.20 46.15
N LEU B 206 -6.20 31.74 45.68
CA LEU B 206 -5.24 30.91 44.96
C LEU B 206 -3.92 31.68 44.84
N GLY B 207 -2.84 30.93 44.68
CA GLY B 207 -1.54 31.53 44.49
C GLY B 207 -0.99 32.11 45.78
N SER B 208 -1.59 33.19 46.25
CA SER B 208 -1.14 33.82 47.49
C SER B 208 -2.18 34.85 47.94
N CYS B 209 -2.07 35.23 49.20
CA CYS B 209 -2.87 36.31 49.77
C CYS B 209 -2.00 37.10 50.73
N SER B 210 -2.44 38.32 51.04
CA SER B 210 -1.67 39.18 51.92
C SER B 210 -1.92 38.89 53.39
N ALA B 211 -3.10 38.37 53.74
CA ALA B 211 -3.43 38.05 55.11
C ALA B 211 -4.23 36.75 55.13
N PRO B 212 -4.14 35.97 56.20
CA PRO B 212 -4.84 34.67 56.23
C PRO B 212 -6.35 34.86 56.26
N ASP B 213 -7.03 34.26 55.27
CA ASP B 213 -8.48 34.22 55.20
C ASP B 213 -9.06 35.63 55.11
N ASN B 214 -8.67 36.34 54.05
CA ASN B 214 -9.23 37.65 53.74
C ASN B 214 -9.54 37.71 52.25
N ASP B 215 -10.77 38.09 51.91
CA ASP B 215 -11.18 38.12 50.52
C ASP B 215 -10.36 39.14 49.72
N THR B 216 -10.15 40.31 50.29
CA THR B 216 -9.44 41.39 49.61
C THR B 216 -7.93 41.22 49.61
N ALA B 217 -7.39 40.37 50.48
CA ALA B 217 -5.96 40.19 50.60
C ALA B 217 -5.38 39.24 49.56
N CYS B 218 -6.21 38.56 48.79
CA CYS B 218 -5.73 37.52 47.90
C CYS B 218 -4.97 38.12 46.73
N VAL B 219 -3.73 37.66 46.54
CA VAL B 219 -2.95 38.10 45.38
C VAL B 219 -3.64 37.66 44.10
N ALA B 220 -4.14 36.42 44.07
CA ALA B 220 -4.94 35.92 42.97
C ALA B 220 -6.10 35.12 43.53
N CYS B 221 -7.26 35.29 42.91
CA CYS B 221 -8.44 34.53 43.26
C CYS B 221 -8.33 33.10 42.76
N ARG B 222 -9.27 32.27 43.19
CA ARG B 222 -9.27 30.87 42.77
C ARG B 222 -10.05 30.65 41.48
N HIS B 223 -11.26 31.22 41.38
CA HIS B 223 -12.11 30.97 40.23
C HIS B 223 -12.60 32.24 39.55
N TYR B 224 -12.95 33.29 40.32
CA TYR B 224 -13.47 34.50 39.71
C TYR B 224 -13.18 35.71 40.59
N TYR B 225 -12.76 36.79 39.95
CA TYR B 225 -12.37 38.03 40.62
C TYR B 225 -13.35 39.13 40.24
N TYR B 226 -14.03 39.71 41.22
CA TYR B 226 -14.99 40.76 40.93
C TYR B 226 -15.13 41.70 42.12
N ALA B 227 -15.28 42.99 41.83
CA ALA B 227 -15.48 44.02 42.85
C ALA B 227 -14.36 43.97 43.88
N GLY B 228 -13.14 43.72 43.41
CA GLY B 228 -12.02 43.62 44.32
C GLY B 228 -12.18 42.52 45.35
N VAL B 229 -12.78 41.40 44.98
CA VAL B 229 -13.04 40.31 45.91
C VAL B 229 -13.05 39.00 45.12
N CYS B 230 -12.49 37.95 45.71
CA CYS B 230 -12.53 36.63 45.10
C CYS B 230 -13.83 35.93 45.47
N VAL B 231 -14.54 35.43 44.47
CA VAL B 231 -15.86 34.86 44.68
C VAL B 231 -15.92 33.47 44.06
N PRO B 232 -16.71 32.53 44.62
CA PRO B 232 -16.84 31.21 43.99
C PRO B 232 -17.76 31.21 42.79
N ALA B 233 -18.58 32.24 42.59
CA ALA B 233 -19.51 32.30 41.48
C ALA B 233 -19.80 33.75 41.14
N CYS B 234 -20.25 33.97 39.92
CA CYS B 234 -20.55 35.32 39.48
C CYS B 234 -21.76 35.86 40.24
N PRO B 235 -21.68 37.08 40.80
CA PRO B 235 -22.82 37.61 41.53
C PRO B 235 -23.97 37.93 40.60
N PRO B 236 -25.21 37.93 41.10
CA PRO B 236 -26.35 38.20 40.22
C PRO B 236 -26.30 39.61 39.65
N ASN B 237 -26.88 39.77 38.46
CA ASN B 237 -26.87 41.00 37.68
C ASN B 237 -25.51 41.30 37.07
N THR B 238 -24.53 40.41 37.26
CA THR B 238 -23.22 40.54 36.66
C THR B 238 -22.93 39.30 35.83
N TYR B 239 -22.15 39.48 34.77
CA TYR B 239 -21.94 38.44 33.77
C TYR B 239 -20.46 38.13 33.67
N ARG B 240 -20.13 36.84 33.66
CA ARG B 240 -18.73 36.43 33.61
C ARG B 240 -18.07 36.96 32.35
N PHE B 241 -17.11 37.86 32.51
CA PHE B 241 -16.18 38.12 31.43
C PHE B 241 -15.26 36.92 31.25
N GLU B 242 -14.61 36.86 30.11
CA GLU B 242 -13.79 35.70 29.79
C GLU B 242 -12.72 35.52 30.87
N GLY B 243 -12.64 34.31 31.40
CA GLY B 243 -11.55 33.90 32.25
C GLY B 243 -11.70 34.04 33.75
N TRP B 244 -11.63 35.27 34.29
CA TRP B 244 -11.34 35.41 35.72
C TRP B 244 -12.13 36.52 36.41
N ARG B 245 -13.23 37.00 35.85
CA ARG B 245 -13.95 38.11 36.46
C ARG B 245 -15.37 38.17 35.97
N CYS B 246 -16.15 39.04 36.60
CA CYS B 246 -17.47 39.41 36.13
C CYS B 246 -17.48 40.88 35.74
N VAL B 247 -18.51 41.29 35.01
CA VAL B 247 -18.65 42.66 34.54
C VAL B 247 -20.12 42.99 34.42
N ASP B 248 -20.42 44.29 34.41
CA ASP B 248 -21.78 44.75 34.21
C ASP B 248 -22.17 44.60 32.74
N ARG B 249 -23.47 44.58 32.49
CA ARG B 249 -23.96 44.60 31.11
C ARG B 249 -23.33 45.75 30.32
N ASP B 250 -23.39 46.96 30.88
CA ASP B 250 -22.96 48.14 30.12
C ASP B 250 -21.51 48.00 29.69
N PHE B 251 -20.66 47.49 30.57
CA PHE B 251 -19.27 47.24 30.19
C PHE B 251 -19.18 46.17 29.11
N CYS B 252 -19.95 45.09 29.26
CA CYS B 252 -19.90 44.01 28.29
C CYS B 252 -20.29 44.49 26.89
N ALA B 253 -21.20 45.45 26.80
CA ALA B 253 -21.68 45.92 25.51
C ALA B 253 -20.94 47.15 24.99
N ASN B 254 -20.27 47.91 25.86
CA ASN B 254 -19.58 49.11 25.41
C ASN B 254 -18.29 48.79 24.68
N ILE B 255 -17.64 47.68 25.04
CA ILE B 255 -16.36 47.34 24.41
C ILE B 255 -16.57 47.16 22.91
N LEU B 256 -15.60 47.66 22.13
CA LEU B 256 -15.68 47.64 20.68
C LEU B 256 -14.30 47.29 20.14
N SER B 257 -14.12 47.48 18.84
CA SER B 257 -12.86 47.10 18.17
C SER B 257 -11.72 47.96 18.71
N ALA B 258 -10.83 47.34 19.46
CA ALA B 258 -9.63 47.99 19.98
C ALA B 258 -8.46 47.03 19.87
N GLU B 259 -7.33 47.53 19.38
CA GLU B 259 -6.14 46.70 19.12
C GLU B 259 -6.58 45.59 18.17
N SER B 260 -6.51 44.32 18.56
CA SER B 260 -7.06 43.26 17.72
C SER B 260 -8.54 43.53 17.44
N SER B 261 -9.07 42.88 16.41
CA SER B 261 -10.42 43.17 15.92
C SER B 261 -11.44 42.60 16.90
N ASP B 262 -11.75 43.41 17.92
CA ASP B 262 -12.81 43.05 18.87
C ASP B 262 -14.17 43.01 18.17
N SER B 263 -14.43 44.00 17.32
CA SER B 263 -15.70 44.11 16.61
C SER B 263 -16.77 44.69 17.54
N GLU B 264 -17.86 45.20 16.97
CA GLU B 264 -18.92 45.78 17.78
C GLU B 264 -19.64 44.71 18.59
N GLY B 265 -19.91 45.04 19.85
CA GLY B 265 -20.71 44.17 20.70
C GLY B 265 -19.92 43.03 21.30
N PHE B 266 -20.49 42.47 22.37
CA PHE B 266 -19.92 41.30 23.04
C PHE B 266 -21.06 40.63 23.78
N VAL B 267 -21.51 39.48 23.27
CA VAL B 267 -22.79 38.89 23.67
C VAL B 267 -22.79 38.59 25.15
N ILE B 268 -23.99 38.40 25.69
CA ILE B 268 -24.20 37.75 26.97
C ILE B 268 -25.16 36.58 26.74
N HIS B 269 -24.74 35.38 27.17
CA HIS B 269 -25.57 34.20 26.97
C HIS B 269 -25.26 33.21 28.08
N ASP B 270 -26.29 32.49 28.51
CA ASP B 270 -26.16 31.48 29.57
C ASP B 270 -25.60 32.09 30.85
N GLY B 271 -25.77 33.39 31.04
CA GLY B 271 -25.25 34.06 32.22
C GLY B 271 -23.80 34.48 32.13
N GLU B 272 -23.17 34.35 30.96
CA GLU B 272 -21.77 34.70 30.79
C GLU B 272 -21.64 35.76 29.71
N CYS B 273 -20.81 36.78 29.97
CA CYS B 273 -20.51 37.79 28.98
C CYS B 273 -19.53 37.21 27.96
N MET B 274 -20.06 36.52 26.96
CA MET B 274 -19.27 35.85 25.94
C MET B 274 -19.06 36.77 24.75
N GLN B 275 -18.29 36.28 23.77
CA GLN B 275 -18.01 37.08 22.59
C GLN B 275 -19.14 36.96 21.57
N GLU B 276 -19.47 35.74 21.16
CA GLU B 276 -20.59 35.51 20.25
C GLU B 276 -21.43 34.36 20.79
N CYS B 277 -22.73 34.47 20.56
CA CYS B 277 -23.68 33.58 21.20
C CYS B 277 -23.52 32.15 20.65
N PRO B 278 -23.62 31.13 21.50
CA PRO B 278 -23.31 29.76 21.06
C PRO B 278 -24.31 29.21 20.06
N SER B 279 -24.09 27.96 19.65
CA SER B 279 -24.95 27.31 18.68
C SER B 279 -26.36 27.13 19.25
N GLY B 280 -27.34 27.08 18.35
CA GLY B 280 -28.72 26.97 18.73
C GLY B 280 -29.32 28.23 19.30
N PHE B 281 -28.65 29.38 19.13
CA PHE B 281 -29.13 30.64 19.65
C PHE B 281 -28.75 31.77 18.70
N ILE B 282 -29.49 32.87 18.79
CA ILE B 282 -29.18 34.07 18.03
C ILE B 282 -29.40 35.30 18.90
N ARG B 283 -28.44 36.23 18.86
CA ARG B 283 -28.56 37.48 19.61
C ARG B 283 -29.74 38.29 19.10
N ASN B 284 -30.44 38.94 20.03
CA ASN B 284 -31.56 39.79 19.65
C ASN B 284 -31.05 41.05 18.97
N GLY B 285 -31.15 41.07 17.64
CA GLY B 285 -30.68 42.19 16.85
C GLY B 285 -29.35 42.75 17.32
N SER B 286 -29.26 44.07 17.43
CA SER B 286 -28.08 44.72 17.98
C SER B 286 -28.15 44.91 19.49
N GLN B 287 -29.25 44.49 20.12
CA GLN B 287 -29.41 44.64 21.56
C GLN B 287 -28.42 43.69 22.23
N SER B 288 -27.46 44.24 22.95
CA SER B 288 -26.25 43.51 23.33
C SER B 288 -26.40 42.86 24.70
N MET B 289 -27.45 42.04 24.86
CA MET B 289 -27.55 41.23 26.07
C MET B 289 -27.89 39.76 25.83
N TYR B 290 -28.74 39.48 24.85
CA TYR B 290 -29.62 38.34 24.95
C TYR B 290 -29.46 37.42 23.74
N CYS B 291 -30.11 36.27 23.81
CA CYS B 291 -30.11 35.29 22.74
C CYS B 291 -31.47 34.62 22.67
N ILE B 292 -31.79 34.09 21.49
CA ILE B 292 -32.98 33.26 21.31
C ILE B 292 -32.56 32.09 20.43
N PRO B 293 -33.10 30.89 20.64
CA PRO B 293 -32.74 29.77 19.75
C PRO B 293 -33.13 29.87 18.28
N CYS B 294 -32.30 29.27 17.42
CA CYS B 294 -32.59 29.18 16.00
C CYS B 294 -32.00 27.91 15.41
N GLU B 295 -31.97 27.81 14.08
CA GLU B 295 -31.41 26.63 13.42
C GLU B 295 -30.97 26.96 12.00
N GLY B 296 -30.17 26.09 11.40
CA GLY B 296 -29.74 26.25 10.04
C GLY B 296 -28.85 27.45 9.82
N PRO B 297 -29.36 28.45 9.11
CA PRO B 297 -28.54 29.63 8.79
C PRO B 297 -28.00 30.35 10.02
N CYS B 298 -28.82 30.49 11.05
CA CYS B 298 -28.42 31.21 12.26
C CYS B 298 -27.16 30.61 12.88
N PRO B 299 -27.13 29.29 13.10
CA PRO B 299 -25.95 28.68 13.74
C PRO B 299 -24.60 29.10 13.20
N LYS B 300 -24.50 29.49 11.93
CA LYS B 300 -23.19 29.73 11.33
C LYS B 300 -23.32 30.76 10.22
N VAL B 301 -22.31 31.64 10.12
CA VAL B 301 -22.16 32.57 9.01
C VAL B 301 -20.87 32.25 8.27
N CYS B 302 -20.93 32.28 6.94
CA CYS B 302 -19.81 31.86 6.10
C CYS B 302 -19.14 33.02 5.37
N GLU B 303 -19.10 34.20 6.00
CA GLU B 303 -18.47 35.34 5.35
C GLU B 303 -16.96 35.13 5.27
N GLU B 304 -16.33 35.88 4.36
CA GLU B 304 -14.89 35.83 4.18
C GLU B 304 -14.36 37.25 4.03
N GLU B 305 -13.16 37.48 4.56
CA GLU B 305 -12.54 38.79 4.43
C GLU B 305 -12.44 39.20 2.96
N LYS B 306 -12.08 38.26 2.10
CA LYS B 306 -12.19 38.48 0.67
C LYS B 306 -13.65 38.60 0.28
N LYS B 307 -13.95 39.54 -0.62
CA LYS B 307 -15.32 39.66 -1.12
C LYS B 307 -15.65 38.53 -2.08
N THR B 308 -14.64 37.95 -2.72
CA THR B 308 -14.82 36.84 -3.66
C THR B 308 -13.94 35.68 -3.20
N LYS B 309 -14.55 34.70 -2.54
CA LYS B 309 -13.84 33.50 -2.12
C LYS B 309 -13.92 32.50 -3.27
N THR B 310 -12.87 32.46 -4.09
CA THR B 310 -12.83 31.57 -5.23
C THR B 310 -12.26 30.21 -4.83
N ILE B 311 -12.74 29.17 -5.50
CA ILE B 311 -12.32 27.80 -5.22
C ILE B 311 -11.75 27.21 -6.50
N ASP B 312 -10.53 26.71 -6.43
CA ASP B 312 -9.92 25.96 -7.52
C ASP B 312 -9.56 24.53 -7.15
N SER B 313 -9.77 24.13 -5.90
CA SER B 313 -9.49 22.76 -5.48
C SER B 313 -10.33 22.47 -4.25
N VAL B 314 -10.44 21.18 -3.93
CA VAL B 314 -11.19 20.78 -2.74
C VAL B 314 -10.65 21.49 -1.51
N THR B 315 -9.33 21.48 -1.34
CA THR B 315 -8.73 22.18 -0.21
C THR B 315 -9.06 23.67 -0.24
N SER B 316 -9.22 24.26 -1.42
CA SER B 316 -9.55 25.68 -1.50
C SER B 316 -10.89 25.98 -0.82
N ALA B 317 -11.74 24.97 -0.66
CA ALA B 317 -13.04 25.14 -0.02
C ALA B 317 -13.03 24.73 1.45
N GLN B 318 -11.87 24.36 1.99
CA GLN B 318 -11.83 23.80 3.34
C GLN B 318 -12.46 24.74 4.36
N MET B 319 -12.10 26.02 4.30
CA MET B 319 -12.61 26.99 5.27
C MET B 319 -14.12 27.10 5.24
N LEU B 320 -14.78 26.71 4.15
CA LEU B 320 -16.23 26.80 4.04
C LEU B 320 -16.93 25.57 4.61
N GLN B 321 -16.19 24.66 5.24
CA GLN B 321 -16.80 23.46 5.78
C GLN B 321 -17.76 23.81 6.92
N GLY B 322 -18.93 23.18 6.90
CA GLY B 322 -19.92 23.40 7.94
C GLY B 322 -20.40 24.83 8.02
N CYS B 323 -20.74 25.42 6.87
CA CYS B 323 -21.20 26.80 6.84
C CYS B 323 -22.37 26.90 5.87
N THR B 324 -23.19 27.93 6.06
CA THR B 324 -24.48 28.02 5.38
C THR B 324 -24.62 29.26 4.50
N ILE B 325 -24.27 30.44 5.00
CA ILE B 325 -24.53 31.69 4.29
C ILE B 325 -23.21 32.40 4.05
N PHE B 326 -22.94 32.74 2.79
CA PHE B 326 -21.77 33.51 2.40
C PHE B 326 -22.20 34.95 2.13
N LYS B 327 -21.61 35.89 2.85
CA LYS B 327 -21.89 37.31 2.64
C LYS B 327 -20.94 37.85 1.57
N GLY B 328 -21.20 37.44 0.33
CA GLY B 328 -20.37 37.81 -0.78
C GLY B 328 -20.78 37.12 -2.07
N ASN B 329 -19.83 36.53 -2.77
CA ASN B 329 -20.10 35.86 -4.03
C ASN B 329 -19.15 34.68 -4.19
N LEU B 330 -19.52 33.75 -5.06
CA LEU B 330 -18.77 32.52 -5.29
C LEU B 330 -18.15 32.51 -6.68
N LEU B 331 -17.02 31.83 -6.82
CA LEU B 331 -16.31 31.72 -8.08
C LEU B 331 -15.58 30.38 -8.11
N ILE B 332 -15.87 29.57 -9.12
CA ILE B 332 -15.31 28.23 -9.25
C ILE B 332 -14.56 28.14 -10.58
N ASN B 333 -13.34 27.62 -10.52
CA ASN B 333 -12.49 27.42 -11.69
C ASN B 333 -11.79 26.07 -11.59
N ILE B 334 -12.55 25.03 -11.22
CA ILE B 334 -11.99 23.71 -10.96
C ILE B 334 -11.94 22.98 -12.30
N ARG B 335 -10.73 22.90 -12.89
CA ARG B 335 -10.57 22.29 -14.20
C ARG B 335 -10.46 20.77 -14.13
N ARG B 336 -9.65 20.26 -13.20
CA ARG B 336 -9.39 18.83 -13.11
C ARG B 336 -9.64 18.33 -11.70
N GLY B 337 -10.25 17.15 -11.59
CA GLY B 337 -10.47 16.53 -10.31
C GLY B 337 -11.45 15.37 -10.35
N ASN B 338 -11.13 14.29 -9.64
CA ASN B 338 -12.01 13.14 -9.51
C ASN B 338 -12.36 12.96 -8.04
N ASN B 339 -13.57 12.46 -7.78
CA ASN B 339 -14.15 12.34 -6.45
C ASN B 339 -14.37 13.72 -5.84
N ILE B 340 -14.12 14.80 -6.58
CA ILE B 340 -14.18 16.14 -6.01
C ILE B 340 -15.59 16.46 -5.55
N ALA B 341 -16.60 16.12 -6.35
CA ALA B 341 -17.98 16.44 -5.99
C ALA B 341 -18.33 15.85 -4.63
N SER B 342 -18.12 14.55 -4.45
CA SER B 342 -18.46 13.91 -3.19
C SER B 342 -17.93 14.69 -1.99
N GLU B 343 -16.87 15.47 -2.19
CA GLU B 343 -16.33 16.31 -1.13
C GLU B 343 -16.82 17.75 -1.21
N LEU B 344 -17.33 18.18 -2.36
CA LEU B 344 -17.94 19.51 -2.43
C LEU B 344 -19.29 19.52 -1.73
N GLU B 345 -20.06 18.45 -1.88
CA GLU B 345 -21.29 18.32 -1.10
C GLU B 345 -21.02 18.39 0.39
N ASN B 346 -19.81 18.02 0.83
CA ASN B 346 -19.46 18.02 2.25
C ASN B 346 -18.88 19.35 2.71
N PHE B 347 -17.89 19.86 1.98
CA PHE B 347 -17.27 21.13 2.36
C PHE B 347 -18.25 22.29 2.27
N MET B 348 -18.95 22.41 1.15
CA MET B 348 -19.78 23.58 0.94
C MET B 348 -21.10 23.23 0.24
N GLY B 349 -21.64 22.04 0.50
CA GLY B 349 -23.02 21.74 0.15
C GLY B 349 -24.04 22.24 1.16
N LEU B 350 -23.58 22.78 2.29
CA LEU B 350 -24.45 23.35 3.30
C LEU B 350 -24.84 24.79 3.01
N ILE B 351 -24.35 25.35 1.91
CA ILE B 351 -24.57 26.78 1.64
C ILE B 351 -26.05 27.02 1.38
N GLU B 352 -26.60 28.01 2.06
CA GLU B 352 -28.02 28.33 1.98
C GLU B 352 -28.31 29.64 1.26
N VAL B 353 -27.72 30.75 1.72
CA VAL B 353 -28.02 32.07 1.19
C VAL B 353 -26.71 32.74 0.81
N VAL B 354 -26.78 33.62 -0.19
CA VAL B 354 -25.61 34.30 -0.71
C VAL B 354 -25.94 35.76 -0.94
N THR B 355 -25.08 36.66 -0.47
CA THR B 355 -25.27 38.09 -0.63
C THR B 355 -24.50 38.63 -1.84
N GLY B 356 -24.80 38.11 -3.02
CA GLY B 356 -24.13 38.56 -4.22
C GLY B 356 -24.27 37.55 -5.34
N TYR B 357 -23.30 37.59 -6.26
CA TYR B 357 -23.35 36.78 -7.46
C TYR B 357 -22.60 35.46 -7.25
N VAL B 358 -22.63 34.62 -8.28
CA VAL B 358 -21.90 33.36 -8.29
C VAL B 358 -21.48 33.08 -9.73
N LYS B 359 -20.30 32.49 -9.90
CA LYS B 359 -19.69 32.34 -11.21
C LYS B 359 -18.98 31.00 -11.33
N ILE B 360 -19.20 30.33 -12.46
CA ILE B 360 -18.63 29.03 -12.77
C ILE B 360 -17.87 29.17 -14.08
N ARG B 361 -16.62 28.68 -14.10
CA ARG B 361 -15.73 28.98 -15.21
C ARG B 361 -14.73 27.85 -15.39
N HIS B 362 -14.58 27.37 -16.62
CA HIS B 362 -13.56 26.36 -16.96
C HIS B 362 -13.61 25.19 -15.98
N SER B 363 -14.82 24.69 -15.75
CA SER B 363 -15.02 23.57 -14.85
C SER B 363 -15.18 22.27 -15.65
N HIS B 364 -14.10 21.89 -16.33
CA HIS B 364 -14.12 20.67 -17.13
C HIS B 364 -14.32 19.41 -16.29
N ALA B 365 -14.02 19.45 -15.00
CA ALA B 365 -14.10 18.28 -14.15
C ALA B 365 -15.45 18.10 -13.49
N LEU B 366 -16.43 18.94 -13.82
CA LEU B 366 -17.76 18.86 -13.22
C LEU B 366 -18.80 18.64 -14.31
N VAL B 367 -19.83 17.87 -13.96
CA VAL B 367 -20.88 17.52 -14.90
C VAL B 367 -22.28 17.83 -14.40
N SER B 368 -22.49 18.07 -13.10
CA SER B 368 -23.81 18.38 -12.59
C SER B 368 -23.69 19.23 -11.32
N LEU B 369 -24.36 20.39 -11.32
CA LEU B 369 -24.37 21.27 -10.16
C LEU B 369 -25.22 20.74 -9.02
N SER B 370 -25.72 19.50 -9.10
CA SER B 370 -26.52 18.96 -8.01
C SER B 370 -25.76 18.90 -6.70
N PHE B 371 -24.43 18.97 -6.74
CA PHE B 371 -23.64 18.91 -5.52
C PHE B 371 -23.85 20.14 -4.64
N LEU B 372 -24.51 21.17 -5.14
CA LEU B 372 -24.87 22.35 -4.34
C LEU B 372 -26.31 22.20 -3.89
N LYS B 373 -26.49 21.48 -2.77
CA LYS B 373 -27.84 21.07 -2.38
C LYS B 373 -28.54 22.13 -1.54
N ASN B 374 -27.85 22.69 -0.54
CA ASN B 374 -28.53 23.49 0.47
C ASN B 374 -28.92 24.88 -0.02
N LEU B 375 -28.35 25.36 -1.12
CA LEU B 375 -28.68 26.70 -1.59
C LEU B 375 -30.17 26.81 -1.90
N ARG B 376 -30.79 27.85 -1.37
CA ARG B 376 -32.22 28.09 -1.58
C ARG B 376 -32.49 29.42 -2.26
N LEU B 377 -31.78 30.47 -1.87
CA LEU B 377 -31.99 31.80 -2.44
C LEU B 377 -30.64 32.47 -2.65
N ILE B 378 -30.58 33.31 -3.67
CA ILE B 378 -29.42 34.14 -3.97
C ILE B 378 -29.88 35.59 -3.94
N LEU B 379 -29.15 36.44 -3.22
CA LEU B 379 -29.50 37.85 -3.16
C LEU B 379 -29.01 38.59 -4.39
N GLY B 380 -27.71 38.60 -4.63
CA GLY B 380 -27.16 39.36 -5.73
C GLY B 380 -26.72 40.75 -5.35
N GLU B 381 -26.58 41.04 -4.06
CA GLU B 381 -26.12 42.36 -3.64
C GLU B 381 -24.84 42.74 -4.36
N GLU B 382 -23.85 41.85 -4.35
CA GLU B 382 -22.65 41.99 -5.16
C GLU B 382 -22.93 41.38 -6.52
N GLN B 383 -22.93 42.22 -7.56
CA GLN B 383 -23.30 41.81 -8.90
C GLN B 383 -22.20 42.20 -9.88
N LEU B 384 -22.08 41.43 -10.95
CA LEU B 384 -21.05 41.65 -11.96
C LEU B 384 -21.49 42.74 -12.93
N GLU B 385 -20.55 43.14 -13.79
CA GLU B 385 -20.87 44.09 -14.85
C GLU B 385 -21.90 43.48 -15.78
N GLY B 386 -22.80 44.32 -16.29
CA GLY B 386 -23.96 43.83 -17.00
C GLY B 386 -25.06 43.31 -16.11
N ASN B 387 -24.93 43.48 -14.79
CA ASN B 387 -25.92 43.03 -13.83
C ASN B 387 -26.06 41.52 -13.78
N TYR B 388 -24.98 40.80 -14.11
CA TYR B 388 -24.99 39.34 -14.12
C TYR B 388 -24.69 38.83 -12.72
N SER B 389 -25.66 38.15 -12.10
CA SER B 389 -25.48 37.60 -10.77
C SER B 389 -25.25 36.09 -10.76
N PHE B 390 -25.34 35.43 -11.91
CA PHE B 390 -25.10 34.00 -11.98
C PHE B 390 -24.49 33.69 -13.35
N TYR B 391 -23.17 33.59 -13.38
CA TYR B 391 -22.41 33.47 -14.63
C TYR B 391 -21.95 32.03 -14.76
N VAL B 392 -22.15 31.43 -15.93
CA VAL B 392 -21.66 30.09 -16.21
C VAL B 392 -21.04 30.10 -17.60
N LEU B 393 -19.72 29.98 -17.66
CA LEU B 393 -18.99 30.17 -18.91
C LEU B 393 -17.96 29.07 -19.09
N ASP B 394 -17.80 28.63 -20.34
CA ASP B 394 -16.77 27.68 -20.73
C ASP B 394 -16.75 26.48 -19.80
N ASN B 395 -17.83 25.71 -19.86
CA ASN B 395 -17.92 24.44 -19.16
C ASN B 395 -18.21 23.36 -20.20
N GLN B 396 -17.14 22.74 -20.70
CA GLN B 396 -17.27 21.77 -21.78
C GLN B 396 -18.12 20.58 -21.39
N ASN B 397 -18.23 20.27 -20.10
CA ASN B 397 -18.70 18.97 -19.66
C ASN B 397 -19.96 19.03 -18.79
N LEU B 398 -20.46 20.21 -18.48
CA LEU B 398 -21.61 20.30 -17.58
C LEU B 398 -22.84 19.72 -18.26
N GLN B 399 -23.60 18.92 -17.52
CA GLN B 399 -24.75 18.22 -18.09
C GLN B 399 -26.07 18.88 -17.69
N GLN B 400 -26.30 19.04 -16.39
CA GLN B 400 -27.58 19.49 -15.90
C GLN B 400 -27.42 20.06 -14.51
N LEU B 401 -28.19 21.11 -14.22
CA LEU B 401 -28.08 21.84 -12.97
C LEU B 401 -28.76 21.04 -11.86
N TRP B 402 -29.06 21.71 -10.73
CA TRP B 402 -29.79 21.07 -9.65
C TRP B 402 -30.97 20.27 -10.18
N ASP B 403 -31.20 19.10 -9.56
CA ASP B 403 -32.33 18.27 -9.91
C ASP B 403 -33.61 19.10 -9.84
N TRP B 404 -34.28 19.28 -10.98
CA TRP B 404 -35.39 20.21 -11.10
C TRP B 404 -36.75 19.53 -10.99
N ASP B 405 -36.86 18.48 -10.19
CA ASP B 405 -38.15 17.87 -9.93
C ASP B 405 -38.67 18.20 -8.54
N HIS B 406 -37.78 18.48 -7.59
CA HIS B 406 -38.18 18.80 -6.23
C HIS B 406 -37.42 19.95 -5.60
N ARG B 407 -36.35 20.44 -6.21
CA ARG B 407 -35.46 21.39 -5.55
C ARG B 407 -35.74 22.79 -6.10
N ASN B 408 -35.95 23.74 -5.21
CA ASN B 408 -36.31 25.11 -5.59
C ASN B 408 -35.11 26.04 -5.43
N LEU B 409 -35.17 27.16 -6.15
CA LEU B 409 -34.09 28.14 -6.12
C LEU B 409 -34.64 29.49 -6.53
N THR B 410 -33.93 30.56 -6.14
CA THR B 410 -34.29 31.91 -6.53
C THR B 410 -33.05 32.78 -6.54
N ILE B 411 -32.96 33.64 -7.55
CA ILE B 411 -31.90 34.65 -7.65
C ILE B 411 -32.58 36.00 -7.55
N LYS B 412 -32.22 36.78 -6.54
CA LYS B 412 -32.98 37.98 -6.21
C LYS B 412 -32.55 39.17 -7.07
N ALA B 413 -31.28 39.57 -6.96
CA ALA B 413 -30.84 40.88 -7.42
C ALA B 413 -29.87 40.79 -8.61
N GLY B 414 -30.20 39.97 -9.60
CA GLY B 414 -29.43 39.99 -10.83
C GLY B 414 -29.88 38.89 -11.76
N LYS B 415 -29.34 38.93 -12.98
CA LYS B 415 -29.61 37.95 -14.00
C LYS B 415 -28.46 36.94 -14.06
N MET B 416 -28.49 36.08 -15.07
CA MET B 416 -27.51 35.02 -15.23
C MET B 416 -27.07 34.94 -16.69
N TYR B 417 -25.84 34.47 -16.89
CA TYR B 417 -25.27 34.34 -18.22
C TYR B 417 -24.84 32.90 -18.44
N PHE B 418 -25.15 32.37 -19.62
CA PHE B 418 -24.77 31.02 -20.01
C PHE B 418 -24.16 31.03 -21.40
N ALA B 419 -23.09 30.25 -21.57
CA ALA B 419 -22.40 30.21 -22.85
C ALA B 419 -21.33 29.13 -22.79
N PHE B 420 -21.04 28.54 -23.95
CA PHE B 420 -19.86 27.71 -24.13
C PHE B 420 -19.92 26.45 -23.28
N ASN B 421 -21.09 25.83 -23.20
CA ASN B 421 -21.28 24.61 -22.44
C ASN B 421 -22.05 23.60 -23.28
N PRO B 422 -21.36 22.80 -24.10
CA PRO B 422 -22.05 22.01 -25.12
C PRO B 422 -22.75 20.76 -24.62
N LYS B 423 -22.53 20.35 -23.37
CA LYS B 423 -23.23 19.21 -22.81
C LYS B 423 -24.39 19.60 -21.92
N LEU B 424 -24.65 20.89 -21.74
CA LEU B 424 -25.80 21.39 -21.00
C LEU B 424 -26.79 21.98 -22.01
N CYS B 425 -27.89 21.29 -22.24
CA CYS B 425 -28.87 21.75 -23.20
C CYS B 425 -29.81 22.77 -22.59
N VAL B 426 -30.47 23.54 -23.45
CA VAL B 426 -31.30 24.65 -23.01
C VAL B 426 -32.42 24.17 -22.09
N SER B 427 -32.88 22.93 -22.26
CA SER B 427 -33.97 22.43 -21.43
C SER B 427 -33.64 22.51 -19.95
N GLU B 428 -32.36 22.43 -19.59
CA GLU B 428 -31.97 22.46 -18.19
C GLU B 428 -31.96 23.87 -17.61
N ILE B 429 -32.07 24.90 -18.43
CA ILE B 429 -32.01 26.27 -17.96
C ILE B 429 -33.34 26.96 -18.20
N TYR B 430 -34.03 26.56 -19.28
CA TYR B 430 -35.34 27.15 -19.56
C TYR B 430 -36.30 26.92 -18.41
N ARG B 431 -36.27 25.73 -17.81
CA ARG B 431 -37.08 25.47 -16.64
C ARG B 431 -36.64 26.34 -15.46
N MET B 432 -35.33 26.56 -15.32
CA MET B 432 -34.84 27.35 -14.20
C MET B 432 -35.41 28.76 -14.21
N GLU B 433 -35.56 29.35 -15.40
CA GLU B 433 -36.14 30.68 -15.47
C GLU B 433 -37.49 30.71 -14.78
N GLU B 434 -38.25 29.61 -14.87
CA GLU B 434 -39.52 29.54 -14.17
C GLU B 434 -39.32 29.50 -12.66
N VAL B 435 -38.35 28.74 -12.19
CA VAL B 435 -38.25 28.40 -10.77
C VAL B 435 -37.56 29.47 -9.94
N THR B 436 -36.74 30.33 -10.55
CA THR B 436 -36.02 31.36 -9.81
C THR B 436 -36.55 32.76 -10.11
N GLY B 437 -37.77 32.86 -10.61
CA GLY B 437 -38.40 34.16 -10.78
C GLY B 437 -37.57 35.13 -11.59
N THR B 438 -36.99 34.67 -12.69
CA THR B 438 -36.03 35.46 -13.44
C THR B 438 -36.24 35.33 -14.95
N LYS B 439 -37.47 35.02 -15.38
CA LYS B 439 -37.71 34.80 -16.80
C LYS B 439 -37.43 36.06 -17.60
N GLY B 440 -37.81 37.22 -17.09
CA GLY B 440 -37.69 38.48 -17.79
C GLY B 440 -36.50 39.32 -17.44
N ARG B 441 -35.61 38.86 -16.55
CA ARG B 441 -34.45 39.68 -16.19
C ARG B 441 -33.56 39.93 -17.39
N GLN B 442 -33.32 38.90 -18.20
CA GLN B 442 -32.31 38.95 -19.24
C GLN B 442 -32.92 38.55 -20.58
N SER B 443 -32.27 39.00 -21.65
CA SER B 443 -32.63 38.57 -23.00
C SER B 443 -32.06 37.18 -23.26
N LYS B 444 -32.36 36.64 -24.44
CA LYS B 444 -31.90 35.31 -24.81
C LYS B 444 -30.43 35.29 -25.20
N GLY B 445 -29.82 36.45 -25.45
CA GLY B 445 -28.39 36.48 -25.71
C GLY B 445 -27.57 36.08 -24.50
N ASP B 446 -28.02 36.50 -23.31
CA ASP B 446 -27.30 36.16 -22.09
C ASP B 446 -27.18 34.65 -21.91
N ILE B 447 -28.11 33.90 -22.49
CA ILE B 447 -28.02 32.45 -22.57
C ILE B 447 -28.09 32.11 -24.05
N ASN B 448 -26.94 32.04 -24.70
CA ASN B 448 -26.89 31.89 -26.14
C ASN B 448 -27.35 30.50 -26.55
N THR B 449 -27.98 30.41 -27.71
CA THR B 449 -28.53 29.16 -28.21
C THR B 449 -27.58 28.41 -29.14
N ARG B 450 -26.40 28.96 -29.42
CA ARG B 450 -25.52 28.38 -30.42
C ARG B 450 -24.48 27.45 -29.81
N ASN B 451 -23.73 27.93 -28.82
CA ASN B 451 -22.66 27.15 -28.22
C ASN B 451 -23.07 26.43 -26.93
N ASN B 452 -24.21 26.81 -26.35
CA ASN B 452 -24.70 26.09 -25.18
C ASN B 452 -25.36 24.78 -25.60
N GLY B 453 -24.93 23.69 -24.97
CA GLY B 453 -25.57 22.40 -25.21
C GLY B 453 -25.47 21.89 -26.62
N GLU B 454 -24.51 22.36 -27.40
CA GLU B 454 -24.40 21.92 -28.79
C GLU B 454 -24.19 20.41 -28.86
N ARG B 455 -23.26 19.88 -28.06
CA ARG B 455 -23.01 18.44 -28.09
C ARG B 455 -24.20 17.65 -27.59
N ALA B 456 -24.85 18.13 -26.53
CA ALA B 456 -25.91 17.36 -25.88
C ALA B 456 -26.99 16.99 -26.89
N SER B 457 -27.39 15.72 -26.87
CA SER B 457 -28.45 15.24 -27.75
C SER B 457 -29.77 15.95 -27.41
N CYS B 458 -30.30 15.70 -26.22
CA CYS B 458 -31.43 16.46 -25.67
C CYS B 458 -32.52 16.64 -26.72
N GLU B 459 -33.17 15.53 -27.05
CA GLU B 459 -33.05 14.31 -26.26
C GLU B 459 -32.93 13.03 -27.07
N SER B 460 -32.30 12.04 -26.44
CA SER B 460 -32.15 10.71 -27.04
C SER B 460 -33.48 9.98 -27.06
N ASP B 461 -33.62 9.09 -28.03
CA ASP B 461 -34.79 8.22 -28.10
C ASP B 461 -34.55 6.95 -27.28
N VAL B 462 -35.49 6.02 -27.34
CA VAL B 462 -35.43 4.77 -26.61
C VAL B 462 -35.61 3.63 -27.61
N LEU B 463 -34.64 2.72 -27.65
CA LEU B 463 -34.70 1.57 -28.54
C LEU B 463 -35.52 0.45 -27.91
N HIS B 464 -35.85 -0.54 -28.73
CA HIS B 464 -36.70 -1.65 -28.32
C HIS B 464 -35.95 -2.96 -28.49
N PHE B 465 -36.05 -3.83 -27.49
CA PHE B 465 -35.29 -5.08 -27.48
C PHE B 465 -36.12 -6.15 -28.18
N THR B 466 -35.78 -6.43 -29.43
CA THR B 466 -36.57 -7.38 -30.21
C THR B 466 -36.51 -8.77 -29.57
N SER B 467 -35.35 -9.17 -29.08
CA SER B 467 -35.22 -10.50 -28.48
C SER B 467 -34.09 -10.51 -27.47
N THR B 468 -34.19 -11.40 -26.50
CA THR B 468 -33.17 -11.61 -25.49
C THR B 468 -33.01 -13.10 -25.26
N THR B 469 -31.82 -13.51 -24.81
CA THR B 469 -31.62 -14.91 -24.49
C THR B 469 -30.40 -15.05 -23.59
N THR B 470 -30.51 -15.90 -22.59
CA THR B 470 -29.44 -16.13 -21.63
C THR B 470 -28.73 -17.44 -21.96
N SER B 471 -27.69 -17.73 -21.19
CA SER B 471 -26.94 -18.97 -21.29
C SER B 471 -26.39 -19.27 -19.90
N LYS B 472 -25.37 -20.13 -19.84
CA LYS B 472 -24.67 -20.36 -18.58
C LYS B 472 -23.51 -19.39 -18.37
N ASN B 473 -22.98 -18.82 -19.44
CA ASN B 473 -21.94 -17.80 -19.32
C ASN B 473 -22.12 -16.69 -20.35
N ARG B 474 -23.19 -16.70 -21.13
CA ARG B 474 -23.33 -15.82 -22.27
C ARG B 474 -24.76 -15.31 -22.35
N ILE B 475 -24.90 -14.14 -22.96
CA ILE B 475 -26.19 -13.54 -23.23
C ILE B 475 -26.18 -13.01 -24.65
N ILE B 476 -27.21 -13.37 -25.42
CA ILE B 476 -27.40 -12.86 -26.77
C ILE B 476 -28.54 -11.87 -26.73
N ILE B 477 -28.28 -10.67 -27.24
CA ILE B 477 -29.23 -9.57 -27.17
C ILE B 477 -29.30 -8.88 -28.51
N THR B 478 -30.42 -8.20 -28.73
CA THR B 478 -30.69 -7.50 -29.98
C THR B 478 -31.52 -6.26 -29.66
N TRP B 479 -31.71 -5.42 -30.67
CA TRP B 479 -32.59 -4.28 -30.51
C TRP B 479 -33.21 -3.95 -31.86
N HIS B 480 -34.33 -3.23 -31.81
CA HIS B 480 -34.97 -2.75 -33.02
C HIS B 480 -33.95 -2.12 -33.95
N ARG B 481 -34.21 -2.21 -35.25
CA ARG B 481 -33.35 -1.58 -36.24
C ARG B 481 -33.52 -0.08 -36.20
N TYR B 482 -32.65 0.61 -35.47
CA TYR B 482 -32.70 2.06 -35.38
C TYR B 482 -32.51 2.68 -36.75
N ARG B 483 -33.39 3.59 -37.13
CA ARG B 483 -33.32 4.28 -38.41
C ARG B 483 -33.34 5.78 -38.20
N PRO B 484 -32.18 6.45 -38.16
CA PRO B 484 -32.17 7.89 -37.93
C PRO B 484 -32.86 8.63 -39.06
N PRO B 485 -33.01 9.95 -38.96
CA PRO B 485 -33.57 10.70 -40.10
C PRO B 485 -32.78 10.51 -41.37
N ASP B 486 -31.46 10.36 -41.27
CA ASP B 486 -30.60 10.02 -42.40
C ASP B 486 -29.75 8.82 -42.00
N TYR B 487 -29.90 7.71 -42.73
CA TYR B 487 -29.33 6.45 -42.29
C TYR B 487 -27.80 6.50 -42.22
N ARG B 488 -27.16 7.26 -43.11
CA ARG B 488 -25.71 7.37 -43.08
C ARG B 488 -25.20 7.96 -41.78
N ASP B 489 -26.07 8.65 -41.03
CA ASP B 489 -25.64 9.27 -39.78
C ASP B 489 -25.07 8.21 -38.83
N LEU B 490 -25.90 7.28 -38.37
CA LEU B 490 -25.43 6.27 -37.44
C LEU B 490 -24.29 5.47 -38.08
N ILE B 491 -23.24 5.23 -37.30
CA ILE B 491 -22.11 4.46 -37.76
C ILE B 491 -21.89 3.19 -36.96
N SER B 492 -22.45 3.07 -35.77
CA SER B 492 -22.22 1.90 -34.93
C SER B 492 -23.22 1.89 -33.79
N PHE B 493 -23.05 0.88 -32.92
CA PHE B 493 -23.80 0.75 -31.70
C PHE B 493 -22.82 0.35 -30.60
N THR B 494 -23.08 0.81 -29.37
CA THR B 494 -22.32 0.34 -28.23
C THR B 494 -23.27 -0.31 -27.25
N VAL B 495 -22.85 -1.42 -26.66
CA VAL B 495 -23.67 -2.20 -25.75
C VAL B 495 -22.95 -2.24 -24.41
N TYR B 496 -23.20 -1.24 -23.58
CA TYR B 496 -22.75 -1.22 -22.21
C TYR B 496 -23.14 -2.50 -21.52
N TYR B 497 -22.50 -2.76 -20.39
CA TYR B 497 -22.90 -3.87 -19.53
C TYR B 497 -22.07 -3.88 -18.27
N LYS B 498 -22.63 -4.39 -17.18
CA LYS B 498 -21.89 -4.57 -15.94
C LYS B 498 -22.79 -5.32 -14.97
N GLU B 499 -22.17 -5.88 -13.94
CA GLU B 499 -22.93 -6.51 -12.88
C GLU B 499 -23.69 -5.43 -12.10
N ALA B 500 -24.99 -5.64 -11.93
CA ALA B 500 -25.85 -4.69 -11.24
C ALA B 500 -26.92 -5.45 -10.48
N PRO B 501 -26.56 -6.04 -9.35
CA PRO B 501 -27.56 -6.79 -8.57
C PRO B 501 -28.74 -5.95 -8.14
N PHE B 502 -28.53 -4.65 -7.92
CA PHE B 502 -29.55 -3.77 -7.33
C PHE B 502 -30.00 -2.76 -8.38
N LYS B 503 -31.32 -2.55 -8.45
CA LYS B 503 -31.89 -1.68 -9.47
C LYS B 503 -31.49 -0.22 -9.27
N ASN B 504 -30.94 0.14 -8.12
CA ASN B 504 -30.55 1.52 -7.85
C ASN B 504 -29.29 1.88 -8.62
N VAL B 505 -29.39 1.90 -9.95
CA VAL B 505 -28.25 2.20 -10.81
C VAL B 505 -28.74 2.92 -12.06
N THR B 506 -28.05 3.97 -12.46
CA THR B 506 -28.34 4.67 -13.69
C THR B 506 -27.04 5.18 -14.29
N GLU B 507 -26.93 5.04 -15.61
CA GLU B 507 -25.72 5.42 -16.32
C GLU B 507 -25.58 6.93 -16.48
N TYR B 508 -26.65 7.69 -16.27
CA TYR B 508 -26.60 9.13 -16.43
C TYR B 508 -25.77 9.80 -15.35
N ASP B 509 -25.37 9.06 -14.32
CA ASP B 509 -24.45 9.58 -13.32
C ASP B 509 -23.19 10.16 -13.94
N GLY B 510 -22.87 9.79 -15.18
CA GLY B 510 -21.66 10.25 -15.83
C GLY B 510 -20.44 9.41 -15.55
N GLN B 511 -20.56 8.33 -14.79
CA GLN B 511 -19.44 7.45 -14.52
C GLN B 511 -18.19 8.24 -14.15
N ASP B 512 -17.25 8.36 -15.08
CA ASP B 512 -16.07 9.21 -14.89
C ASP B 512 -16.30 10.56 -15.54
N ALA B 513 -17.27 11.30 -14.99
CA ALA B 513 -17.76 12.53 -15.57
C ALA B 513 -18.28 12.33 -16.99
N CYS B 514 -18.61 11.10 -17.35
CA CYS B 514 -19.08 10.75 -18.69
C CYS B 514 -19.16 9.23 -18.81
N GLY B 515 -18.11 8.61 -19.36
CA GLY B 515 -18.01 7.18 -19.45
C GLY B 515 -16.91 6.60 -18.59
N SER B 516 -16.51 5.38 -18.93
CA SER B 516 -15.43 4.69 -18.23
C SER B 516 -15.79 4.43 -16.77
N ASN B 517 -14.85 3.90 -15.99
CA ASN B 517 -15.04 3.65 -14.56
C ASN B 517 -16.20 2.69 -14.31
N SER B 518 -15.96 1.43 -14.68
CA SER B 518 -16.76 0.30 -14.23
C SER B 518 -18.03 0.07 -15.04
N TRP B 519 -18.19 0.74 -16.17
CA TRP B 519 -19.17 0.33 -17.18
C TRP B 519 -18.37 -0.31 -18.31
N ASN B 520 -18.14 -1.62 -18.18
CA ASN B 520 -17.32 -2.34 -19.14
C ASN B 520 -17.87 -2.14 -20.55
N MET B 521 -16.99 -1.79 -21.47
CA MET B 521 -17.38 -1.37 -22.80
C MET B 521 -17.23 -2.52 -23.79
N VAL B 522 -18.14 -2.59 -24.76
CA VAL B 522 -18.02 -3.47 -25.92
C VAL B 522 -18.77 -2.79 -27.05
N ASP B 523 -18.33 -3.05 -28.27
CA ASP B 523 -18.95 -2.49 -29.46
C ASP B 523 -19.17 -3.59 -30.48
N VAL B 524 -20.15 -3.35 -31.35
CA VAL B 524 -20.42 -4.22 -32.48
C VAL B 524 -21.06 -3.38 -33.56
N ASP B 525 -20.81 -3.74 -34.81
CA ASP B 525 -21.33 -3.01 -35.95
C ASP B 525 -22.59 -3.68 -36.49
N LEU B 526 -23.43 -2.89 -37.12
CA LEU B 526 -24.64 -3.42 -37.73
C LEU B 526 -24.25 -4.36 -38.88
N PRO B 527 -24.87 -5.53 -39.00
CA PRO B 527 -24.46 -6.46 -40.05
C PRO B 527 -24.79 -5.91 -41.42
N PRO B 528 -24.07 -6.35 -42.46
CA PRO B 528 -24.27 -5.74 -43.78
C PRO B 528 -25.70 -5.86 -44.31
N ASN B 529 -26.36 -6.99 -44.06
CA ASN B 529 -27.70 -7.20 -44.58
C ASN B 529 -28.69 -6.28 -43.86
N LYS B 530 -29.50 -5.55 -44.64
CA LYS B 530 -30.52 -4.70 -44.05
C LYS B 530 -31.69 -5.49 -43.49
N ASP B 531 -31.77 -6.78 -43.76
CA ASP B 531 -32.88 -7.62 -43.31
C ASP B 531 -32.61 -8.29 -41.97
N VAL B 532 -31.43 -8.11 -41.40
CA VAL B 532 -31.08 -8.72 -40.12
C VAL B 532 -30.91 -7.59 -39.11
N GLU B 533 -31.69 -7.64 -38.04
CA GLU B 533 -31.60 -6.61 -37.01
C GLU B 533 -30.38 -6.84 -36.14
N PRO B 534 -29.81 -5.78 -35.56
CA PRO B 534 -28.54 -5.94 -34.82
C PRO B 534 -28.66 -6.91 -33.66
N GLY B 535 -27.59 -7.67 -33.45
CA GLY B 535 -27.50 -8.53 -32.29
C GLY B 535 -26.04 -8.76 -31.97
N ILE B 536 -25.78 -9.15 -30.72
CA ILE B 536 -24.42 -9.44 -30.29
C ILE B 536 -24.44 -10.63 -29.34
N LEU B 537 -23.25 -11.05 -28.93
CA LEU B 537 -23.06 -12.18 -28.03
C LEU B 537 -22.11 -11.75 -26.92
N LEU B 538 -22.66 -11.17 -25.86
CA LEU B 538 -21.85 -10.88 -24.69
C LEU B 538 -21.57 -12.19 -23.97
N HIS B 539 -20.39 -12.31 -23.40
CA HIS B 539 -19.90 -13.64 -23.04
C HIS B 539 -18.88 -13.52 -21.92
N GLY B 540 -18.57 -14.67 -21.32
CA GLY B 540 -17.69 -14.69 -20.17
C GLY B 540 -18.33 -14.14 -18.93
N LEU B 541 -19.62 -13.88 -18.96
CA LEU B 541 -20.28 -13.17 -17.88
C LEU B 541 -20.32 -14.02 -16.61
N LYS B 542 -20.06 -13.38 -15.48
CA LYS B 542 -20.08 -14.06 -14.21
C LYS B 542 -21.48 -14.60 -13.94
N PRO B 543 -21.64 -15.89 -13.69
CA PRO B 543 -22.95 -16.43 -13.32
C PRO B 543 -23.49 -15.83 -12.03
N TRP B 544 -24.82 -15.93 -11.87
CA TRP B 544 -25.46 -15.69 -10.57
C TRP B 544 -25.45 -14.22 -10.19
N THR B 545 -25.73 -13.34 -11.15
CA THR B 545 -25.76 -11.92 -10.84
C THR B 545 -26.60 -11.19 -11.88
N GLN B 546 -27.49 -10.33 -11.38
CA GLN B 546 -28.34 -9.53 -12.26
C GLN B 546 -27.50 -8.50 -13.00
N TYR B 547 -27.74 -8.38 -14.30
CA TYR B 547 -26.90 -7.58 -15.19
C TYR B 547 -27.74 -6.48 -15.83
N ALA B 548 -27.51 -5.25 -15.41
CA ALA B 548 -28.09 -4.11 -16.08
C ALA B 548 -27.46 -3.98 -17.46
N VAL B 549 -28.22 -3.41 -18.39
CA VAL B 549 -27.76 -3.19 -19.75
C VAL B 549 -28.54 -2.03 -20.31
N TYR B 550 -27.89 -1.26 -21.18
CA TYR B 550 -28.58 -0.28 -21.99
C TYR B 550 -27.82 -0.16 -23.29
N VAL B 551 -28.50 0.33 -24.31
CA VAL B 551 -27.93 0.45 -25.64
C VAL B 551 -27.81 1.92 -25.98
N LYS B 552 -26.64 2.32 -26.48
CA LYS B 552 -26.45 3.67 -26.99
C LYS B 552 -26.05 3.60 -28.45
N ALA B 553 -26.83 4.29 -29.28
CA ALA B 553 -26.50 4.43 -30.69
C ALA B 553 -25.59 5.65 -30.85
N VAL B 554 -24.30 5.40 -31.05
CA VAL B 554 -23.35 6.46 -31.28
C VAL B 554 -23.61 7.04 -32.66
N THR B 555 -23.70 8.36 -32.75
CA THR B 555 -24.09 9.02 -33.99
C THR B 555 -23.16 10.19 -34.28
N LEU B 556 -23.53 11.03 -35.24
CA LEU B 556 -22.65 12.06 -35.79
C LEU B 556 -23.37 13.40 -35.76
N THR B 557 -23.11 14.19 -34.72
CA THR B 557 -23.82 15.46 -34.54
C THR B 557 -23.22 16.57 -35.38
N MET B 558 -23.70 16.74 -36.61
CA MET B 558 -23.19 17.76 -37.50
C MET B 558 -24.31 18.28 -38.39
N VAL B 559 -24.06 19.43 -39.01
CA VAL B 559 -24.90 19.94 -40.10
C VAL B 559 -26.21 20.48 -39.55
N GLU B 560 -26.91 19.65 -38.77
CA GLU B 560 -28.17 20.06 -38.17
C GLU B 560 -28.13 20.00 -36.64
N ASN B 561 -27.03 19.54 -36.05
CA ASN B 561 -26.83 19.61 -34.61
C ASN B 561 -27.94 18.89 -33.85
N ASP B 562 -28.75 19.63 -33.11
CA ASP B 562 -29.71 19.01 -32.21
C ASP B 562 -30.66 18.08 -32.96
N HIS B 563 -30.87 18.31 -34.26
CA HIS B 563 -31.71 17.42 -35.04
C HIS B 563 -31.18 16.00 -35.03
N ILE B 564 -29.89 15.82 -34.78
CA ILE B 564 -29.31 14.49 -34.60
C ILE B 564 -29.78 13.98 -33.26
N ARG B 565 -30.79 13.12 -33.26
CA ARG B 565 -31.58 12.86 -32.06
C ARG B 565 -30.75 12.19 -30.98
N GLY B 566 -30.01 11.14 -31.34
CA GLY B 566 -29.37 10.30 -30.35
C GLY B 566 -30.34 9.24 -29.86
N ALA B 567 -29.83 8.10 -29.37
CA ALA B 567 -30.69 6.98 -29.04
C ALA B 567 -30.16 6.26 -27.81
N LYS B 568 -31.08 5.88 -26.92
CA LYS B 568 -30.71 5.15 -25.72
C LYS B 568 -31.94 4.45 -25.17
N SER B 569 -31.94 3.12 -25.20
CA SER B 569 -33.05 2.36 -24.66
C SER B 569 -33.08 2.45 -23.15
N GLU B 570 -34.14 1.92 -22.57
CA GLU B 570 -34.26 1.88 -21.12
C GLU B 570 -33.19 0.97 -20.54
N ILE B 571 -32.92 1.17 -19.25
CA ILE B 571 -31.96 0.34 -18.54
C ILE B 571 -32.62 -0.98 -18.22
N LEU B 572 -32.53 -1.94 -19.12
CA LEU B 572 -33.06 -3.25 -18.81
C LEU B 572 -32.16 -3.94 -17.79
N TYR B 573 -32.69 -4.95 -17.14
CA TYR B 573 -31.89 -5.82 -16.31
C TYR B 573 -32.24 -7.26 -16.66
N ILE B 574 -31.21 -8.10 -16.77
CA ILE B 574 -31.35 -9.47 -17.23
C ILE B 574 -30.60 -10.39 -16.29
N ARG B 575 -31.22 -11.53 -15.97
CA ARG B 575 -30.52 -12.56 -15.24
C ARG B 575 -29.57 -13.32 -16.16
N THR B 576 -28.49 -13.84 -15.58
CA THR B 576 -27.52 -14.61 -16.35
C THR B 576 -28.09 -15.94 -16.80
N ASN B 577 -29.23 -16.36 -16.27
CA ASN B 577 -29.56 -17.78 -16.21
C ASN B 577 -30.25 -18.38 -17.43
N ALA B 578 -29.44 -18.97 -18.30
CA ALA B 578 -29.80 -20.19 -18.99
C ALA B 578 -28.73 -21.16 -18.52
N SER B 579 -28.52 -21.17 -17.21
CA SER B 579 -27.23 -21.38 -16.58
C SER B 579 -27.25 -22.57 -15.64
N VAL B 580 -26.04 -23.08 -15.33
CA VAL B 580 -25.87 -24.26 -14.49
C VAL B 580 -24.82 -23.96 -13.42
N PRO B 581 -25.20 -23.91 -12.13
CA PRO B 581 -24.24 -23.45 -11.10
C PRO B 581 -22.88 -24.11 -11.13
N SER B 582 -21.89 -23.43 -10.57
CA SER B 582 -20.50 -23.89 -10.55
C SER B 582 -20.15 -24.52 -9.20
N ILE B 583 -20.93 -25.53 -8.82
CA ILE B 583 -20.63 -26.37 -7.65
C ILE B 583 -20.49 -25.56 -6.37
N PRO B 584 -20.64 -26.18 -5.20
CA PRO B 584 -20.58 -25.44 -3.94
C PRO B 584 -19.18 -24.95 -3.63
N LEU B 585 -19.07 -24.35 -2.45
CA LEU B 585 -17.81 -23.89 -1.89
C LEU B 585 -17.71 -24.31 -0.43
N ASP B 586 -16.49 -24.62 0.00
CA ASP B 586 -16.18 -24.80 1.42
C ASP B 586 -17.11 -25.82 2.07
N VAL B 587 -17.26 -26.96 1.41
CA VAL B 587 -18.10 -28.02 1.95
C VAL B 587 -17.43 -28.63 3.17
N LEU B 588 -18.16 -28.73 4.27
CA LEU B 588 -17.63 -29.30 5.50
C LEU B 588 -18.76 -29.96 6.27
N SER B 589 -18.40 -30.81 7.22
CA SER B 589 -19.38 -31.55 7.99
C SER B 589 -18.66 -32.26 9.12
N ALA B 590 -19.45 -32.90 9.98
CA ALA B 590 -18.95 -33.68 11.09
C ALA B 590 -20.05 -34.61 11.56
N SER B 591 -19.71 -35.49 12.50
CA SER B 591 -20.65 -36.45 13.08
C SER B 591 -20.82 -36.11 14.55
N ASN B 592 -21.78 -35.24 14.85
CA ASN B 592 -22.07 -34.90 16.23
C ASN B 592 -22.53 -36.12 17.02
N SER B 593 -23.19 -37.07 16.36
CA SER B 593 -23.69 -38.26 17.03
C SER B 593 -23.83 -39.38 16.01
N SER B 594 -23.93 -40.60 16.51
CA SER B 594 -24.11 -41.75 15.65
C SER B 594 -25.42 -41.61 14.88
N SER B 595 -25.40 -42.00 13.61
CA SER B 595 -26.50 -41.86 12.68
C SER B 595 -26.77 -40.41 12.33
N GLN B 596 -26.00 -39.46 12.86
CA GLN B 596 -26.23 -38.04 12.64
C GLN B 596 -24.99 -37.41 12.04
N LEU B 597 -25.17 -36.64 10.98
CA LEU B 597 -24.09 -35.90 10.34
C LEU B 597 -24.56 -34.48 10.09
N ILE B 598 -23.85 -33.52 10.67
CA ILE B 598 -24.12 -32.10 10.47
C ILE B 598 -23.29 -31.64 9.28
N VAL B 599 -23.96 -31.02 8.31
CA VAL B 599 -23.33 -30.59 7.06
C VAL B 599 -23.51 -29.10 6.94
N LYS B 600 -22.42 -28.39 6.66
CA LYS B 600 -22.45 -26.96 6.46
C LYS B 600 -21.42 -26.60 5.41
N TRP B 601 -21.79 -25.70 4.50
CA TRP B 601 -20.92 -25.28 3.42
C TRP B 601 -21.08 -23.78 3.24
N ASN B 602 -20.57 -23.28 2.12
CA ASN B 602 -20.64 -21.88 1.78
C ASN B 602 -21.19 -21.73 0.38
N PRO B 603 -21.70 -20.55 0.02
CA PRO B 603 -22.39 -20.40 -1.26
C PRO B 603 -21.48 -20.75 -2.43
N PRO B 604 -22.02 -21.36 -3.48
CA PRO B 604 -21.22 -21.60 -4.69
C PRO B 604 -20.68 -20.29 -5.26
N SER B 605 -19.50 -20.37 -5.87
CA SER B 605 -18.82 -19.16 -6.31
C SER B 605 -19.50 -18.51 -7.52
N LEU B 606 -19.87 -19.31 -8.53
CA LEU B 606 -20.47 -18.81 -9.75
C LEU B 606 -21.72 -19.62 -10.05
N PRO B 607 -22.75 -19.52 -9.20
CA PRO B 607 -23.83 -20.51 -9.22
C PRO B 607 -24.95 -20.29 -10.25
N ASN B 608 -24.78 -19.44 -11.26
CA ASN B 608 -25.62 -19.51 -12.46
C ASN B 608 -27.12 -19.36 -12.13
N GLY B 609 -27.48 -18.17 -11.68
CA GLY B 609 -28.88 -17.85 -11.43
C GLY B 609 -29.11 -16.83 -10.34
N ASN B 610 -29.93 -17.21 -9.36
CA ASN B 610 -30.13 -16.41 -8.16
C ASN B 610 -30.66 -17.32 -7.07
N LEU B 611 -30.62 -16.85 -5.83
CA LEU B 611 -30.79 -17.72 -4.67
C LEU B 611 -32.11 -18.48 -4.77
N SER B 612 -32.01 -19.79 -5.02
CA SER B 612 -33.18 -20.66 -5.05
C SER B 612 -33.10 -21.76 -4.01
N TYR B 613 -32.08 -22.61 -4.06
CA TYR B 613 -31.98 -23.75 -3.16
C TYR B 613 -30.69 -24.52 -3.42
N TYR B 614 -30.47 -25.59 -2.66
CA TYR B 614 -29.34 -26.49 -2.87
C TYR B 614 -29.86 -27.92 -2.99
N ILE B 615 -28.97 -28.82 -3.42
CA ILE B 615 -29.27 -30.24 -3.47
C ILE B 615 -28.05 -31.00 -2.96
N VAL B 616 -28.29 -32.03 -2.15
CA VAL B 616 -27.23 -32.82 -1.56
C VAL B 616 -27.60 -34.29 -1.72
N ARG B 617 -26.71 -35.08 -2.31
CA ARG B 617 -26.86 -36.51 -2.41
C ARG B 617 -25.79 -37.15 -1.54
N TRP B 618 -26.14 -38.24 -0.85
CA TRP B 618 -25.15 -38.95 -0.07
C TRP B 618 -25.32 -40.44 -0.30
N GLN B 619 -24.19 -41.13 -0.40
CA GLN B 619 -24.19 -42.56 -0.66
C GLN B 619 -23.28 -43.25 0.35
N ARG B 620 -23.79 -44.33 0.94
CA ARG B 620 -22.96 -45.18 1.76
C ARG B 620 -21.84 -45.76 0.91
N GLN B 621 -20.60 -45.69 1.42
CA GLN B 621 -19.46 -46.11 0.64
C GLN B 621 -18.87 -47.40 1.20
N PRO B 622 -18.27 -48.23 0.35
CA PRO B 622 -17.91 -49.58 0.78
C PRO B 622 -16.72 -49.60 1.71
N GLN B 623 -16.79 -50.51 2.68
CA GLN B 623 -15.60 -50.90 3.43
C GLN B 623 -14.73 -51.76 2.51
N ASP B 624 -13.62 -51.19 2.04
CA ASP B 624 -12.84 -51.81 0.99
C ASP B 624 -12.47 -53.25 1.35
N GLY B 625 -12.64 -54.16 0.39
CA GLY B 625 -12.20 -55.52 0.58
C GLY B 625 -10.72 -55.62 0.89
N TYR B 626 -9.94 -54.60 0.51
CA TYR B 626 -8.53 -54.54 0.88
C TYR B 626 -8.32 -54.93 2.33
N LEU B 627 -8.88 -54.14 3.25
CA LEU B 627 -8.56 -54.31 4.66
C LEU B 627 -9.00 -55.68 5.18
N TYR B 628 -10.02 -56.27 4.58
CA TYR B 628 -10.49 -57.59 5.02
C TYR B 628 -9.39 -58.63 4.91
N ARG B 629 -8.67 -58.64 3.78
CA ARG B 629 -7.74 -59.72 3.48
C ARG B 629 -6.39 -59.56 4.18
N HIS B 630 -6.30 -58.72 5.21
CA HIS B 630 -5.03 -58.40 5.85
C HIS B 630 -5.02 -58.87 7.29
N ASN B 631 -3.96 -59.57 7.68
CA ASN B 631 -3.73 -60.01 9.05
C ASN B 631 -2.98 -58.90 9.78
N TYR B 632 -3.74 -57.95 10.33
CA TYR B 632 -3.13 -56.81 11.02
C TYR B 632 -2.35 -57.24 12.25
N CYS B 633 -2.57 -58.47 12.74
CA CYS B 633 -1.80 -58.98 13.87
C CYS B 633 -0.32 -59.12 13.55
N SER B 634 0.05 -59.13 12.27
CA SER B 634 1.45 -59.28 11.86
C SER B 634 1.99 -58.10 11.07
N LYS B 635 1.12 -57.28 10.45
CA LYS B 635 1.60 -56.15 9.68
C LYS B 635 2.13 -55.05 10.59
N ASP B 636 3.21 -54.41 10.16
CA ASP B 636 3.79 -53.28 10.89
C ASP B 636 4.14 -52.09 10.01
N LYS B 637 4.38 -52.28 8.71
CA LYS B 637 4.68 -51.18 7.80
C LYS B 637 5.94 -50.42 8.22
N ILE B 638 6.35 -49.44 7.42
CA ILE B 638 7.56 -48.66 7.70
C ILE B 638 7.42 -47.29 7.04
N PRO B 639 7.73 -46.19 7.75
CA PRO B 639 7.66 -44.87 7.09
C PRO B 639 8.91 -44.55 6.28
N ILE B 640 8.73 -43.89 5.14
CA ILE B 640 9.83 -43.49 4.28
C ILE B 640 9.93 -41.96 4.30
N ARG B 641 11.14 -41.44 4.06
CA ARG B 641 11.34 -40.00 4.10
C ARG B 641 12.49 -39.62 3.17
N LYS B 642 12.42 -38.39 2.68
CA LYS B 642 13.52 -37.67 2.00
C LYS B 642 12.94 -36.54 1.16
N LYS B 666 2.14 -7.71 11.78
CA LYS B 666 3.28 -8.36 11.14
C LYS B 666 3.66 -9.62 11.90
N GLY B 667 3.91 -10.71 11.16
CA GLY B 667 4.17 -12.00 11.75
C GLY B 667 5.41 -12.03 12.62
N PRO B 668 5.39 -12.87 13.66
CA PRO B 668 6.57 -13.00 14.52
C PRO B 668 7.79 -13.57 13.81
N CYS B 669 7.66 -14.00 12.56
CA CYS B 669 8.80 -14.49 11.80
C CYS B 669 9.68 -13.34 11.31
N CYS B 670 9.47 -12.13 11.84
CA CYS B 670 10.20 -10.91 11.50
C CYS B 670 10.03 -10.51 10.05
N ALA B 671 11.13 -10.35 9.31
CA ALA B 671 11.05 -9.98 7.91
C ALA B 671 10.49 -11.13 7.09
N CYS B 672 11.22 -12.24 7.05
CA CYS B 672 10.69 -13.54 6.65
C CYS B 672 9.95 -13.47 5.32
N PRO B 673 10.49 -12.78 4.30
CA PRO B 673 9.71 -12.59 3.07
C PRO B 673 9.54 -13.87 2.27
N LYS B 674 8.91 -13.73 1.11
CA LYS B 674 8.87 -14.76 0.09
C LYS B 674 8.86 -14.07 -1.26
N THR B 675 9.50 -14.67 -2.26
CA THR B 675 9.61 -14.03 -3.57
C THR B 675 8.25 -13.57 -4.06
N GLU B 676 8.11 -12.26 -4.28
CA GLU B 676 6.92 -11.76 -4.96
C GLU B 676 6.77 -12.42 -6.32
N ALA B 677 7.90 -12.69 -6.98
CA ALA B 677 7.87 -13.61 -8.11
C ALA B 677 7.42 -15.01 -7.70
N GLU B 678 7.64 -15.40 -6.45
CA GLU B 678 7.11 -16.67 -5.98
C GLU B 678 5.59 -16.59 -5.78
N LYS B 679 5.09 -15.43 -5.34
CA LYS B 679 3.64 -15.25 -5.36
C LYS B 679 3.10 -15.30 -6.78
N GLN B 680 3.84 -14.74 -7.75
CA GLN B 680 3.46 -14.88 -9.14
C GLN B 680 3.48 -16.34 -9.59
N ALA B 681 4.46 -17.12 -9.13
CA ALA B 681 4.51 -18.53 -9.47
C ALA B 681 3.32 -19.28 -8.89
N GLU B 682 2.95 -18.99 -7.64
CA GLU B 682 1.76 -19.58 -7.06
C GLU B 682 0.51 -19.17 -7.82
N LYS B 683 0.43 -17.90 -8.23
CA LYS B 683 -0.68 -17.46 -9.07
C LYS B 683 -0.73 -18.26 -10.37
N GLU B 684 0.43 -18.47 -10.99
CA GLU B 684 0.47 -19.22 -12.24
C GLU B 684 0.03 -20.66 -12.02
N GLU B 685 0.47 -21.28 -10.93
CA GLU B 685 0.07 -22.66 -10.66
C GLU B 685 -1.43 -22.76 -10.41
N ALA B 686 -1.97 -21.83 -9.63
CA ALA B 686 -3.42 -21.84 -9.39
C ALA B 686 -4.20 -21.59 -10.68
N GLU B 687 -3.73 -20.66 -11.50
CA GLU B 687 -4.41 -20.36 -12.75
C GLU B 687 -4.33 -21.55 -13.71
N TYR B 688 -3.20 -22.24 -13.72
CA TYR B 688 -3.06 -23.40 -14.57
C TYR B 688 -3.97 -24.52 -14.09
N ARG B 689 -4.10 -24.68 -12.77
CA ARG B 689 -5.07 -25.63 -12.23
C ARG B 689 -6.48 -25.26 -12.66
N LYS B 690 -6.81 -23.97 -12.61
CA LYS B 690 -8.17 -23.57 -12.95
C LYS B 690 -8.45 -23.75 -14.43
N VAL B 691 -7.45 -23.50 -15.29
CA VAL B 691 -7.63 -23.78 -16.71
C VAL B 691 -7.76 -25.28 -16.94
N PHE B 692 -7.04 -26.09 -16.16
CA PHE B 692 -7.27 -27.51 -16.16
C PHE B 692 -8.73 -27.82 -15.83
N GLU B 693 -9.28 -27.15 -14.83
CA GLU B 693 -10.68 -27.36 -14.46
C GLU B 693 -11.63 -26.94 -15.58
N ASN B 694 -11.29 -25.86 -16.28
CA ASN B 694 -12.12 -25.39 -17.40
C ASN B 694 -12.14 -26.40 -18.53
N PHE B 695 -10.97 -26.83 -18.99
CA PHE B 695 -10.90 -27.90 -19.99
C PHE B 695 -11.42 -29.21 -19.42
N LEU B 696 -11.52 -29.28 -18.09
CA LEU B 696 -12.02 -30.44 -17.38
C LEU B 696 -13.52 -30.62 -17.57
N HIS B 697 -14.27 -29.63 -17.12
CA HIS B 697 -15.73 -29.71 -17.04
C HIS B 697 -16.40 -29.61 -18.40
N ASN B 698 -15.63 -29.56 -19.49
CA ASN B 698 -16.24 -29.61 -20.82
C ASN B 698 -16.83 -30.99 -21.11
N SER B 699 -16.07 -32.05 -20.81
CA SER B 699 -16.54 -33.41 -21.00
C SER B 699 -16.66 -34.18 -19.69
N ILE B 700 -16.46 -33.52 -18.54
CA ILE B 700 -16.88 -34.12 -17.28
C ILE B 700 -18.36 -34.45 -17.34
N PHE B 701 -19.16 -33.52 -17.85
CA PHE B 701 -20.56 -33.76 -18.19
C PHE B 701 -20.70 -33.44 -19.67
N VAL B 702 -20.79 -34.48 -20.49
CA VAL B 702 -20.93 -34.35 -21.94
C VAL B 702 -22.13 -33.45 -22.21
N PRO B 703 -22.33 -32.96 -23.44
CA PRO B 703 -23.37 -31.94 -23.68
C PRO B 703 -24.64 -32.23 -22.92
N ARG B 704 -25.00 -31.32 -22.00
CA ARG B 704 -25.99 -31.58 -20.96
C ARG B 704 -27.00 -30.45 -20.95
N PRO B 705 -27.89 -30.40 -21.95
CA PRO B 705 -28.92 -29.37 -22.07
C PRO B 705 -30.13 -29.66 -21.17
N GLU B 744 -22.44 -50.01 -4.25
CA GLU B 744 -23.02 -51.06 -3.41
C GLU B 744 -24.04 -50.48 -2.43
N TYR B 745 -24.54 -49.29 -2.74
CA TYR B 745 -25.48 -48.61 -1.85
C TYR B 745 -26.32 -47.66 -2.68
N PRO B 746 -27.53 -47.33 -2.21
CA PRO B 746 -28.37 -46.37 -2.93
C PRO B 746 -28.13 -44.94 -2.49
N PHE B 747 -28.45 -44.02 -3.39
CA PHE B 747 -28.24 -42.58 -3.18
C PHE B 747 -29.44 -42.01 -2.43
N PHE B 748 -29.17 -41.26 -1.37
CA PHE B 748 -30.21 -40.62 -0.58
C PHE B 748 -30.13 -39.11 -0.74
N GLU B 749 -31.31 -38.48 -0.79
CA GLU B 749 -31.42 -37.10 -1.23
C GLU B 749 -32.33 -36.32 -0.29
N SER B 750 -31.98 -35.05 -0.06
CA SER B 750 -32.81 -34.15 0.73
C SER B 750 -32.46 -32.73 0.33
N ARG B 751 -33.35 -32.10 -0.43
CA ARG B 751 -33.09 -30.78 -1.01
C ARG B 751 -33.17 -29.73 0.08
N VAL B 752 -32.05 -29.04 0.33
CA VAL B 752 -32.07 -27.91 1.25
C VAL B 752 -32.86 -26.76 0.62
N ASP B 753 -33.42 -25.90 1.47
CA ASP B 753 -34.40 -24.92 1.03
C ASP B 753 -33.77 -23.57 0.67
N ASN B 754 -33.13 -22.90 1.64
CA ASN B 754 -32.65 -21.55 1.41
C ASN B 754 -31.23 -21.35 1.93
N LYS B 755 -30.86 -22.06 2.99
CA LYS B 755 -29.62 -21.79 3.71
C LYS B 755 -28.55 -22.80 3.32
N GLU B 756 -27.31 -22.47 3.66
CA GLU B 756 -26.15 -23.31 3.38
C GLU B 756 -25.84 -24.24 4.55
N ARG B 757 -26.85 -24.97 5.03
CA ARG B 757 -26.67 -25.88 6.15
C ARG B 757 -27.73 -26.97 6.07
N THR B 758 -27.46 -28.09 6.72
CA THR B 758 -28.40 -29.19 6.82
C THR B 758 -27.81 -30.26 7.73
N VAL B 759 -28.59 -31.31 7.96
CA VAL B 759 -28.16 -32.46 8.76
C VAL B 759 -28.84 -33.70 8.20
N ILE B 760 -28.14 -34.82 8.25
CA ILE B 760 -28.65 -36.10 7.79
C ILE B 760 -28.68 -37.06 8.97
N SER B 761 -29.83 -37.68 9.19
CA SER B 761 -30.03 -38.62 10.28
C SER B 761 -30.21 -40.03 9.71
N ASN B 762 -30.51 -40.97 10.60
CA ASN B 762 -30.83 -42.34 10.21
C ASN B 762 -29.72 -42.97 9.37
N LEU B 763 -28.48 -42.84 9.85
CA LEU B 763 -27.31 -43.39 9.20
C LEU B 763 -26.68 -44.47 10.06
N ARG B 764 -25.97 -45.39 9.42
CA ARG B 764 -25.36 -46.49 10.16
C ARG B 764 -24.36 -45.93 11.16
N PRO B 765 -24.27 -46.48 12.37
CA PRO B 765 -23.42 -45.87 13.40
C PRO B 765 -21.98 -45.60 12.97
N PHE B 766 -21.41 -46.49 12.15
CA PHE B 766 -20.00 -46.33 11.79
C PHE B 766 -19.76 -46.59 10.30
N THR B 767 -20.63 -46.07 9.45
CA THR B 767 -20.45 -46.17 8.00
C THR B 767 -19.91 -44.85 7.46
N LEU B 768 -18.94 -44.96 6.55
CA LEU B 768 -18.44 -43.78 5.85
C LEU B 768 -19.36 -43.43 4.70
N TYR B 769 -19.56 -42.13 4.50
CA TYR B 769 -20.50 -41.61 3.51
C TYR B 769 -19.76 -40.70 2.55
N ARG B 770 -20.03 -40.90 1.26
CA ARG B 770 -19.61 -39.94 0.25
C ARG B 770 -20.75 -38.97 0.00
N ILE B 771 -20.47 -37.68 0.10
CA ILE B 771 -21.47 -36.63 0.01
C ILE B 771 -21.17 -35.85 -1.25
N ASP B 772 -22.00 -36.03 -2.26
CA ASP B 772 -22.04 -35.11 -3.39
C ASP B 772 -22.93 -33.93 -3.01
N ILE B 773 -22.53 -32.73 -3.42
CA ILE B 773 -23.27 -31.52 -3.09
C ILE B 773 -23.41 -30.73 -4.38
N HIS B 774 -24.58 -30.79 -5.00
CA HIS B 774 -24.85 -30.08 -6.23
C HIS B 774 -25.63 -28.81 -5.92
N SER B 775 -25.14 -27.69 -6.43
CA SER B 775 -25.89 -26.45 -6.43
C SER B 775 -26.83 -26.47 -7.63
N CYS B 776 -28.13 -26.33 -7.37
CA CYS B 776 -29.13 -26.34 -8.43
C CYS B 776 -29.92 -25.04 -8.37
N ASN B 777 -30.05 -24.39 -9.52
CA ASN B 777 -30.65 -23.07 -9.64
C ASN B 777 -32.14 -23.20 -9.98
N HIS B 778 -32.79 -22.06 -10.23
CA HIS B 778 -34.18 -22.10 -10.67
C HIS B 778 -34.33 -22.75 -12.03
N GLU B 779 -33.42 -22.47 -12.96
CA GLU B 779 -33.44 -23.10 -14.27
C GLU B 779 -32.85 -24.50 -14.27
N ALA B 780 -32.55 -25.06 -13.11
CA ALA B 780 -31.97 -26.40 -13.04
C ALA B 780 -32.89 -27.45 -13.65
N GLU B 781 -34.19 -27.16 -13.76
CA GLU B 781 -35.13 -28.12 -14.32
C GLU B 781 -34.94 -28.30 -15.82
N LYS B 782 -34.63 -27.23 -16.54
CA LYS B 782 -34.46 -27.30 -17.99
C LYS B 782 -33.08 -27.83 -18.39
N LEU B 783 -32.03 -27.31 -17.77
CA LEU B 783 -30.67 -27.58 -18.20
C LEU B 783 -29.86 -28.37 -17.18
N GLY B 784 -30.50 -29.10 -16.28
CA GLY B 784 -29.81 -29.93 -15.32
C GLY B 784 -29.24 -29.12 -14.17
N CYS B 785 -28.58 -29.82 -13.27
CA CYS B 785 -27.96 -29.22 -12.10
C CYS B 785 -26.44 -29.14 -12.26
N SER B 786 -25.81 -28.46 -11.30
CA SER B 786 -24.39 -28.16 -11.36
C SER B 786 -23.54 -29.42 -11.17
N ALA B 787 -22.26 -29.27 -11.47
CA ALA B 787 -21.30 -30.35 -11.24
C ALA B 787 -21.18 -30.61 -9.74
N SER B 788 -20.40 -31.63 -9.39
CA SER B 788 -20.40 -32.20 -8.05
C SER B 788 -19.09 -31.87 -7.35
N ASN B 789 -19.19 -31.17 -6.21
CA ASN B 789 -18.15 -31.20 -5.21
C ASN B 789 -18.52 -32.26 -4.19
N PHE B 790 -17.56 -33.09 -3.82
CA PHE B 790 -17.84 -34.19 -2.92
C PHE B 790 -16.85 -34.20 -1.76
N VAL B 791 -17.30 -34.82 -0.67
CA VAL B 791 -16.47 -34.99 0.51
C VAL B 791 -16.93 -36.23 1.25
N PHE B 792 -15.99 -36.97 1.81
CA PHE B 792 -16.29 -38.19 2.55
C PHE B 792 -16.18 -37.91 4.04
N ALA B 793 -17.09 -38.51 4.80
CA ALA B 793 -17.10 -38.30 6.25
C ALA B 793 -17.63 -39.54 6.94
N ARG B 794 -17.22 -39.73 8.19
CA ARG B 794 -17.57 -40.91 8.96
C ARG B 794 -18.51 -40.53 10.10
N THR B 795 -19.41 -41.44 10.44
CA THR B 795 -20.33 -41.24 11.55
C THR B 795 -19.63 -41.54 12.88
N MET B 796 -20.22 -41.04 13.96
CA MET B 796 -19.64 -41.26 15.28
C MET B 796 -19.92 -42.69 15.69
N PRO B 797 -18.92 -43.46 16.12
CA PRO B 797 -19.12 -44.90 16.33
C PRO B 797 -20.21 -45.17 17.35
N ALA B 798 -20.91 -46.31 17.16
CA ALA B 798 -21.86 -46.74 18.17
C ALA B 798 -21.10 -46.95 19.47
N GLU B 799 -21.31 -46.06 20.44
CA GLU B 799 -20.56 -46.14 21.67
C GLU B 799 -21.04 -47.32 22.50
N GLY B 800 -20.09 -48.15 22.94
CA GLY B 800 -20.41 -49.36 23.67
C GLY B 800 -20.78 -50.54 22.80
N ALA B 801 -20.98 -50.33 21.50
CA ALA B 801 -21.19 -51.45 20.59
C ALA B 801 -19.92 -52.26 20.38
N ASP B 802 -18.77 -51.74 20.82
CA ASP B 802 -17.49 -52.42 20.67
C ASP B 802 -17.19 -53.37 21.81
N ASP B 803 -18.09 -53.48 22.80
CA ASP B 803 -17.90 -54.46 23.86
C ASP B 803 -18.43 -55.83 23.43
N ILE B 804 -17.93 -56.86 24.08
CA ILE B 804 -18.24 -58.24 23.68
C ILE B 804 -19.72 -58.51 23.97
N PRO B 805 -20.44 -59.17 23.07
CA PRO B 805 -21.86 -59.48 23.33
C PRO B 805 -22.13 -60.77 24.07
N GLY B 806 -21.17 -61.70 24.12
CA GLY B 806 -21.39 -62.98 24.76
C GLY B 806 -20.17 -63.51 25.46
N PRO B 807 -20.35 -64.54 26.28
CA PRO B 807 -19.26 -65.01 27.14
C PRO B 807 -18.21 -65.79 26.36
N VAL B 808 -17.09 -66.04 27.03
CA VAL B 808 -15.97 -66.80 26.49
C VAL B 808 -16.03 -68.23 27.02
N THR B 809 -15.47 -69.16 26.24
CA THR B 809 -15.40 -70.56 26.62
C THR B 809 -13.97 -71.06 26.44
N TRP B 810 -13.51 -71.86 27.39
CA TRP B 810 -12.16 -72.40 27.38
C TRP B 810 -12.22 -73.93 27.43
N GLU B 811 -11.32 -74.56 26.68
CA GLU B 811 -11.28 -76.01 26.57
C GLU B 811 -9.83 -76.48 26.70
N PRO B 812 -9.60 -77.64 27.30
CA PRO B 812 -8.25 -78.19 27.36
C PRO B 812 -7.81 -78.76 26.03
N ARG B 813 -6.51 -78.86 25.86
CA ARG B 813 -5.89 -79.39 24.65
C ARG B 813 -4.56 -80.00 25.03
N PRO B 814 -4.09 -81.02 24.28
CA PRO B 814 -2.84 -81.69 24.65
C PRO B 814 -1.67 -80.73 24.67
N GLU B 815 -0.56 -81.22 25.21
CA GLU B 815 0.67 -80.42 25.36
C GLU B 815 0.40 -79.18 26.21
N ASN B 816 -0.41 -79.34 27.26
CA ASN B 816 -0.70 -78.26 28.19
C ASN B 816 -1.24 -77.04 27.45
N SER B 817 -2.15 -77.27 26.51
CA SER B 817 -2.70 -76.22 25.67
C SER B 817 -4.14 -75.91 26.06
N ILE B 818 -4.59 -74.72 25.66
CA ILE B 818 -5.95 -74.28 25.92
C ILE B 818 -6.50 -73.64 24.65
N PHE B 819 -7.68 -74.11 24.22
CA PHE B 819 -8.40 -73.48 23.12
C PHE B 819 -9.45 -72.54 23.68
N LEU B 820 -9.48 -71.32 23.17
CA LEU B 820 -10.46 -70.32 23.59
C LEU B 820 -11.38 -70.01 22.43
N LYS B 821 -12.68 -70.00 22.71
CA LYS B 821 -13.70 -69.66 21.72
C LYS B 821 -14.65 -68.63 22.32
N TRP B 822 -15.30 -67.86 21.46
CA TRP B 822 -16.18 -66.80 21.94
C TRP B 822 -17.07 -66.36 20.79
N PRO B 823 -18.15 -65.65 21.07
CA PRO B 823 -18.97 -65.08 20.00
C PRO B 823 -18.36 -63.81 19.43
N GLU B 824 -19.01 -63.28 18.39
CA GLU B 824 -18.52 -62.13 17.68
C GLU B 824 -19.49 -60.96 17.78
N PRO B 825 -19.01 -59.72 17.72
CA PRO B 825 -19.93 -58.58 17.87
C PRO B 825 -21.05 -58.62 16.84
N GLU B 826 -22.25 -58.24 17.29
CA GLU B 826 -23.42 -58.31 16.41
C GLU B 826 -23.35 -57.26 15.32
N ASN B 827 -23.01 -56.02 15.67
CA ASN B 827 -22.96 -54.90 14.74
C ASN B 827 -21.64 -54.17 14.94
N PRO B 828 -20.52 -54.80 14.61
CA PRO B 828 -19.23 -54.13 14.79
C PRO B 828 -19.16 -52.82 14.04
N ASN B 829 -18.52 -51.84 14.66
CA ASN B 829 -18.40 -50.50 14.09
C ASN B 829 -17.26 -50.51 13.08
N GLY B 830 -17.61 -50.54 11.79
CA GLY B 830 -16.62 -50.59 10.74
C GLY B 830 -16.14 -52.01 10.47
N LEU B 831 -15.30 -52.53 11.35
CA LEU B 831 -14.82 -53.90 11.23
C LEU B 831 -14.01 -54.26 12.46
N ILE B 832 -14.05 -55.54 12.81
CA ILE B 832 -13.22 -56.08 13.89
C ILE B 832 -11.91 -56.56 13.27
N LEU B 833 -10.84 -55.81 13.53
CA LEU B 833 -9.54 -56.13 12.93
C LEU B 833 -8.84 -57.26 13.65
N MET B 834 -8.85 -57.26 14.99
CA MET B 834 -8.09 -58.25 15.75
C MET B 834 -8.64 -58.34 17.16
N TYR B 835 -8.29 -59.43 17.82
CA TYR B 835 -8.63 -59.71 19.20
C TYR B 835 -7.35 -59.75 20.01
N GLU B 836 -7.34 -59.07 21.15
CA GLU B 836 -6.17 -59.02 22.02
C GLU B 836 -6.47 -59.84 23.28
N ILE B 837 -5.95 -61.07 23.32
CA ILE B 837 -6.16 -61.95 24.46
C ILE B 837 -5.06 -61.67 25.48
N LYS B 838 -5.47 -61.25 26.68
CA LYS B 838 -4.56 -61.00 27.78
C LYS B 838 -4.79 -62.09 28.83
N TYR B 839 -3.73 -62.82 29.17
CA TYR B 839 -3.86 -63.99 30.03
C TYR B 839 -2.54 -64.22 30.76
N GLY B 840 -2.64 -65.00 31.85
CA GLY B 840 -1.47 -65.33 32.65
C GLY B 840 -1.90 -66.13 33.86
N SER B 841 -0.88 -66.61 34.59
CA SER B 841 -1.14 -67.42 35.77
C SER B 841 -1.45 -66.55 36.98
N GLN B 842 -0.50 -65.74 37.40
CA GLN B 842 -0.69 -64.79 38.50
C GLN B 842 -1.09 -63.41 38.02
N VAL B 843 -0.42 -62.90 37.00
CA VAL B 843 -0.78 -61.64 36.35
C VAL B 843 -0.91 -61.91 34.87
N GLU B 844 -1.93 -61.34 34.24
CA GLU B 844 -2.18 -61.62 32.84
C GLU B 844 -1.13 -60.92 31.97
N ASP B 845 0.13 -61.35 32.10
CA ASP B 845 1.22 -60.70 31.38
C ASP B 845 1.15 -60.97 29.89
N GLN B 846 0.86 -62.22 29.51
CA GLN B 846 0.88 -62.60 28.11
C GLN B 846 -0.23 -61.89 27.34
N ARG B 847 0.09 -61.32 26.19
CA ARG B 847 -0.87 -60.71 25.31
C ARG B 847 -0.61 -61.20 23.90
N GLU B 848 -1.65 -61.77 23.28
CA GLU B 848 -1.52 -62.34 21.95
C GLU B 848 -2.65 -61.83 21.07
N CYS B 849 -2.43 -61.95 19.75
CA CYS B 849 -3.32 -61.38 18.75
C CYS B 849 -4.01 -62.48 17.95
N VAL B 850 -5.29 -62.26 17.64
CA VAL B 850 -6.08 -63.19 16.85
C VAL B 850 -6.77 -62.39 15.75
N SER B 851 -6.47 -62.72 14.50
CA SER B 851 -7.06 -62.01 13.37
C SER B 851 -8.54 -62.37 13.26
N ARG B 852 -9.28 -61.49 12.57
CA ARG B 852 -10.70 -61.76 12.34
C ARG B 852 -10.87 -63.05 11.54
N GLN B 853 -10.00 -63.28 10.56
CA GLN B 853 -10.04 -64.54 9.81
C GLN B 853 -9.67 -65.71 10.69
N GLU B 854 -8.69 -65.51 11.59
CA GLU B 854 -8.32 -66.55 12.54
C GLU B 854 -9.52 -66.94 13.41
N TYR B 855 -10.21 -65.96 13.98
CA TYR B 855 -11.40 -66.24 14.76
C TYR B 855 -12.47 -66.92 13.90
N ARG B 856 -12.67 -66.44 12.68
CA ARG B 856 -13.68 -67.04 11.81
C ARG B 856 -13.39 -68.51 11.57
N LYS B 857 -12.13 -68.84 11.29
CA LYS B 857 -11.76 -70.23 11.02
C LYS B 857 -11.93 -71.09 12.26
N TYR B 858 -11.49 -70.61 13.43
CA TYR B 858 -11.53 -71.40 14.65
C TYR B 858 -12.60 -70.95 15.65
N GLY B 859 -13.32 -69.87 15.36
CA GLY B 859 -14.18 -69.31 16.38
C GLY B 859 -13.42 -68.77 17.57
N GLY B 860 -12.11 -68.64 17.45
CA GLY B 860 -11.29 -68.21 18.57
C GLY B 860 -9.81 -68.40 18.25
N ALA B 861 -9.10 -68.96 19.22
CA ALA B 861 -7.66 -69.15 19.08
C ALA B 861 -7.19 -70.28 19.99
N LYS B 862 -5.89 -70.54 19.93
CA LYS B 862 -5.22 -71.58 20.72
C LYS B 862 -4.00 -71.00 21.41
N LEU B 863 -3.74 -71.47 22.62
CA LEU B 863 -2.49 -71.21 23.33
C LEU B 863 -1.83 -72.54 23.63
N ASN B 864 -0.53 -72.65 23.35
CA ASN B 864 0.17 -73.93 23.40
C ASN B 864 1.35 -73.86 24.36
N ARG B 865 1.64 -75.00 24.99
CA ARG B 865 2.80 -75.15 25.87
C ARG B 865 2.73 -74.18 27.05
N LEU B 866 1.70 -74.34 27.88
CA LEU B 866 1.53 -73.53 29.08
C LEU B 866 2.03 -74.27 30.31
N ASN B 867 2.51 -73.51 31.28
CA ASN B 867 3.04 -74.08 32.51
C ASN B 867 1.91 -74.58 33.39
N PRO B 868 2.21 -75.51 34.32
CA PRO B 868 1.17 -75.98 35.24
C PRO B 868 0.61 -74.85 36.09
N GLY B 869 -0.68 -74.95 36.39
CA GLY B 869 -1.31 -74.01 37.30
C GLY B 869 -2.61 -73.43 36.79
N ASN B 870 -3.25 -72.59 37.61
CA ASN B 870 -4.49 -71.93 37.21
C ASN B 870 -4.18 -70.64 36.45
N TYR B 871 -5.18 -70.16 35.71
CA TYR B 871 -4.99 -69.04 34.81
C TYR B 871 -6.26 -68.20 34.73
N THR B 872 -6.05 -66.89 34.58
CA THR B 872 -7.11 -65.94 34.29
C THR B 872 -6.77 -65.22 33.00
N ALA B 873 -7.79 -64.92 32.20
CA ALA B 873 -7.56 -64.34 30.88
C ALA B 873 -8.63 -63.30 30.59
N ARG B 874 -8.33 -62.45 29.61
CA ARG B 874 -9.26 -61.45 29.11
C ARG B 874 -8.95 -61.20 27.64
N ILE B 875 -9.95 -60.67 26.93
CA ILE B 875 -9.84 -60.43 25.49
C ILE B 875 -10.46 -59.08 25.16
N GLN B 876 -9.81 -58.36 24.25
CA GLN B 876 -10.30 -57.07 23.78
C GLN B 876 -10.27 -57.06 22.25
N ALA B 877 -11.23 -56.36 21.66
CA ALA B 877 -11.38 -56.29 20.22
C ALA B 877 -10.92 -54.94 19.70
N THR B 878 -10.49 -54.93 18.44
CA THR B 878 -10.00 -53.73 17.77
C THR B 878 -11.01 -53.33 16.72
N SER B 879 -11.94 -52.44 17.09
CA SER B 879 -12.90 -51.92 16.14
C SER B 879 -12.25 -50.84 15.28
N LEU B 880 -12.77 -50.68 14.07
CA LEU B 880 -12.28 -49.62 13.19
C LEU B 880 -12.42 -48.27 13.86
N SER B 881 -13.37 -48.13 14.78
CA SER B 881 -13.48 -46.94 15.61
C SER B 881 -12.41 -46.88 16.70
N GLY B 882 -11.88 -48.02 17.12
CA GLY B 882 -10.91 -48.10 18.17
C GLY B 882 -11.06 -49.37 18.97
N ASN B 883 -10.52 -49.37 20.17
CA ASN B 883 -10.52 -50.56 21.01
C ASN B 883 -11.93 -50.88 21.49
N GLY B 884 -12.21 -52.18 21.63
CA GLY B 884 -13.42 -52.65 22.26
C GLY B 884 -13.22 -52.85 23.76
N SER B 885 -14.30 -53.25 24.42
CA SER B 885 -14.24 -53.53 25.85
C SER B 885 -13.61 -54.90 26.08
N TRP B 886 -12.84 -55.00 27.16
CA TRP B 886 -12.22 -56.25 27.52
C TRP B 886 -13.27 -57.28 27.92
N THR B 887 -12.98 -58.55 27.65
CA THR B 887 -13.88 -59.61 28.07
C THR B 887 -13.92 -59.69 29.60
N ASP B 888 -14.99 -60.29 30.09
CA ASP B 888 -15.04 -60.62 31.51
C ASP B 888 -13.97 -61.67 31.81
N PRO B 889 -13.51 -61.78 33.05
CA PRO B 889 -12.45 -62.73 33.36
C PRO B 889 -12.83 -64.14 32.94
N VAL B 890 -11.89 -64.80 32.27
CA VAL B 890 -12.04 -66.19 31.86
C VAL B 890 -11.11 -67.03 32.72
N PHE B 891 -11.68 -67.93 33.50
CA PHE B 891 -10.93 -68.73 34.45
C PHE B 891 -10.72 -70.13 33.88
N PHE B 892 -9.48 -70.61 33.96
CA PHE B 892 -9.17 -71.95 33.49
C PHE B 892 -7.94 -72.45 34.24
N TYR B 893 -7.47 -73.63 33.84
CA TYR B 893 -6.29 -74.22 34.47
C TYR B 893 -5.67 -75.25 33.55
N VAL B 894 -4.36 -75.44 33.70
CA VAL B 894 -3.60 -76.40 32.92
C VAL B 894 -2.88 -77.32 33.89
N GLN B 895 -3.07 -78.63 33.73
CA GLN B 895 -2.43 -79.62 34.57
C GLN B 895 -1.18 -80.15 33.89
N ALA B 896 -0.12 -80.36 34.68
CA ALA B 896 1.15 -80.81 34.13
C ALA B 896 0.99 -82.10 33.33
N LYS B 897 0.09 -82.97 33.76
CA LYS B 897 -0.15 -84.23 33.08
C LYS B 897 -1.64 -84.54 33.01
#